data_2GR9
#
_entry.id   2GR9
#
_cell.length_a   208.182
_cell.length_b   122.642
_cell.length_c   120.708
_cell.angle_alpha   90.00
_cell.angle_beta   122.03
_cell.angle_gamma   90.00
#
_symmetry.space_group_name_H-M   'C 1 2 1'
#
loop_
_entity.id
_entity.type
_entity.pdbx_description
1 polymer 'Pyrroline-5-carboxylate reductase 1'
2 non-polymer '1,4-DIHYDRONICOTINAMIDE ADENINE DINUCLEOTIDE'
3 non-polymer 'GLUTAMIC ACID'
4 water water
#
_entity_poly.entity_id   1
_entity_poly.type   'polypeptide(L)'
_entity_poly.pdbx_seq_one_letter_code
;RGMSVGFIGAGQLAFALAKGFTAAGVLAAHKIMASSPDMDLATVSALRKMGVKLTPHNKETVQHSDVLFLAVKPHIIPFI
LDEIGADIEDRHIVVSCAAGVTISSIEKKLSAFRPAPRVIRCMTNTPVVVREGATVYATGTHAQVEDGRLMEQLLSSVGF
CTEVEEDLIDAVTGLSGSGPAYAFTALDALADGGVKMGLPRRLAVRLGAQALLGAAKMLLHSEQHPGQLKDNVSSPGGAT
IHALHVLESGGFRSLLINAVEASCIRTRELQSMADQE
;
_entity_poly.pdbx_strand_id   A,B,C,D,E
#
loop_
_chem_comp.id
_chem_comp.type
_chem_comp.name
_chem_comp.formula
NAI non-polymer '1,4-DIHYDRONICOTINAMIDE ADENINE DINUCLEOTIDE' 'C21 H29 N7 O14 P2'
#
# COMPACT_ATOMS: atom_id res chain seq x y z
N ARG A 1 12.80 -22.58 48.33
CA ARG A 1 13.49 -22.01 49.52
C ARG A 1 14.99 -22.28 49.49
N GLY A 2 15.35 -23.47 49.00
CA GLY A 2 16.74 -23.82 48.87
C GLY A 2 17.04 -23.55 47.41
N MET A 3 16.07 -22.87 46.78
CA MET A 3 16.07 -22.51 45.36
C MET A 3 17.13 -21.50 44.89
N SER A 4 17.50 -21.63 43.62
CA SER A 4 18.47 -20.78 42.97
C SER A 4 17.95 -20.58 41.56
N VAL A 5 18.29 -19.45 40.96
CA VAL A 5 17.80 -19.15 39.63
C VAL A 5 18.88 -18.60 38.73
N GLY A 6 18.75 -18.90 37.44
CA GLY A 6 19.72 -18.42 36.48
C GLY A 6 19.10 -17.91 35.21
N PHE A 7 19.83 -17.04 34.52
CA PHE A 7 19.38 -16.47 33.26
C PHE A 7 20.41 -16.86 32.24
N ILE A 8 20.05 -17.75 31.33
CA ILE A 8 20.98 -18.18 30.31
C ILE A 8 21.35 -16.99 29.46
N GLY A 9 20.62 -15.89 29.68
CA GLY A 9 20.90 -14.68 28.94
C GLY A 9 21.59 -13.63 29.79
N ALA A 10 21.09 -12.40 29.66
CA ALA A 10 21.58 -11.22 30.38
C ALA A 10 20.87 -10.05 29.70
N GLY A 11 21.53 -8.89 29.63
CA GLY A 11 20.90 -7.75 29.01
C GLY A 11 19.86 -7.10 29.91
N GLN A 12 18.84 -6.52 29.30
CA GLN A 12 17.83 -5.86 30.10
C GLN A 12 16.98 -6.83 30.89
N LEU A 13 16.07 -7.52 30.20
CA LEU A 13 15.14 -8.45 30.82
C LEU A 13 15.76 -9.26 31.96
N ALA A 14 17.01 -9.68 31.80
CA ALA A 14 17.67 -10.44 32.85
C ALA A 14 17.76 -9.48 34.04
N PHE A 15 18.54 -8.41 33.85
CA PHE A 15 18.71 -7.39 34.87
C PHE A 15 17.37 -6.97 35.48
N ALA A 16 16.36 -6.84 34.64
CA ALA A 16 15.03 -6.46 35.11
C ALA A 16 14.59 -7.43 36.21
N LEU A 17 14.30 -8.67 35.83
CA LEU A 17 13.89 -9.70 36.77
C LEU A 17 14.85 -9.76 37.97
N ALA A 18 16.14 -9.91 37.69
CA ALA A 18 17.16 -9.99 38.74
C ALA A 18 17.01 -8.88 39.77
N LYS A 19 16.81 -7.65 39.29
CA LYS A 19 16.65 -6.50 40.15
C LYS A 19 15.34 -6.63 40.92
N GLY A 20 14.26 -6.92 40.21
CA GLY A 20 12.97 -7.08 40.85
C GLY A 20 13.05 -8.17 41.91
N PHE A 21 13.50 -9.35 41.52
CA PHE A 21 13.60 -10.48 42.43
C PHE A 21 14.32 -10.15 43.73
N THR A 22 15.54 -9.64 43.64
CA THR A 22 16.29 -9.29 44.84
C THR A 22 15.49 -8.34 45.74
N ALA A 23 15.04 -7.24 45.14
CA ALA A 23 14.27 -6.23 45.84
C ALA A 23 13.03 -6.82 46.49
N ALA A 24 12.31 -7.65 45.74
CA ALA A 24 11.09 -8.29 46.27
C ALA A 24 11.42 -9.15 47.49
N GLY A 25 12.72 -9.35 47.73
CA GLY A 25 13.19 -10.14 48.85
C GLY A 25 12.88 -11.62 48.74
N VAL A 26 12.80 -12.13 47.50
CA VAL A 26 12.49 -13.53 47.25
C VAL A 26 13.72 -14.42 47.13
N LEU A 27 14.75 -13.91 46.49
CA LEU A 27 15.96 -14.68 46.28
C LEU A 27 17.10 -14.06 47.05
N ALA A 28 18.22 -13.83 46.37
CA ALA A 28 19.39 -13.23 46.97
C ALA A 28 20.35 -12.91 45.84
N ALA A 29 20.97 -11.75 45.90
CA ALA A 29 21.90 -11.32 44.86
C ALA A 29 22.75 -12.52 44.40
N HIS A 30 23.62 -12.98 45.29
CA HIS A 30 24.51 -14.10 45.01
C HIS A 30 23.79 -15.41 44.65
N LYS A 31 22.58 -15.61 45.16
CA LYS A 31 21.85 -16.84 44.86
C LYS A 31 21.15 -16.78 43.50
N ILE A 32 21.79 -16.12 42.55
CA ILE A 32 21.29 -15.99 41.18
C ILE A 32 22.51 -16.08 40.26
N MET A 33 22.30 -16.37 38.98
CA MET A 33 23.41 -16.44 38.04
C MET A 33 23.00 -16.23 36.58
N ALA A 34 23.73 -15.37 35.89
CA ALA A 34 23.46 -15.07 34.48
C ALA A 34 24.76 -15.14 33.69
N SER A 35 24.69 -15.70 32.49
CA SER A 35 25.87 -15.84 31.64
C SER A 35 26.12 -14.68 30.67
N SER A 36 27.36 -14.20 30.66
CA SER A 36 27.75 -13.07 29.82
C SER A 36 28.38 -13.39 28.47
N PRO A 37 27.57 -13.76 27.46
CA PRO A 37 28.26 -14.03 26.20
C PRO A 37 28.76 -12.67 25.74
N ASP A 38 30.04 -12.38 25.99
CA ASP A 38 30.69 -11.11 25.63
C ASP A 38 30.78 -10.05 26.75
N MET A 39 29.63 -9.66 27.32
CA MET A 39 29.56 -8.65 28.39
C MET A 39 29.27 -7.22 27.91
N ASP A 40 28.03 -6.77 28.14
CA ASP A 40 27.60 -5.44 27.74
C ASP A 40 27.61 -4.49 28.92
N LEU A 41 28.79 -3.96 29.23
CA LEU A 41 28.97 -3.01 30.34
C LEU A 41 27.70 -2.71 31.12
N ALA A 42 26.82 -1.93 30.50
CA ALA A 42 25.55 -1.53 31.10
C ALA A 42 24.98 -2.68 31.91
N THR A 43 24.42 -3.67 31.21
CA THR A 43 23.83 -4.83 31.85
C THR A 43 24.82 -5.52 32.78
N VAL A 44 25.67 -6.36 32.20
CA VAL A 44 26.67 -7.11 32.94
C VAL A 44 27.25 -6.37 34.15
N SER A 45 28.12 -5.39 33.90
CA SER A 45 28.74 -4.64 34.97
C SER A 45 27.76 -4.18 36.05
N ALA A 46 26.51 -3.95 35.65
CA ALA A 46 25.49 -3.53 36.60
C ALA A 46 25.26 -4.66 37.58
N LEU A 47 24.91 -5.83 37.05
CA LEU A 47 24.66 -7.01 37.86
C LEU A 47 25.83 -7.26 38.80
N ARG A 48 27.06 -6.98 38.35
CA ARG A 48 28.23 -7.20 39.18
C ARG A 48 28.09 -6.44 40.49
N LYS A 49 27.93 -5.13 40.38
CA LYS A 49 27.78 -4.31 41.58
C LYS A 49 26.55 -4.76 42.35
N MET A 50 25.59 -5.35 41.65
CA MET A 50 24.37 -5.81 42.29
C MET A 50 24.68 -6.95 43.24
N GLY A 51 25.36 -7.97 42.74
CA GLY A 51 25.71 -9.11 43.58
C GLY A 51 25.50 -10.46 42.94
N VAL A 52 24.87 -10.48 41.77
CA VAL A 52 24.60 -11.73 41.05
C VAL A 52 25.87 -12.38 40.51
N LYS A 53 25.80 -13.68 40.25
CA LYS A 53 26.92 -14.43 39.71
C LYS A 53 26.85 -14.44 38.20
N LEU A 54 27.89 -13.95 37.55
CA LEU A 54 27.94 -13.91 36.10
C LEU A 54 29.08 -14.78 35.59
N THR A 55 28.78 -15.63 34.62
CA THR A 55 29.80 -16.52 34.05
C THR A 55 29.74 -16.51 32.53
N PRO A 56 30.90 -16.54 31.88
CA PRO A 56 30.92 -16.54 30.42
C PRO A 56 30.30 -17.81 29.86
N HIS A 57 30.23 -18.84 30.70
CA HIS A 57 29.68 -20.13 30.28
C HIS A 57 28.23 -20.35 30.68
N ASN A 58 27.33 -20.14 29.72
CA ASN A 58 25.91 -20.33 29.97
C ASN A 58 25.67 -21.82 30.16
N LYS A 59 26.57 -22.44 30.91
CA LYS A 59 26.52 -23.86 31.21
C LYS A 59 26.55 -23.96 32.73
N GLU A 60 27.54 -23.32 33.33
CA GLU A 60 27.67 -23.30 34.79
C GLU A 60 26.37 -22.69 35.28
N THR A 61 25.78 -21.87 34.42
CA THR A 61 24.52 -21.22 34.71
C THR A 61 23.48 -22.30 34.90
N VAL A 62 23.45 -23.24 33.95
CA VAL A 62 22.49 -24.33 33.98
C VAL A 62 22.67 -25.25 35.18
N GLN A 63 23.92 -25.42 35.61
CA GLN A 63 24.22 -26.26 36.76
C GLN A 63 23.83 -25.52 38.02
N HIS A 64 24.07 -24.22 38.01
CA HIS A 64 23.79 -23.36 39.15
C HIS A 64 22.32 -23.04 39.35
N SER A 65 21.48 -23.42 38.41
CA SER A 65 20.09 -23.07 38.57
C SER A 65 19.08 -24.20 38.76
N ASP A 66 18.08 -23.88 39.59
CA ASP A 66 16.97 -24.77 39.88
C ASP A 66 15.86 -24.26 38.96
N VAL A 67 15.87 -22.96 38.70
CA VAL A 67 14.89 -22.36 37.80
C VAL A 67 15.71 -21.65 36.73
N LEU A 68 15.54 -22.08 35.48
CA LEU A 68 16.29 -21.49 34.39
C LEU A 68 15.47 -20.57 33.51
N PHE A 69 15.98 -19.36 33.30
CA PHE A 69 15.33 -18.39 32.46
C PHE A 69 16.08 -18.25 31.16
N LEU A 70 15.36 -18.40 30.05
CA LEU A 70 15.95 -18.24 28.72
C LEU A 70 15.64 -16.81 28.33
N ALA A 71 16.65 -15.95 28.50
CA ALA A 71 16.50 -14.54 28.18
C ALA A 71 17.45 -14.11 27.09
N VAL A 72 17.33 -14.73 25.91
CA VAL A 72 18.19 -14.38 24.79
C VAL A 72 17.33 -14.12 23.57
N LYS A 73 17.93 -13.47 22.56
CA LYS A 73 17.21 -13.17 21.33
C LYS A 73 16.52 -14.45 20.88
N PRO A 74 15.34 -14.32 20.27
CA PRO A 74 14.56 -15.46 19.79
C PRO A 74 15.31 -16.45 18.91
N HIS A 75 16.08 -15.97 17.96
CA HIS A 75 16.82 -16.88 17.07
C HIS A 75 18.02 -17.53 17.74
N ILE A 76 18.45 -17.01 18.87
CA ILE A 76 19.60 -17.59 19.56
C ILE A 76 19.19 -18.86 20.30
N ILE A 77 17.97 -18.86 20.84
CA ILE A 77 17.45 -20.01 21.60
C ILE A 77 17.92 -21.36 21.04
N PRO A 78 17.70 -21.64 19.75
CA PRO A 78 18.13 -22.93 19.20
C PRO A 78 19.60 -23.23 19.53
N PHE A 79 20.48 -22.29 19.21
CA PHE A 79 21.91 -22.45 19.46
C PHE A 79 22.21 -22.61 20.95
N ILE A 80 21.17 -22.78 21.76
CA ILE A 80 21.36 -22.95 23.19
C ILE A 80 20.76 -24.28 23.62
N LEU A 81 19.49 -24.50 23.32
CA LEU A 81 18.83 -25.74 23.68
C LEU A 81 19.66 -26.96 23.29
N ASP A 82 20.39 -26.84 22.18
CA ASP A 82 21.21 -27.94 21.69
C ASP A 82 22.66 -27.82 22.14
N GLU A 83 22.87 -27.00 23.16
CA GLU A 83 24.20 -26.79 23.72
C GLU A 83 24.10 -26.96 25.23
N ILE A 84 22.87 -26.87 25.74
CA ILE A 84 22.61 -27.01 27.15
C ILE A 84 21.68 -28.17 27.41
N GLY A 85 20.84 -28.51 26.44
CA GLY A 85 19.91 -29.61 26.60
C GLY A 85 20.52 -30.80 27.32
N ALA A 86 21.74 -31.12 26.94
CA ALA A 86 22.48 -32.22 27.54
C ALA A 86 22.61 -32.01 29.05
N ASP A 87 22.85 -30.77 29.43
CA ASP A 87 23.02 -30.42 30.84
C ASP A 87 21.71 -30.09 31.56
N ILE A 88 20.58 -30.48 30.98
CA ILE A 88 19.30 -30.21 31.62
C ILE A 88 18.81 -31.37 32.48
N GLU A 89 19.14 -31.33 33.77
CA GLU A 89 18.69 -32.37 34.68
C GLU A 89 17.18 -32.28 34.81
N ASP A 90 16.61 -32.93 35.82
CA ASP A 90 15.17 -32.88 35.96
C ASP A 90 14.70 -31.92 37.03
N ARG A 91 15.52 -31.74 38.05
CA ARG A 91 15.17 -30.84 39.15
C ARG A 91 14.63 -29.50 38.66
N HIS A 92 15.33 -28.88 37.71
CA HIS A 92 14.90 -27.58 37.22
C HIS A 92 13.84 -27.45 36.15
N ILE A 93 13.16 -26.31 36.20
CA ILE A 93 12.10 -25.92 35.27
C ILE A 93 12.72 -24.88 34.33
N VAL A 94 12.38 -24.96 33.06
CA VAL A 94 12.92 -24.00 32.12
C VAL A 94 11.84 -23.05 31.67
N VAL A 95 12.03 -21.78 31.99
CA VAL A 95 11.09 -20.75 31.62
C VAL A 95 11.76 -19.94 30.54
N SER A 96 11.20 -20.01 29.34
CA SER A 96 11.73 -19.28 28.21
C SER A 96 10.98 -17.97 28.11
N CYS A 97 11.69 -16.86 28.21
CA CYS A 97 11.00 -15.60 28.11
C CYS A 97 11.17 -15.00 26.73
N ALA A 98 11.98 -15.64 25.90
CA ALA A 98 12.21 -15.17 24.53
C ALA A 98 10.84 -14.96 23.89
N ALA A 99 10.73 -13.93 23.06
CA ALA A 99 9.47 -13.59 22.39
C ALA A 99 9.13 -14.49 21.20
N GLY A 100 7.84 -14.74 21.00
CA GLY A 100 7.40 -15.57 19.90
C GLY A 100 7.74 -17.04 20.00
N VAL A 101 8.96 -17.35 20.46
CA VAL A 101 9.42 -18.72 20.60
C VAL A 101 8.42 -19.61 21.31
N THR A 102 7.90 -20.59 20.59
CA THR A 102 6.90 -21.53 21.10
C THR A 102 7.43 -22.54 22.12
N ILE A 103 6.55 -22.93 23.04
CA ILE A 103 6.89 -23.92 24.07
C ILE A 103 7.27 -25.18 23.28
N SER A 104 6.40 -25.53 22.33
CA SER A 104 6.63 -26.69 21.47
C SER A 104 8.07 -26.70 20.92
N SER A 105 8.34 -25.84 19.95
CA SER A 105 9.66 -25.76 19.34
C SER A 105 10.80 -25.94 20.33
N ILE A 106 10.59 -25.58 21.59
CA ILE A 106 11.65 -25.74 22.58
C ILE A 106 11.66 -27.15 23.10
N GLU A 107 10.50 -27.62 23.56
CA GLU A 107 10.40 -28.99 24.07
C GLU A 107 10.89 -29.95 22.97
N LYS A 108 10.12 -30.03 21.89
CA LYS A 108 10.43 -30.90 20.76
C LYS A 108 11.73 -30.48 20.06
N LYS A 109 12.83 -30.52 20.81
CA LYS A 109 14.14 -30.15 20.31
C LYS A 109 15.06 -30.28 21.50
N LEU A 110 14.44 -30.19 22.67
CA LEU A 110 15.13 -30.29 23.95
C LEU A 110 14.91 -31.69 24.50
N SER A 111 13.77 -32.29 24.15
CA SER A 111 13.46 -33.63 24.62
C SER A 111 14.50 -34.61 24.09
N ALA A 112 15.15 -34.24 22.97
CA ALA A 112 16.18 -35.07 22.36
C ALA A 112 17.32 -35.38 23.35
N PHE A 113 17.24 -34.83 24.56
CA PHE A 113 18.26 -35.05 25.59
C PHE A 113 17.59 -35.44 26.91
N ARG A 114 16.28 -35.62 26.91
CA ARG A 114 15.60 -35.93 28.16
C ARG A 114 14.19 -36.43 27.86
N PRO A 115 13.73 -37.43 28.61
CA PRO A 115 12.39 -38.00 28.41
C PRO A 115 11.27 -36.95 28.46
N ALA A 116 11.24 -36.16 29.52
CA ALA A 116 10.21 -35.12 29.66
C ALA A 116 10.76 -33.87 30.32
N PRO A 117 11.05 -32.83 29.51
CA PRO A 117 11.59 -31.60 30.09
C PRO A 117 10.44 -30.74 30.64
N ARG A 118 10.71 -30.06 31.75
CA ARG A 118 9.72 -29.21 32.37
C ARG A 118 9.95 -27.77 31.89
N VAL A 119 9.02 -27.26 31.09
CA VAL A 119 9.16 -25.93 30.51
C VAL A 119 7.88 -25.08 30.51
N ILE A 120 8.04 -23.78 30.77
CA ILE A 120 6.93 -22.81 30.76
C ILE A 120 7.31 -21.58 29.94
N ARG A 121 6.36 -21.08 29.16
CA ARG A 121 6.61 -19.91 28.32
C ARG A 121 6.21 -18.65 29.07
N CYS A 122 7.15 -17.73 29.17
CA CYS A 122 6.97 -16.49 29.90
C CYS A 122 6.86 -15.27 29.00
N MET A 123 6.25 -14.20 29.53
CA MET A 123 6.13 -12.93 28.81
C MET A 123 6.03 -11.82 29.84
N THR A 124 7.14 -11.11 30.04
CA THR A 124 7.21 -10.03 31.01
C THR A 124 7.63 -8.72 30.32
N ASN A 125 7.84 -7.68 31.12
CA ASN A 125 8.29 -6.37 30.65
C ASN A 125 9.23 -5.75 31.69
N THR A 126 10.03 -4.77 31.29
CA THR A 126 11.00 -4.14 32.18
C THR A 126 10.54 -3.67 33.56
N PRO A 127 9.34 -3.06 33.67
CA PRO A 127 8.81 -2.57 34.96
C PRO A 127 8.94 -3.57 36.09
N VAL A 128 9.30 -4.79 35.75
CA VAL A 128 9.50 -5.81 36.74
C VAL A 128 10.56 -5.27 37.69
N VAL A 129 11.38 -4.32 37.20
CA VAL A 129 12.45 -3.75 38.03
C VAL A 129 11.91 -3.13 39.31
N VAL A 130 10.59 -3.02 39.37
CA VAL A 130 9.95 -2.47 40.54
C VAL A 130 9.02 -3.54 41.13
N ARG A 131 7.82 -3.59 40.60
CA ARG A 131 6.83 -4.54 41.06
C ARG A 131 5.58 -4.16 40.34
N GLU A 132 5.74 -3.70 39.11
CA GLU A 132 4.58 -3.32 38.34
C GLU A 132 4.66 -3.89 36.94
N GLY A 133 5.53 -4.89 36.80
CA GLY A 133 5.66 -5.53 35.52
C GLY A 133 4.37 -6.27 35.29
N ALA A 134 4.06 -6.59 34.04
CA ALA A 134 2.84 -7.32 33.73
C ALA A 134 3.30 -8.62 33.11
N THR A 135 3.16 -9.72 33.84
CA THR A 135 3.62 -11.02 33.35
C THR A 135 2.56 -12.07 33.06
N VAL A 136 2.74 -12.74 31.92
CA VAL A 136 1.84 -13.80 31.50
C VAL A 136 2.69 -15.02 31.16
N TYR A 137 2.16 -16.20 31.44
CA TYR A 137 2.90 -17.43 31.18
C TYR A 137 1.98 -18.58 30.77
N ALA A 138 2.57 -19.61 30.16
CA ALA A 138 1.82 -20.79 29.72
C ALA A 138 2.63 -22.04 30.09
N THR A 139 1.96 -22.99 30.75
CA THR A 139 2.60 -24.23 31.19
C THR A 139 2.90 -25.20 30.05
N GLY A 140 4.10 -25.77 30.07
CA GLY A 140 4.48 -26.73 29.04
C GLY A 140 3.61 -27.97 29.09
N THR A 141 4.07 -29.05 28.45
CA THR A 141 3.30 -30.28 28.45
C THR A 141 3.76 -31.20 29.60
N HIS A 142 5.06 -31.16 29.91
CA HIS A 142 5.62 -31.95 30.99
C HIS A 142 5.75 -31.05 32.21
N ALA A 143 4.74 -30.23 32.44
CA ALA A 143 4.73 -29.28 33.54
C ALA A 143 3.64 -29.61 34.57
N GLN A 144 4.08 -30.05 35.74
CA GLN A 144 3.17 -30.41 36.81
C GLN A 144 2.53 -29.19 37.45
N VAL A 145 1.34 -29.38 37.99
CA VAL A 145 0.60 -28.31 38.62
C VAL A 145 1.36 -27.67 39.79
N GLU A 146 2.52 -28.21 40.14
CA GLU A 146 3.30 -27.64 41.24
C GLU A 146 4.36 -26.70 40.69
N ASP A 147 4.48 -26.65 39.36
CA ASP A 147 5.45 -25.79 38.71
C ASP A 147 4.81 -24.45 38.39
N GLY A 148 3.60 -24.50 37.84
CA GLY A 148 2.89 -23.27 37.52
C GLY A 148 2.77 -22.44 38.77
N ARG A 149 2.55 -23.11 39.89
CA ARG A 149 2.46 -22.46 41.18
C ARG A 149 3.76 -21.73 41.44
N LEU A 150 4.86 -22.47 41.53
CA LEU A 150 6.15 -21.84 41.80
C LEU A 150 6.31 -20.65 40.86
N MET A 151 6.00 -20.84 39.58
CA MET A 151 6.09 -19.77 38.60
C MET A 151 5.17 -18.64 38.99
N GLU A 152 3.86 -18.90 38.94
CA GLU A 152 2.84 -17.93 39.29
C GLU A 152 3.13 -17.23 40.61
N GLN A 153 4.10 -17.72 41.37
CA GLN A 153 4.39 -17.09 42.64
C GLN A 153 5.69 -16.32 42.61
N LEU A 154 6.67 -16.87 41.90
CA LEU A 154 7.96 -16.21 41.80
C LEU A 154 7.78 -14.91 41.02
N LEU A 155 6.90 -14.92 40.03
CA LEU A 155 6.66 -13.73 39.24
C LEU A 155 5.71 -12.78 39.93
N SER A 156 4.63 -13.30 40.52
CA SER A 156 3.68 -12.43 41.21
C SER A 156 4.38 -11.63 42.30
N SER A 157 5.64 -11.97 42.58
CA SER A 157 6.42 -11.26 43.58
C SER A 157 6.98 -9.97 43.00
N VAL A 158 6.93 -9.86 41.68
CA VAL A 158 7.47 -8.69 41.01
C VAL A 158 6.50 -7.96 40.08
N GLY A 159 5.25 -8.41 40.02
CA GLY A 159 4.30 -7.75 39.17
C GLY A 159 2.96 -8.46 39.12
N PHE A 160 2.35 -8.46 37.94
CA PHE A 160 1.07 -9.11 37.72
C PHE A 160 1.44 -10.46 37.11
N CYS A 161 0.55 -11.45 37.23
CA CYS A 161 0.85 -12.79 36.69
C CYS A 161 -0.40 -13.60 36.45
N THR A 162 -0.43 -14.34 35.35
CA THR A 162 -1.59 -15.17 35.06
C THR A 162 -1.32 -16.23 33.99
N GLU A 163 -1.90 -17.41 34.18
CA GLU A 163 -1.75 -18.48 33.20
C GLU A 163 -2.49 -17.99 31.97
N VAL A 164 -1.91 -18.20 30.80
CA VAL A 164 -2.56 -17.79 29.57
C VAL A 164 -2.28 -18.77 28.46
N GLU A 165 -3.33 -19.19 27.79
CA GLU A 165 -3.21 -20.14 26.70
C GLU A 165 -2.27 -19.62 25.62
N GLU A 166 -1.03 -20.08 25.68
CA GLU A 166 0.01 -19.69 24.74
C GLU A 166 -0.38 -18.98 23.44
N ASP A 167 -1.44 -19.43 22.75
CA ASP A 167 -1.79 -18.75 21.50
C ASP A 167 -2.06 -17.25 21.67
N LEU A 168 -2.28 -16.83 22.92
CA LEU A 168 -2.54 -15.42 23.24
C LEU A 168 -1.22 -14.70 23.48
N ILE A 169 -0.24 -15.41 24.04
CA ILE A 169 1.07 -14.83 24.35
C ILE A 169 1.61 -13.87 23.28
N ASP A 170 1.11 -13.97 22.05
CA ASP A 170 1.60 -13.07 21.00
C ASP A 170 0.96 -11.69 21.05
N ALA A 171 -0.32 -11.64 21.42
CA ALA A 171 -1.01 -10.37 21.54
C ALA A 171 -0.43 -9.71 22.77
N VAL A 172 -0.53 -10.42 23.89
CA VAL A 172 -0.01 -9.90 25.13
C VAL A 172 1.31 -9.17 24.93
N THR A 173 2.19 -9.73 24.11
CA THR A 173 3.49 -9.09 23.87
C THR A 173 3.32 -7.66 23.30
N GLY A 174 2.34 -7.50 22.42
CA GLY A 174 2.11 -6.19 21.81
C GLY A 174 1.70 -5.21 22.89
N LEU A 175 0.64 -5.55 23.59
CA LEU A 175 0.14 -4.73 24.68
C LEU A 175 1.20 -4.63 25.78
N SER A 176 0.95 -5.30 26.89
CA SER A 176 1.82 -5.26 28.06
C SER A 176 3.28 -5.53 27.79
N GLY A 177 3.55 -6.18 26.68
CA GLY A 177 4.94 -6.51 26.36
C GLY A 177 5.78 -5.32 26.00
N SER A 178 5.38 -4.68 24.89
CA SER A 178 6.04 -3.49 24.34
C SER A 178 5.54 -2.25 25.09
N GLY A 179 4.26 -2.27 25.46
CA GLY A 179 3.62 -1.17 26.18
C GLY A 179 4.52 -0.23 26.98
N PRO A 180 5.28 -0.73 27.95
CA PRO A 180 6.12 0.20 28.68
C PRO A 180 6.92 1.18 27.81
N ALA A 181 7.17 0.83 26.56
CA ALA A 181 7.93 1.69 25.65
C ALA A 181 7.02 2.71 24.95
N TYR A 182 5.76 2.35 24.79
CA TYR A 182 4.76 3.23 24.19
C TYR A 182 4.54 4.33 25.22
N ALA A 183 4.73 3.96 26.49
CA ALA A 183 4.53 4.85 27.61
C ALA A 183 5.72 5.79 27.73
N PHE A 184 6.91 5.23 27.82
CA PHE A 184 8.14 6.02 27.91
C PHE A 184 8.16 7.05 26.80
N THR A 185 7.62 6.69 25.64
CA THR A 185 7.61 7.62 24.55
C THR A 185 6.58 8.70 24.80
N ALA A 186 5.40 8.30 25.26
CA ALA A 186 4.32 9.24 25.54
C ALA A 186 4.68 10.20 26.67
N LEU A 187 5.46 9.74 27.65
CA LEU A 187 5.85 10.63 28.73
C LEU A 187 6.78 11.70 28.19
N ASP A 188 7.86 11.29 27.55
CA ASP A 188 8.81 12.23 26.95
C ASP A 188 8.03 13.29 26.18
N ALA A 189 7.02 12.87 25.42
CA ALA A 189 6.19 13.80 24.66
C ALA A 189 5.63 14.81 25.66
N LEU A 190 4.62 14.40 26.42
CA LEU A 190 4.01 15.25 27.46
C LEU A 190 5.02 16.22 28.12
N ALA A 191 6.14 15.71 28.61
CA ALA A 191 7.11 16.60 29.22
C ALA A 191 7.36 17.71 28.20
N ASP A 192 8.00 17.39 27.09
CA ASP A 192 8.25 18.34 26.04
C ASP A 192 7.08 19.32 25.93
N GLY A 193 5.86 18.79 25.93
CA GLY A 193 4.70 19.67 25.83
C GLY A 193 4.57 20.59 27.02
N GLY A 194 4.43 19.98 28.19
CA GLY A 194 4.32 20.74 29.41
C GLY A 194 5.40 21.79 29.37
N VAL A 195 6.58 21.43 28.89
CA VAL A 195 7.67 22.41 28.81
C VAL A 195 7.35 23.55 27.82
N LYS A 196 6.77 23.22 26.68
CA LYS A 196 6.44 24.25 25.71
C LYS A 196 5.24 24.99 26.27
N MET A 197 5.23 25.18 27.58
CA MET A 197 4.13 25.86 28.24
C MET A 197 4.64 26.69 29.41
N GLY A 198 5.86 26.44 29.83
CA GLY A 198 6.42 27.20 30.92
C GLY A 198 7.00 26.31 31.99
N LEU A 199 6.41 25.13 32.14
CA LEU A 199 6.89 24.18 33.13
C LEU A 199 8.32 23.82 32.86
N PRO A 200 9.11 23.67 33.92
CA PRO A 200 10.51 23.29 33.74
C PRO A 200 10.52 21.81 33.37
N ARG A 201 11.66 21.34 32.88
CA ARG A 201 11.79 19.95 32.46
C ARG A 201 11.54 18.93 33.55
N ARG A 202 12.40 18.86 34.56
CA ARG A 202 12.20 17.87 35.62
C ARG A 202 10.74 17.88 36.08
N LEU A 203 10.26 19.05 36.47
CA LEU A 203 8.90 19.19 36.95
C LEU A 203 7.89 18.52 36.02
N ALA A 204 7.96 18.88 34.74
CA ALA A 204 7.04 18.35 33.72
C ALA A 204 7.03 16.84 33.60
N VAL A 205 8.21 16.24 33.49
CA VAL A 205 8.34 14.78 33.36
C VAL A 205 7.68 14.03 34.51
N ARG A 206 7.88 14.53 35.72
CA ARG A 206 7.30 13.91 36.91
C ARG A 206 5.80 14.05 37.01
N LEU A 207 5.26 15.18 36.57
CA LEU A 207 3.81 15.36 36.62
C LEU A 207 3.21 14.43 35.58
N GLY A 208 3.84 14.40 34.40
CA GLY A 208 3.36 13.55 33.33
C GLY A 208 3.34 12.11 33.82
N ALA A 209 4.47 11.71 34.41
CA ALA A 209 4.60 10.37 34.95
C ALA A 209 3.45 10.16 35.94
N GLN A 210 3.44 10.96 37.00
CA GLN A 210 2.40 10.89 38.03
C GLN A 210 0.99 10.86 37.46
N ALA A 211 0.74 11.69 36.45
CA ALA A 211 -0.58 11.72 35.88
C ALA A 211 -0.96 10.31 35.40
N LEU A 212 -0.08 9.69 34.61
CA LEU A 212 -0.33 8.36 34.08
C LEU A 212 -0.59 7.35 35.18
N LEU A 213 0.40 7.21 36.05
CA LEU A 213 0.35 6.31 37.19
C LEU A 213 -1.05 6.38 37.79
N GLY A 214 -1.40 7.55 38.32
CA GLY A 214 -2.71 7.72 38.92
C GLY A 214 -3.82 7.15 38.06
N ALA A 215 -3.84 7.54 36.79
CA ALA A 215 -4.88 7.07 35.87
C ALA A 215 -4.98 5.55 35.90
N ALA A 216 -3.81 4.90 35.86
CA ALA A 216 -3.70 3.44 35.89
C ALA A 216 -4.51 2.91 37.03
N LYS A 217 -4.05 3.22 38.25
CA LYS A 217 -4.73 2.80 39.47
C LYS A 217 -6.25 2.92 39.35
N MET A 218 -6.76 4.13 39.24
CA MET A 218 -8.19 4.28 39.13
C MET A 218 -8.79 3.20 38.25
N LEU A 219 -8.16 2.96 37.10
CA LEU A 219 -8.68 1.97 36.18
C LEU A 219 -8.62 0.55 36.71
N LEU A 220 -7.52 0.22 37.36
CA LEU A 220 -7.36 -1.12 37.91
C LEU A 220 -8.27 -1.36 39.12
N HIS A 221 -8.26 -0.42 40.07
CA HIS A 221 -9.09 -0.55 41.26
C HIS A 221 -10.55 -0.19 40.99
N SER A 222 -11.13 -0.76 39.94
CA SER A 222 -12.52 -0.51 39.59
C SER A 222 -12.76 -1.03 38.20
N GLU A 223 -14.00 -0.95 37.75
CA GLU A 223 -14.33 -1.37 36.40
C GLU A 223 -14.47 -0.04 35.70
N GLN A 224 -15.67 0.51 35.77
CA GLN A 224 -15.92 1.82 35.19
C GLN A 224 -15.81 1.87 33.66
N HIS A 225 -14.67 1.44 33.12
CA HIS A 225 -14.40 1.45 31.68
C HIS A 225 -13.54 2.68 31.46
N PRO A 226 -12.43 2.54 30.72
CA PRO A 226 -11.58 3.71 30.50
C PRO A 226 -12.44 4.82 29.92
N GLY A 227 -13.49 4.41 29.22
CA GLY A 227 -14.38 5.37 28.62
C GLY A 227 -14.98 6.30 29.65
N GLN A 228 -15.61 5.71 30.67
CA GLN A 228 -16.24 6.48 31.74
C GLN A 228 -15.30 7.34 32.56
N LEU A 229 -14.17 6.79 32.99
CA LEU A 229 -13.24 7.62 33.75
C LEU A 229 -12.90 8.88 32.96
N LYS A 230 -12.95 8.79 31.64
CA LYS A 230 -12.66 9.95 30.79
C LYS A 230 -13.73 10.98 31.08
N ASP A 231 -14.98 10.54 31.09
CA ASP A 231 -16.13 11.40 31.37
C ASP A 231 -16.06 12.07 32.75
N ASN A 232 -15.74 11.30 33.78
CA ASN A 232 -15.64 11.81 35.14
C ASN A 232 -14.61 12.91 35.28
N VAL A 233 -13.66 12.98 34.36
CA VAL A 233 -12.60 13.98 34.45
C VAL A 233 -12.74 15.19 33.52
N SER A 234 -13.80 15.22 32.71
CA SER A 234 -13.99 16.36 31.79
C SER A 234 -15.29 17.18 31.98
N SER A 235 -15.10 18.41 32.45
CA SER A 235 -16.22 19.33 32.69
C SER A 235 -16.64 19.95 31.37
N PRO A 236 -17.95 19.95 31.10
CA PRO A 236 -18.61 20.47 29.91
C PRO A 236 -17.94 21.68 29.32
N GLY A 237 -17.27 22.42 30.19
CA GLY A 237 -16.56 23.60 29.73
C GLY A 237 -15.52 23.15 28.74
N GLY A 238 -14.30 22.97 29.23
CA GLY A 238 -13.22 22.55 28.36
C GLY A 238 -12.01 22.22 29.21
N ALA A 239 -10.84 22.64 28.75
CA ALA A 239 -9.58 22.40 29.45
C ALA A 239 -9.11 20.95 29.25
N THR A 240 -10.06 20.03 29.18
CA THR A 240 -9.76 18.63 29.01
C THR A 240 -10.48 18.09 27.79
N ILE A 241 -11.81 18.13 27.82
CA ILE A 241 -12.58 17.65 26.69
C ILE A 241 -11.98 18.32 25.45
N HIS A 242 -11.30 19.44 25.67
CA HIS A 242 -10.67 20.15 24.57
C HIS A 242 -9.44 19.39 24.12
N ALA A 243 -8.52 19.12 25.05
CA ALA A 243 -7.31 18.39 24.71
C ALA A 243 -7.71 17.08 24.04
N LEU A 244 -8.75 16.44 24.55
CA LEU A 244 -9.21 15.21 23.95
C LEU A 244 -9.38 15.51 22.48
N HIS A 245 -10.41 16.27 22.16
CA HIS A 245 -10.66 16.63 20.78
C HIS A 245 -9.39 16.69 19.92
N VAL A 246 -8.30 17.27 20.44
CA VAL A 246 -7.10 17.38 19.61
C VAL A 246 -6.52 16.01 19.34
N LEU A 247 -6.37 15.22 20.39
CA LEU A 247 -5.86 13.86 20.30
C LEU A 247 -6.83 13.14 19.37
N GLU A 248 -8.10 13.26 19.68
CA GLU A 248 -9.12 12.61 18.88
C GLU A 248 -9.02 13.03 17.42
N SER A 249 -8.44 14.19 17.18
CA SER A 249 -8.35 14.70 15.83
C SER A 249 -7.18 14.15 15.03
N GLY A 250 -6.23 13.53 15.70
CA GLY A 250 -5.08 12.97 14.99
C GLY A 250 -4.99 11.49 15.24
N GLY A 251 -6.12 10.79 15.11
CA GLY A 251 -6.19 9.34 15.34
C GLY A 251 -5.35 8.79 16.47
N PHE A 252 -5.32 9.49 17.62
CA PHE A 252 -4.52 9.08 18.78
C PHE A 252 -4.76 7.64 19.20
N ARG A 253 -6.02 7.23 19.16
CA ARG A 253 -6.37 5.86 19.51
C ARG A 253 -5.81 5.02 18.35
N SER A 254 -6.29 5.31 17.15
CA SER A 254 -5.83 4.65 15.95
C SER A 254 -4.34 4.33 16.02
N LEU A 255 -3.51 5.30 16.36
CA LEU A 255 -2.07 5.03 16.39
C LEU A 255 -1.59 4.07 17.44
N LEU A 256 -2.37 3.86 18.48
CA LEU A 256 -1.93 2.97 19.55
C LEU A 256 -2.26 1.54 19.15
N ILE A 257 -3.40 1.38 18.46
CA ILE A 257 -3.81 0.08 17.97
C ILE A 257 -2.63 -0.27 17.04
N ASN A 258 -2.52 0.52 15.99
CA ASN A 258 -1.46 0.39 14.99
C ASN A 258 -0.16 -0.12 15.57
N ALA A 259 0.15 0.28 16.80
CA ALA A 259 1.39 -0.14 17.41
C ALA A 259 1.31 -1.46 18.19
N VAL A 260 0.13 -1.84 18.65
CA VAL A 260 0.04 -3.10 19.36
C VAL A 260 0.02 -4.12 18.24
N GLU A 261 -0.84 -3.89 17.25
CA GLU A 261 -0.95 -4.77 16.07
C GLU A 261 0.45 -5.00 15.54
N ALA A 262 1.16 -3.92 15.33
CA ALA A 262 2.49 -4.04 14.82
C ALA A 262 3.35 -4.90 15.70
N SER A 263 3.31 -4.69 17.02
CA SER A 263 4.13 -5.47 17.95
C SER A 263 3.85 -6.96 17.84
N CYS A 264 2.57 -7.27 17.73
CA CYS A 264 2.11 -8.63 17.60
C CYS A 264 2.62 -9.19 16.27
N ILE A 265 1.99 -8.75 15.18
CA ILE A 265 2.35 -9.17 13.82
C ILE A 265 3.85 -9.40 13.67
N ARG A 266 4.65 -8.60 14.37
CA ARG A 266 6.08 -8.77 14.28
C ARG A 266 6.48 -10.02 15.02
N THR A 267 6.07 -10.12 16.28
CA THR A 267 6.39 -11.27 17.11
C THR A 267 5.95 -12.57 16.42
N ARG A 268 4.83 -12.52 15.71
CA ARG A 268 4.35 -13.70 14.98
C ARG A 268 5.51 -14.02 14.03
N GLU A 269 5.72 -13.14 13.05
CA GLU A 269 6.78 -13.29 12.06
C GLU A 269 8.08 -13.82 12.63
N LEU A 270 8.68 -13.09 13.56
CA LEU A 270 9.93 -13.54 14.14
C LEU A 270 9.95 -15.04 14.37
N GLN A 271 8.88 -15.57 14.95
CA GLN A 271 8.76 -16.99 15.26
C GLN A 271 8.33 -17.81 14.05
N SER A 272 7.22 -17.43 13.45
CA SER A 272 6.69 -18.13 12.27
C SER A 272 7.64 -17.93 11.09
N MET A 273 8.90 -17.65 11.41
CA MET A 273 9.95 -17.43 10.43
C MET A 273 11.16 -18.18 10.98
N ALA A 274 11.02 -18.68 12.20
CA ALA A 274 12.08 -19.44 12.84
C ALA A 274 11.61 -20.90 12.85
N ASP A 275 10.39 -21.13 12.36
CA ASP A 275 9.82 -22.47 12.30
C ASP A 275 10.52 -23.29 11.21
N GLN A 276 10.91 -22.61 10.13
CA GLN A 276 11.58 -23.25 9.01
C GLN A 276 13.07 -22.94 8.98
N GLU A 277 13.40 -21.82 8.33
CA GLU A 277 14.77 -21.36 8.19
C GLU A 277 15.33 -20.82 9.51
N ARG B 1 27.07 11.23 -47.60
CA ARG B 1 26.72 12.58 -47.11
C ARG B 1 25.34 13.03 -47.59
N GLY B 2 24.66 12.13 -48.31
CA GLY B 2 23.33 12.41 -48.84
C GLY B 2 22.48 11.14 -48.83
N MET B 3 21.20 11.27 -48.49
CA MET B 3 20.30 10.12 -48.43
C MET B 3 18.82 10.48 -48.40
N SER B 4 18.05 9.56 -47.81
CA SER B 4 16.62 9.68 -47.64
C SER B 4 16.31 8.89 -46.35
N VAL B 5 15.03 8.77 -46.00
CA VAL B 5 14.67 8.05 -44.80
C VAL B 5 13.27 7.45 -44.82
N GLY B 6 13.18 6.17 -44.48
CA GLY B 6 11.90 5.51 -44.46
C GLY B 6 11.13 5.89 -43.21
N PHE B 7 10.30 6.92 -43.31
CA PHE B 7 9.50 7.37 -42.18
C PHE B 7 8.16 6.64 -42.14
N ILE B 8 8.23 5.32 -41.96
CA ILE B 8 7.06 4.45 -41.92
C ILE B 8 6.02 4.95 -40.91
N GLY B 9 6.47 5.73 -39.93
CA GLY B 9 5.55 6.26 -38.94
C GLY B 9 5.29 7.74 -39.18
N ALA B 10 4.15 8.06 -39.78
CA ALA B 10 3.79 9.44 -40.08
C ALA B 10 2.78 10.01 -39.08
N GLY B 11 3.20 11.02 -38.31
CA GLY B 11 2.30 11.62 -37.34
C GLY B 11 3.01 12.26 -36.14
N GLN B 12 3.34 11.44 -35.15
CA GLN B 12 4.02 11.91 -33.95
C GLN B 12 5.43 12.38 -34.31
N LEU B 13 6.42 11.52 -34.11
CA LEU B 13 7.81 11.86 -34.41
C LEU B 13 8.04 12.08 -35.90
N ALA B 14 7.06 11.67 -36.72
CA ALA B 14 7.19 11.85 -38.16
C ALA B 14 7.26 13.35 -38.39
N PHE B 15 6.16 14.02 -38.06
CA PHE B 15 6.01 15.47 -38.18
C PHE B 15 7.22 16.16 -37.54
N ALA B 16 7.66 15.61 -36.40
CA ALA B 16 8.79 16.13 -35.65
C ALA B 16 10.07 16.12 -36.47
N LEU B 17 10.63 14.93 -36.68
CA LEU B 17 11.84 14.78 -37.44
C LEU B 17 11.60 15.24 -38.88
N ALA B 18 10.33 15.31 -39.27
CA ALA B 18 9.98 15.79 -40.60
C ALA B 18 10.42 17.23 -40.62
N LYS B 19 9.58 18.12 -40.07
CA LYS B 19 9.89 19.54 -40.00
C LYS B 19 11.30 19.75 -39.43
N GLY B 20 11.82 18.69 -38.79
CA GLY B 20 13.15 18.75 -38.23
C GLY B 20 14.17 18.65 -39.34
N PHE B 21 15.43 18.94 -39.01
CA PHE B 21 16.51 18.92 -39.98
C PHE B 21 16.06 19.05 -41.43
N THR B 22 15.12 19.97 -41.65
CA THR B 22 14.61 20.23 -42.99
C THR B 22 15.63 21.17 -43.64
N ALA B 23 15.26 22.44 -43.77
CA ALA B 23 16.17 23.43 -44.33
C ALA B 23 17.17 23.65 -43.20
N ALA B 24 16.83 23.08 -42.04
CA ALA B 24 17.66 23.16 -40.84
C ALA B 24 19.04 22.60 -41.18
N GLY B 25 19.06 21.42 -41.79
CA GLY B 25 20.33 20.82 -42.15
C GLY B 25 20.30 19.51 -42.91
N VAL B 26 21.24 19.39 -43.85
CA VAL B 26 21.43 18.21 -44.68
C VAL B 26 20.26 17.69 -45.53
N LEU B 27 19.21 17.19 -44.87
CA LEU B 27 18.07 16.62 -45.59
C LEU B 27 17.09 17.58 -46.25
N ALA B 28 16.57 17.16 -47.41
CA ALA B 28 15.60 17.93 -48.18
C ALA B 28 14.20 17.38 -47.93
N ALA B 29 13.20 18.26 -48.00
CA ALA B 29 11.80 17.88 -47.76
C ALA B 29 11.28 16.81 -48.72
N HIS B 30 11.69 16.90 -49.99
CA HIS B 30 11.25 15.94 -51.00
C HIS B 30 12.18 14.74 -51.17
N LYS B 31 13.44 14.89 -50.76
CA LYS B 31 14.42 13.82 -50.87
C LYS B 31 14.14 12.63 -49.93
N ILE B 32 12.93 12.59 -49.37
CA ILE B 32 12.53 11.53 -48.47
C ILE B 32 11.01 11.30 -48.54
N MET B 33 10.59 10.04 -48.44
CA MET B 33 9.17 9.69 -48.49
C MET B 33 8.67 9.17 -47.14
N ALA B 34 7.40 9.42 -46.86
CA ALA B 34 6.79 8.99 -45.61
C ALA B 34 5.77 7.88 -45.82
N SER B 35 5.25 7.35 -44.72
CA SER B 35 4.27 6.27 -44.76
C SER B 35 3.32 6.43 -43.58
N SER B 36 2.02 6.50 -43.86
CA SER B 36 1.03 6.65 -42.81
C SER B 36 0.24 5.36 -42.60
N PRO B 37 0.42 4.71 -41.43
CA PRO B 37 -0.29 3.47 -41.12
C PRO B 37 -1.77 3.74 -40.87
N ASP B 38 -2.29 4.72 -41.60
CA ASP B 38 -3.69 5.13 -41.52
C ASP B 38 -3.94 6.23 -42.56
N MET B 39 -4.22 7.44 -42.09
CA MET B 39 -4.49 8.57 -42.98
C MET B 39 -4.88 9.80 -42.15
N ASP B 40 -4.39 9.85 -40.91
CA ASP B 40 -4.68 10.93 -39.97
C ASP B 40 -4.86 12.30 -40.64
N LEU B 41 -5.74 13.13 -40.05
CA LEU B 41 -6.03 14.45 -40.56
C LEU B 41 -5.31 15.57 -39.82
N ALA B 42 -4.74 15.26 -38.65
CA ALA B 42 -4.02 16.26 -37.86
C ALA B 42 -2.56 16.43 -38.28
N THR B 43 -1.92 15.33 -38.69
CA THR B 43 -0.53 15.36 -39.12
C THR B 43 -0.29 14.63 -40.44
N VAL B 44 -0.79 13.41 -40.57
CA VAL B 44 -0.62 12.63 -41.79
C VAL B 44 -1.09 13.42 -43.01
N SER B 45 -2.37 13.78 -43.02
CA SER B 45 -2.95 14.54 -44.12
C SER B 45 -2.55 16.01 -44.00
N ALA B 46 -1.50 16.26 -43.23
CA ALA B 46 -0.96 17.60 -43.02
C ALA B 46 0.52 17.53 -43.39
N LEU B 47 1.02 16.31 -43.63
CA LEU B 47 2.41 16.10 -44.01
C LEU B 47 2.48 16.31 -45.52
N ARG B 48 1.38 16.04 -46.19
CA ARG B 48 1.30 16.24 -47.64
C ARG B 48 1.71 17.68 -47.90
N LYS B 49 1.03 18.59 -47.21
CA LYS B 49 1.26 20.03 -47.32
C LYS B 49 2.53 20.48 -46.60
N MET B 50 3.65 19.81 -46.92
CA MET B 50 4.93 20.11 -46.31
C MET B 50 6.03 20.00 -47.37
N GLY B 51 5.63 19.61 -48.58
CA GLY B 51 6.63 19.41 -49.60
C GLY B 51 7.35 18.19 -49.09
N VAL B 52 6.58 17.32 -48.45
CA VAL B 52 7.06 16.06 -47.87
C VAL B 52 6.13 14.94 -48.32
N LEU B 54 -0.07 11.21 -48.23
CA LEU B 54 0.83 10.29 -47.55
C LEU B 54 0.66 8.85 -48.02
N THR B 55 1.74 8.07 -47.90
CA THR B 55 1.78 6.67 -48.31
C THR B 55 1.12 5.73 -47.29
N PRO B 56 -0.09 5.25 -47.59
CA PRO B 56 -0.80 4.33 -46.68
C PRO B 56 -0.20 2.92 -46.72
N HIS B 57 0.88 2.78 -47.48
CA HIS B 57 1.58 1.50 -47.64
C HIS B 57 2.92 1.57 -46.90
N ASN B 58 3.01 0.83 -45.80
CA ASN B 58 4.21 0.78 -44.97
C ASN B 58 5.51 0.49 -45.73
N LYS B 59 5.52 -0.61 -46.49
CA LYS B 59 6.71 -1.01 -47.25
C LYS B 59 7.15 0.00 -48.30
N GLU B 60 6.19 0.57 -49.03
CA GLU B 60 6.49 1.55 -50.07
C GLU B 60 7.62 2.49 -49.68
N THR B 61 7.44 3.17 -48.56
CA THR B 61 8.42 4.13 -48.05
C THR B 61 9.87 3.64 -48.06
N VAL B 62 10.04 2.32 -47.97
CA VAL B 62 11.38 1.71 -47.97
C VAL B 62 12.14 1.86 -49.29
N GLN B 63 11.41 1.95 -50.40
CA GLN B 63 12.01 2.07 -51.73
C GLN B 63 13.17 3.07 -51.77
N HIS B 64 12.84 4.36 -51.89
CA HIS B 64 13.84 5.42 -51.94
C HIS B 64 14.39 5.69 -50.54
N SER B 65 14.93 4.66 -49.91
CA SER B 65 15.45 4.81 -48.56
C SER B 65 16.91 4.41 -48.42
N ASP B 66 17.57 5.00 -47.43
CA ASP B 66 18.97 4.75 -47.11
C ASP B 66 19.12 4.52 -45.59
N VAL B 67 18.12 5.01 -44.84
CA VAL B 67 18.08 4.86 -43.38
C VAL B 67 16.62 4.85 -42.94
N LEU B 68 16.18 3.73 -42.38
CA LEU B 68 14.81 3.57 -41.93
C LEU B 68 14.51 4.07 -40.52
N PHE B 69 13.29 4.58 -40.34
CA PHE B 69 12.84 5.08 -39.07
C PHE B 69 11.42 4.59 -38.80
N LEU B 70 11.32 3.53 -38.02
CA LEU B 70 10.04 2.95 -37.68
C LEU B 70 9.36 3.82 -36.65
N ALA B 71 8.78 4.93 -37.10
CA ALA B 71 8.10 5.85 -36.21
C ALA B 71 6.67 5.39 -35.96
N VAL B 72 6.45 4.08 -36.07
CA VAL B 72 5.13 3.49 -35.86
C VAL B 72 4.82 3.34 -34.38
N LYS B 73 3.58 2.96 -34.07
CA LYS B 73 3.14 2.76 -32.68
C LYS B 73 4.05 1.78 -31.92
N PRO B 74 3.72 1.47 -30.66
CA PRO B 74 4.56 0.55 -29.88
C PRO B 74 4.71 -0.88 -30.44
N HIS B 75 3.65 -1.37 -31.09
CA HIS B 75 3.62 -2.72 -31.65
C HIS B 75 4.37 -2.93 -32.97
N ILE B 76 5.54 -2.31 -33.10
CA ILE B 76 6.34 -2.46 -34.32
C ILE B 76 6.73 -3.92 -34.47
N ILE B 77 6.37 -4.74 -33.48
CA ILE B 77 6.72 -6.15 -33.47
C ILE B 77 6.06 -7.06 -34.52
N PRO B 78 4.74 -7.32 -34.42
CA PRO B 78 4.11 -8.20 -35.42
C PRO B 78 3.82 -7.62 -36.79
N PHE B 79 2.70 -6.90 -36.90
CA PHE B 79 2.24 -6.31 -38.14
C PHE B 79 3.23 -5.35 -38.82
N ILE B 80 4.46 -5.30 -38.33
CA ILE B 80 5.46 -4.40 -38.90
C ILE B 80 6.71 -5.14 -39.42
N LEU B 81 7.58 -5.51 -38.49
CA LEU B 81 8.84 -6.20 -38.81
C LEU B 81 8.70 -7.40 -39.74
N ASP B 82 7.47 -7.90 -39.90
CA ASP B 82 7.23 -9.06 -40.76
C ASP B 82 7.08 -8.69 -42.24
N GLU B 83 6.73 -7.44 -42.52
CA GLU B 83 6.56 -6.98 -43.90
C GLU B 83 7.70 -6.06 -44.33
N ILE B 84 8.82 -6.14 -43.62
CA ILE B 84 9.99 -5.32 -43.91
C ILE B 84 11.22 -6.19 -44.09
N GLY B 85 11.27 -7.30 -43.35
CA GLY B 85 12.41 -8.20 -43.41
C GLY B 85 12.75 -8.74 -44.79
N ALA B 86 11.81 -9.46 -45.40
CA ALA B 86 12.01 -10.04 -46.73
C ALA B 86 12.32 -8.96 -47.75
N ASP B 87 12.30 -7.72 -47.31
CA ASP B 87 12.58 -6.56 -48.14
C ASP B 87 13.60 -5.65 -47.45
N ILE B 88 14.72 -6.21 -47.02
CA ILE B 88 15.75 -5.44 -46.35
C ILE B 88 17.17 -5.85 -46.73
N GLU B 89 17.99 -4.85 -47.01
CA GLU B 89 19.39 -5.05 -47.39
C GLU B 89 20.28 -4.14 -46.55
N ASP B 90 21.53 -4.01 -47.00
CA ASP B 90 22.49 -3.17 -46.31
C ASP B 90 22.38 -1.73 -46.80
N ARG B 91 21.35 -1.45 -47.60
CA ARG B 91 21.15 -0.11 -48.14
C ARG B 91 20.23 0.76 -47.27
N HIS B 92 20.05 0.36 -46.01
CA HIS B 92 19.21 1.11 -45.07
C HIS B 92 19.32 0.65 -43.61
N ILE B 93 19.59 1.61 -42.71
CA ILE B 93 19.73 1.33 -41.28
C ILE B 93 18.40 1.64 -40.60
N VAL B 94 17.92 0.71 -39.78
CA VAL B 94 16.66 0.91 -39.08
C VAL B 94 16.90 1.61 -37.73
N VAL B 95 16.01 2.54 -37.39
CA VAL B 95 16.11 3.27 -36.14
C VAL B 95 14.77 3.13 -35.42
N SER B 96 14.74 2.24 -34.42
CA SER B 96 13.53 1.92 -33.65
C SER B 96 12.99 3.01 -32.75
N CYS B 97 13.27 4.27 -33.07
CA CYS B 97 12.78 5.35 -32.24
C CYS B 97 11.27 5.17 -32.08
N ALA B 98 10.88 4.42 -31.05
CA ALA B 98 9.47 4.15 -30.76
C ALA B 98 9.28 3.33 -29.49
N ALA B 99 8.24 3.68 -28.74
CA ALA B 99 7.85 3.02 -27.49
C ALA B 99 8.96 2.29 -26.72
N GLY B 100 8.60 1.16 -26.12
CA GLY B 100 9.56 0.37 -25.36
C GLY B 100 9.99 -0.89 -26.08
N VAL B 101 10.38 -0.75 -27.34
CA VAL B 101 10.83 -1.86 -28.15
C VAL B 101 12.36 -1.91 -28.11
N THR B 102 12.89 -3.05 -27.69
CA THR B 102 14.34 -3.29 -27.56
C THR B 102 15.04 -3.55 -28.90
N ILE B 103 16.37 -3.69 -28.85
CA ILE B 103 17.14 -3.98 -30.06
C ILE B 103 16.95 -5.46 -30.38
N SER B 104 16.94 -6.28 -29.34
CA SER B 104 16.77 -7.73 -29.51
C SER B 104 15.30 -8.16 -29.61
N SER B 105 14.43 -7.19 -29.87
CA SER B 105 12.99 -7.45 -30.03
C SER B 105 12.73 -7.41 -31.53
N ILE B 106 13.68 -6.80 -32.23
CA ILE B 106 13.64 -6.64 -33.67
C ILE B 106 14.87 -7.35 -34.22
N GLU B 107 15.82 -7.63 -33.33
CA GLU B 107 17.05 -8.32 -33.67
C GLU B 107 16.76 -9.80 -33.92
N LYS B 108 15.52 -10.19 -33.69
CA LYS B 108 15.10 -11.58 -33.88
C LYS B 108 13.76 -11.63 -34.62
N LYS B 109 13.63 -10.73 -35.58
CA LYS B 109 12.45 -10.61 -36.43
C LYS B 109 12.93 -10.23 -37.83
N LEU B 110 13.81 -9.23 -37.89
CA LEU B 110 14.38 -8.76 -39.15
C LEU B 110 15.71 -9.46 -39.39
N SER B 111 16.12 -10.27 -38.42
CA SER B 111 17.36 -11.04 -38.51
C SER B 111 17.01 -12.51 -38.73
N ALA B 112 15.84 -12.73 -39.31
CA ALA B 112 15.35 -14.06 -39.65
C ALA B 112 14.98 -13.96 -41.13
N PHE B 113 14.81 -12.72 -41.58
CA PHE B 113 14.46 -12.40 -42.97
C PHE B 113 15.73 -11.93 -43.67
N ARG B 114 16.86 -12.04 -42.98
CA ARG B 114 18.14 -11.58 -43.53
C ARG B 114 19.26 -11.96 -42.56
N PRO B 115 20.49 -12.14 -43.07
CA PRO B 115 21.62 -12.49 -42.20
C PRO B 115 21.68 -11.65 -40.92
N ALA B 116 22.29 -10.47 -41.01
CA ALA B 116 22.40 -9.59 -39.84
C ALA B 116 22.23 -8.12 -40.20
N PRO B 117 21.04 -7.56 -39.95
CA PRO B 117 20.73 -6.15 -40.23
C PRO B 117 21.39 -5.14 -39.27
N ARG B 118 21.11 -3.86 -39.50
CA ARG B 118 21.63 -2.77 -38.68
C ARG B 118 20.49 -2.19 -37.83
N VAL B 119 20.30 -2.74 -36.63
CA VAL B 119 19.23 -2.29 -35.74
C VAL B 119 19.72 -1.31 -34.67
N ILE B 120 19.19 -0.09 -34.71
CA ILE B 120 19.55 0.96 -33.76
C ILE B 120 18.32 1.50 -33.01
N ARG B 121 18.24 1.24 -31.70
CA ARG B 121 17.13 1.74 -30.90
C ARG B 121 17.43 3.19 -30.57
N CYS B 122 16.38 3.99 -30.43
CA CYS B 122 16.57 5.39 -30.17
C CYS B 122 15.39 6.01 -29.45
N MET B 123 15.68 6.90 -28.51
CA MET B 123 14.63 7.57 -27.76
C MET B 123 14.82 9.07 -27.85
N THR B 124 13.73 9.79 -28.14
CA THR B 124 13.74 11.24 -28.27
C THR B 124 12.50 11.81 -27.58
N ASN B 125 12.07 12.98 -28.03
CA ASN B 125 10.87 13.66 -27.51
C ASN B 125 10.32 14.59 -28.59
N THR B 126 9.13 15.12 -28.36
CA THR B 126 8.50 16.00 -29.34
C THR B 126 9.26 17.28 -29.68
N PRO B 127 9.85 17.97 -28.67
CA PRO B 127 10.60 19.20 -28.91
C PRO B 127 11.68 19.12 -29.98
N VAL B 128 11.79 17.96 -30.62
CA VAL B 128 12.76 17.82 -31.69
C VAL B 128 12.24 18.76 -32.77
N VAL B 129 10.91 18.74 -32.93
CA VAL B 129 10.21 19.56 -33.91
C VAL B 129 10.74 20.99 -33.96
N VAL B 130 11.36 21.42 -32.87
CA VAL B 130 11.91 22.75 -32.83
C VAL B 130 13.38 22.65 -33.09
N ARG B 131 14.08 22.02 -32.16
CA ARG B 131 15.52 21.86 -32.29
C ARG B 131 16.01 21.49 -30.91
N GLU B 132 15.19 21.76 -29.90
CA GLU B 132 15.58 21.47 -28.54
C GLU B 132 15.13 20.11 -28.01
N GLY B 133 14.85 19.18 -28.92
CA GLY B 133 14.46 17.86 -28.47
C GLY B 133 15.73 17.31 -27.86
N ALA B 134 15.65 16.19 -27.15
CA ALA B 134 16.85 15.61 -26.55
C ALA B 134 16.75 14.11 -26.78
N THR B 135 17.77 13.54 -27.44
CA THR B 135 17.72 12.11 -27.71
C THR B 135 19.00 11.30 -27.57
N VAL B 136 18.82 9.99 -27.45
CA VAL B 136 19.94 9.08 -27.31
C VAL B 136 19.75 7.89 -28.24
N TYR B 137 20.87 7.26 -28.59
CA TYR B 137 20.90 6.11 -29.49
C TYR B 137 21.75 4.97 -28.90
N ALA B 138 21.55 3.76 -29.41
CA ALA B 138 22.30 2.59 -28.94
C ALA B 138 22.73 1.67 -30.09
N THR B 139 23.80 0.91 -29.86
CA THR B 139 24.32 -0.02 -30.84
C THR B 139 23.28 -1.12 -31.14
N GLY B 140 23.55 -2.34 -30.69
CA GLY B 140 22.62 -3.44 -30.92
C GLY B 140 22.97 -4.30 -32.13
N THR B 141 23.72 -5.38 -31.90
CA THR B 141 24.14 -6.27 -32.97
C THR B 141 24.95 -5.48 -33.99
N HIS B 142 25.86 -4.67 -33.44
CA HIS B 142 26.76 -3.82 -34.20
C HIS B 142 26.22 -3.05 -35.42
N ALA B 143 27.13 -2.27 -35.99
CA ALA B 143 26.93 -1.40 -37.14
C ALA B 143 27.85 -0.23 -36.76
N GLN B 144 28.65 -0.49 -35.74
CA GLN B 144 29.61 0.45 -35.14
C GLN B 144 30.52 1.26 -36.08
N VAL B 145 31.67 1.67 -35.53
CA VAL B 145 32.68 2.44 -36.22
C VAL B 145 32.17 3.85 -36.56
N GLU B 146 32.06 4.15 -37.85
CA GLU B 146 31.58 5.44 -38.29
C GLU B 146 30.19 5.32 -38.88
N ASP B 147 29.52 4.23 -38.53
CA ASP B 147 28.16 3.97 -38.98
C ASP B 147 27.25 4.28 -37.79
N GLY B 148 27.87 4.49 -36.63
CA GLY B 148 27.14 4.81 -35.42
C GLY B 148 27.21 6.31 -35.21
N ARG B 149 28.42 6.85 -35.30
CA ARG B 149 28.66 8.29 -35.14
C ARG B 149 27.95 9.02 -36.28
N LEU B 150 27.45 8.24 -37.23
CA LEU B 150 26.74 8.79 -38.38
C LEU B 150 25.32 9.18 -38.00
N MET B 151 24.92 8.84 -36.78
CA MET B 151 23.59 9.17 -36.28
C MET B 151 23.62 10.42 -35.41
N GLU B 152 24.62 10.49 -34.53
CA GLU B 152 24.77 11.65 -33.66
C GLU B 152 24.90 12.91 -34.51
N GLN B 153 25.35 12.73 -35.74
CA GLN B 153 25.53 13.84 -36.66
C GLN B 153 24.16 14.34 -37.11
N LEU B 154 23.36 13.43 -37.64
CA LEU B 154 22.03 13.75 -38.14
C LEU B 154 21.08 14.28 -37.07
N LEU B 155 21.30 13.85 -35.83
CA LEU B 155 20.42 14.25 -34.74
C LEU B 155 20.93 15.37 -33.84
N SER B 156 22.14 15.24 -33.31
CA SER B 156 22.70 16.24 -32.40
C SER B 156 22.67 17.65 -33.00
N SER B 157 22.09 17.77 -34.19
CA SER B 157 21.97 19.04 -34.87
C SER B 157 20.57 19.59 -34.64
N VAL B 158 19.63 18.67 -34.46
CA VAL B 158 18.23 19.01 -34.23
C VAL B 158 17.83 18.76 -32.78
N GLY B 159 18.81 18.69 -31.90
CA GLY B 159 18.53 18.45 -30.49
C GLY B 159 19.75 18.33 -29.59
N PHE B 160 20.01 17.11 -29.15
CA PHE B 160 21.13 16.82 -28.26
C PHE B 160 21.30 15.30 -28.20
N CYS B 161 22.52 14.83 -28.43
CA CYS B 161 22.78 13.39 -28.41
C CYS B 161 24.02 12.97 -27.64
N THR B 162 24.20 11.65 -27.64
CA THR B 162 25.30 10.90 -27.01
C THR B 162 24.66 9.53 -26.83
N GLU B 163 25.41 8.57 -26.30
CA GLU B 163 24.88 7.24 -26.14
C GLU B 163 25.39 6.54 -24.90
N VAL B 164 24.62 5.55 -24.48
CA VAL B 164 24.96 4.69 -23.36
C VAL B 164 24.01 3.50 -23.51
N GLU B 165 24.47 2.34 -23.11
CA GLU B 165 23.73 1.08 -23.21
C GLU B 165 22.22 1.25 -23.22
N GLU B 166 21.60 0.56 -24.17
CA GLU B 166 20.16 0.58 -24.35
C GLU B 166 19.34 0.48 -23.04
N ASP B 167 19.87 -0.21 -22.05
CA ASP B 167 19.15 -0.36 -20.77
C ASP B 167 18.74 1.00 -20.20
N LEU B 168 19.62 1.99 -20.36
CA LEU B 168 19.35 3.33 -19.87
C LEU B 168 18.18 3.96 -20.60
N ILE B 169 17.96 3.52 -21.83
CA ILE B 169 16.87 4.04 -22.63
C ILE B 169 15.55 4.00 -21.88
N ASP B 170 15.31 2.90 -21.18
CA ASP B 170 14.07 2.77 -20.41
C ASP B 170 14.01 3.95 -19.45
N ALA B 171 15.15 4.27 -18.86
CA ALA B 171 15.26 5.40 -17.92
C ALA B 171 15.14 6.73 -18.65
N VAL B 172 16.11 7.02 -19.50
CA VAL B 172 16.13 8.26 -20.28
C VAL B 172 14.73 8.66 -20.73
N THR B 173 13.84 7.68 -20.82
CA THR B 173 12.47 7.97 -21.24
C THR B 173 11.69 8.57 -20.07
N GLY B 174 11.62 7.83 -18.97
CA GLY B 174 10.90 8.29 -17.80
C GLY B 174 11.35 9.69 -17.41
N LEU B 175 12.51 10.10 -17.93
CA LEU B 175 13.01 11.43 -17.64
C LEU B 175 12.65 12.39 -18.78
N SER B 176 13.61 12.57 -19.69
CA SER B 176 13.47 13.46 -20.84
C SER B 176 12.35 13.01 -21.76
N GLY B 177 12.06 11.71 -21.74
CA GLY B 177 11.02 11.20 -22.60
C GLY B 177 9.69 11.85 -22.28
N SER B 178 9.29 11.76 -21.02
CA SER B 178 8.04 12.34 -20.56
C SER B 178 8.20 13.82 -20.16
N GLY B 179 9.36 14.16 -19.57
CA GLY B 179 9.64 15.53 -19.18
C GLY B 179 8.74 16.56 -19.87
N PRO B 180 8.82 16.67 -21.20
CA PRO B 180 7.98 17.64 -21.90
C PRO B 180 6.53 17.71 -21.38
N ALA B 181 5.99 16.58 -20.96
CA ALA B 181 4.61 16.52 -20.46
C ALA B 181 4.53 17.12 -19.04
N TYR B 182 5.53 16.84 -18.23
CA TYR B 182 5.57 17.38 -16.87
C TYR B 182 5.48 18.90 -17.00
N ALA B 183 6.39 19.44 -17.81
CA ALA B 183 6.48 20.88 -18.08
C ALA B 183 5.21 21.53 -18.63
N PHE B 184 4.55 20.89 -19.59
CA PHE B 184 3.33 21.46 -20.15
C PHE B 184 2.29 21.62 -19.05
N THR B 185 2.49 20.86 -17.98
CA THR B 185 1.62 20.89 -16.84
C THR B 185 2.15 21.95 -15.92
N ALA B 186 3.43 21.85 -15.60
CA ALA B 186 4.07 22.84 -14.76
C ALA B 186 3.72 24.24 -15.28
N LEU B 187 3.59 24.38 -16.59
CA LEU B 187 3.23 25.68 -17.15
C LEU B 187 1.78 25.96 -16.88
N ASP B 188 0.90 25.39 -17.68
CA ASP B 188 -0.54 25.59 -17.47
C ASP B 188 -0.88 25.93 -16.01
N ALA B 189 -0.17 25.32 -15.07
CA ALA B 189 -0.37 25.56 -13.63
C ALA B 189 0.02 27.01 -13.35
N LEU B 190 1.34 27.30 -13.41
CA LEU B 190 1.86 28.66 -13.20
C LEU B 190 0.93 29.72 -13.87
N ALA B 191 0.69 29.53 -15.15
CA ALA B 191 -0.15 30.42 -15.92
C ALA B 191 -1.56 30.44 -15.40
N ASP B 192 -1.73 30.12 -14.13
CA ASP B 192 -3.05 30.10 -13.50
C ASP B 192 -2.79 30.86 -12.23
N GLY B 193 -1.71 30.50 -11.56
CA GLY B 193 -1.33 31.19 -10.35
C GLY B 193 -1.20 32.63 -10.76
N GLY B 194 -0.29 32.88 -11.72
CA GLY B 194 -0.09 34.22 -12.24
C GLY B 194 -1.42 34.87 -12.59
N VAL B 195 -2.31 34.16 -13.26
CA VAL B 195 -3.60 34.75 -13.59
C VAL B 195 -4.37 35.06 -12.31
N LYS B 196 -4.19 34.21 -11.30
CA LYS B 196 -4.89 34.42 -10.04
C LYS B 196 -4.43 35.76 -9.51
N MET B 197 -3.12 35.90 -9.37
CA MET B 197 -2.55 37.13 -8.86
C MET B 197 -2.81 38.38 -9.71
N GLY B 198 -3.36 38.23 -10.91
CA GLY B 198 -3.63 39.42 -11.69
C GLY B 198 -3.33 39.39 -13.18
N LEU B 199 -2.17 38.85 -13.56
CA LEU B 199 -1.78 38.78 -14.96
C LEU B 199 -2.89 38.18 -15.81
N PRO B 200 -2.94 38.57 -17.09
CA PRO B 200 -3.99 37.99 -17.93
C PRO B 200 -3.52 36.58 -18.30
N ARG B 201 -4.37 35.83 -18.97
CA ARG B 201 -4.02 34.48 -19.34
C ARG B 201 -2.73 34.41 -20.17
N ARG B 202 -2.84 34.68 -21.47
CA ARG B 202 -1.69 34.61 -22.37
C ARG B 202 -0.38 35.14 -21.79
N LEU B 203 -0.42 36.35 -21.23
CA LEU B 203 0.79 36.92 -20.66
C LEU B 203 1.45 36.01 -19.63
N ALA B 204 0.62 35.40 -18.79
CA ALA B 204 1.08 34.50 -17.74
C ALA B 204 1.83 33.28 -18.31
N VAL B 205 1.23 32.63 -19.30
CA VAL B 205 1.82 31.47 -19.94
C VAL B 205 3.20 31.79 -20.45
N ARG B 206 3.27 32.86 -21.25
CA ARG B 206 4.52 33.35 -21.85
C ARG B 206 5.63 33.48 -20.82
N LEU B 207 5.42 34.36 -19.85
CA LEU B 207 6.39 34.60 -18.80
C LEU B 207 6.78 33.28 -18.13
N GLY B 208 5.78 32.44 -17.87
CA GLY B 208 6.03 31.15 -17.24
C GLY B 208 6.98 30.33 -18.12
N ALA B 209 6.57 30.19 -19.38
CA ALA B 209 7.37 29.48 -20.35
C ALA B 209 8.78 30.08 -20.31
N GLN B 210 8.89 31.32 -20.77
CA GLN B 210 10.18 32.00 -20.82
C GLN B 210 11.03 31.74 -19.58
N ALA B 211 10.44 31.93 -18.41
CA ALA B 211 11.17 31.71 -17.16
C ALA B 211 11.80 30.34 -17.15
N LEU B 212 11.05 29.33 -17.58
CA LEU B 212 11.59 27.97 -17.63
C LEU B 212 12.65 27.91 -18.70
N LEU B 213 12.26 28.30 -19.91
CA LEU B 213 13.17 28.34 -21.05
C LEU B 213 14.51 28.90 -20.54
N GLY B 214 14.43 30.02 -19.83
CA GLY B 214 15.61 30.66 -19.31
C GLY B 214 16.41 29.75 -18.40
N ALA B 215 15.84 29.42 -17.24
CA ALA B 215 16.52 28.58 -16.24
C ALA B 215 17.31 27.43 -16.86
N ALA B 216 16.63 26.60 -17.64
CA ALA B 216 17.24 25.45 -18.32
C ALA B 216 18.53 25.89 -18.98
N LYS B 217 18.37 26.70 -20.02
CA LYS B 217 19.47 27.25 -20.80
C LYS B 217 20.54 27.65 -19.81
N MET B 218 20.14 28.44 -18.82
CA MET B 218 21.10 28.86 -17.84
C MET B 218 21.75 27.64 -17.19
N LEU B 219 20.97 26.66 -16.78
CA LEU B 219 21.54 25.48 -16.14
C LEU B 219 22.47 24.72 -17.07
N LEU B 220 22.03 24.53 -18.32
CA LEU B 220 22.84 23.82 -19.30
C LEU B 220 24.24 24.41 -19.47
N HIS B 221 24.32 25.61 -20.03
CA HIS B 221 25.60 26.27 -20.25
C HIS B 221 26.40 26.47 -18.96
N SER B 222 25.72 26.91 -17.92
CA SER B 222 26.37 27.17 -16.64
C SER B 222 27.24 26.06 -16.06
N GLU B 223 26.57 25.07 -15.48
CA GLU B 223 27.17 23.92 -14.79
C GLU B 223 26.72 24.14 -13.35
N GLN B 224 27.56 24.80 -12.55
CA GLN B 224 27.26 25.13 -11.16
C GLN B 224 26.55 24.08 -10.30
N HIS B 225 25.29 23.80 -10.62
CA HIS B 225 24.46 22.82 -9.88
C HIS B 225 23.11 23.48 -9.73
N PRO B 226 22.02 22.79 -10.11
CA PRO B 226 20.71 23.43 -9.97
C PRO B 226 20.52 24.04 -8.59
N GLY B 227 21.17 23.45 -7.59
CA GLY B 227 21.04 23.95 -6.23
C GLY B 227 21.64 25.33 -6.18
N GLN B 228 22.91 25.40 -6.55
CA GLN B 228 23.64 26.66 -6.59
C GLN B 228 22.80 27.75 -7.25
N LEU B 229 22.50 27.59 -8.53
CA LEU B 229 21.71 28.60 -9.22
C LEU B 229 20.46 29.01 -8.44
N LYS B 230 19.98 28.12 -7.56
CA LYS B 230 18.80 28.40 -6.74
C LYS B 230 19.16 29.47 -5.71
N ASP B 231 20.29 29.26 -5.03
CA ASP B 231 20.81 30.18 -4.03
C ASP B 231 21.04 31.52 -4.71
N ASN B 232 21.72 31.46 -5.86
CA ASN B 232 22.02 32.66 -6.65
C ASN B 232 20.78 33.48 -7.03
N VAL B 233 19.61 33.04 -6.58
CA VAL B 233 18.41 33.78 -6.93
C VAL B 233 17.54 33.99 -5.70
N SER B 234 18.03 33.52 -4.55
CA SER B 234 17.32 33.65 -3.28
C SER B 234 17.89 34.79 -2.42
N SER B 235 17.20 35.93 -2.38
CA SER B 235 17.64 37.07 -1.56
C SER B 235 17.04 36.82 -0.16
N PRO B 236 17.90 36.79 0.87
CA PRO B 236 17.45 36.55 2.24
C PRO B 236 16.03 37.01 2.49
N GLY B 237 15.75 38.20 1.97
CA GLY B 237 14.43 38.75 2.10
C GLY B 237 13.39 37.69 1.83
N GLY B 238 13.17 37.41 0.55
CA GLY B 238 12.18 36.42 0.21
C GLY B 238 11.56 36.57 -1.16
N ALA B 239 10.23 36.48 -1.19
CA ALA B 239 9.45 36.55 -2.43
C ALA B 239 9.73 35.25 -3.21
N THR B 240 11.01 34.94 -3.34
CA THR B 240 11.43 33.74 -4.02
C THR B 240 11.61 32.70 -2.94
N ILE B 241 12.71 32.77 -2.18
CA ILE B 241 12.95 31.81 -1.11
C ILE B 241 11.65 31.55 -0.35
N HIS B 242 10.71 32.48 -0.44
CA HIS B 242 9.47 32.26 0.24
C HIS B 242 8.67 31.22 -0.50
N ALA B 243 8.46 31.43 -1.80
CA ALA B 243 7.72 30.47 -2.59
C ALA B 243 8.44 29.12 -2.56
N LEU B 244 9.76 29.12 -2.63
CA LEU B 244 10.44 27.85 -2.59
C LEU B 244 9.90 27.07 -1.39
N HIS B 245 9.96 27.71 -0.23
CA HIS B 245 9.47 27.10 1.01
C HIS B 245 8.08 26.50 0.80
N VAL B 246 7.24 27.17 0.03
CA VAL B 246 5.89 26.69 -0.23
C VAL B 246 5.89 25.38 -1.02
N LEU B 247 6.82 25.26 -1.97
CA LEU B 247 6.93 24.06 -2.79
C LEU B 247 7.53 23.00 -1.90
N GLU B 248 8.71 23.29 -1.34
CA GLU B 248 9.36 22.32 -0.47
C GLU B 248 8.39 21.76 0.58
N SER B 249 7.22 22.39 0.69
CA SER B 249 6.24 21.97 1.67
C SER B 249 5.27 20.94 1.15
N GLY B 250 4.95 21.02 -0.14
CA GLY B 250 4.07 20.02 -0.71
C GLY B 250 4.94 18.95 -1.34
N GLY B 251 6.14 18.76 -0.80
CA GLY B 251 7.04 17.77 -1.34
C GLY B 251 7.19 17.85 -2.85
N PHE B 252 7.32 19.08 -3.35
CA PHE B 252 7.44 19.37 -4.78
C PHE B 252 8.44 18.47 -5.50
N ARG B 253 9.57 18.20 -4.87
CA ARG B 253 10.55 17.33 -5.49
C ARG B 253 9.96 15.92 -5.56
N SER B 254 9.64 15.33 -4.41
CA SER B 254 9.02 14.00 -4.37
C SER B 254 8.18 13.80 -5.59
N LEU B 255 7.27 14.73 -5.84
CA LEU B 255 6.40 14.56 -6.97
C LEU B 255 7.12 14.43 -8.29
N LEU B 256 8.33 14.96 -8.41
CA LEU B 256 8.99 14.80 -9.68
C LEU B 256 9.63 13.42 -9.77
N ILE B 257 10.35 13.00 -8.72
CA ILE B 257 10.95 11.66 -8.67
C ILE B 257 9.80 10.71 -8.97
N ASN B 258 8.70 10.91 -8.27
CA ASN B 258 7.53 10.09 -8.46
C ASN B 258 7.09 9.99 -9.91
N ALA B 259 7.40 11.01 -10.71
CA ALA B 259 6.97 11.00 -12.10
C ALA B 259 7.95 10.31 -13.02
N VAL B 260 9.25 10.52 -12.82
CA VAL B 260 10.20 9.89 -13.70
C VAL B 260 10.05 8.37 -13.48
N GLU B 261 10.22 7.95 -12.22
CA GLU B 261 10.10 6.55 -11.82
C GLU B 261 8.81 5.93 -12.32
N ALA B 262 7.69 6.61 -12.15
CA ALA B 262 6.43 6.06 -12.60
C ALA B 262 6.48 5.89 -14.11
N SER B 263 7.09 6.85 -14.81
CA SER B 263 7.17 6.79 -16.27
C SER B 263 8.07 5.66 -16.71
N CYS B 264 9.19 5.53 -16.04
CA CYS B 264 10.13 4.48 -16.36
C CYS B 264 9.55 3.08 -16.08
N ILE B 265 9.15 2.85 -14.83
CA ILE B 265 8.57 1.56 -14.45
C ILE B 265 7.49 1.18 -15.46
N ARG B 266 6.72 2.15 -15.93
CA ARG B 266 5.68 1.83 -16.90
C ARG B 266 6.22 1.60 -18.29
N THR B 267 7.43 2.07 -18.55
CA THR B 267 8.01 1.88 -19.86
C THR B 267 8.55 0.46 -19.88
N ARG B 268 9.00 0.00 -18.72
CA ARG B 268 9.47 -1.37 -18.62
C ARG B 268 8.26 -2.28 -18.83
N GLU B 269 7.23 -2.09 -18.03
CA GLU B 269 6.02 -2.92 -18.14
C GLU B 269 5.56 -3.07 -19.57
N LEU B 270 5.94 -2.11 -20.40
CA LEU B 270 5.55 -2.15 -21.79
C LEU B 270 6.36 -3.12 -22.61
N GLN B 271 7.66 -3.20 -22.34
CA GLN B 271 8.50 -4.14 -23.08
C GLN B 271 8.11 -5.56 -22.67
N SER B 272 7.82 -5.76 -21.38
CA SER B 272 7.41 -7.07 -20.88
C SER B 272 6.06 -7.48 -21.44
N MET B 273 5.80 -7.04 -22.66
CA MET B 273 4.58 -7.33 -23.39
C MET B 273 4.99 -7.47 -24.84
N ALA B 274 5.91 -6.61 -25.27
CA ALA B 274 6.42 -6.65 -26.64
C ALA B 274 7.48 -7.75 -26.61
N ASP B 275 7.93 -8.07 -25.40
CA ASP B 275 8.94 -9.09 -25.14
C ASP B 275 8.28 -10.27 -24.42
N GLN B 276 7.02 -10.54 -24.73
CA GLN B 276 6.30 -11.64 -24.08
C GLN B 276 5.28 -12.27 -25.02
N GLU B 277 4.56 -11.44 -25.75
CA GLU B 277 3.52 -11.91 -26.68
C GLU B 277 3.61 -11.19 -28.02
N ARG C 1 -46.95 -23.46 15.49
CA ARG C 1 -47.72 -23.61 16.76
C ARG C 1 -46.79 -24.04 17.91
N GLY C 2 -47.23 -25.01 18.70
CA GLY C 2 -46.44 -25.50 19.82
C GLY C 2 -44.98 -25.68 19.43
N MET C 3 -44.10 -24.93 20.10
CA MET C 3 -42.68 -24.99 19.77
C MET C 3 -41.73 -24.77 20.95
N SER C 4 -40.62 -25.49 20.94
CA SER C 4 -39.59 -25.39 21.97
C SER C 4 -38.31 -24.89 21.28
N VAL C 5 -37.33 -24.50 22.06
CA VAL C 5 -36.05 -24.03 21.52
C VAL C 5 -34.97 -24.28 22.57
N GLY C 6 -33.72 -24.35 22.13
CA GLY C 6 -32.64 -24.60 23.07
C GLY C 6 -31.42 -23.77 22.75
N PHE C 7 -30.50 -23.65 23.69
CA PHE C 7 -29.29 -22.87 23.46
C PHE C 7 -28.00 -23.56 23.87
N ILE C 8 -27.34 -24.19 22.90
CA ILE C 8 -26.07 -24.85 23.17
C ILE C 8 -25.06 -23.71 23.22
N GLY C 9 -25.22 -22.77 22.30
CA GLY C 9 -24.36 -21.62 22.29
C GLY C 9 -24.97 -20.67 23.31
N ALA C 10 -24.78 -20.99 24.59
CA ALA C 10 -25.32 -20.19 25.68
C ALA C 10 -24.35 -19.09 26.12
N GLY C 11 -24.85 -17.85 26.15
CA GLY C 11 -24.03 -16.73 26.54
C GLY C 11 -24.39 -15.50 25.73
N GLN C 12 -23.43 -14.59 25.58
CA GLN C 12 -23.60 -13.34 24.84
C GLN C 12 -24.94 -13.18 24.14
N LEU C 13 -24.90 -13.17 22.80
CA LEU C 13 -26.09 -12.98 21.97
C LEU C 13 -27.16 -14.08 22.13
N ALA C 14 -26.98 -14.97 23.10
CA ALA C 14 -27.97 -16.02 23.34
C ALA C 14 -29.01 -15.41 24.27
N PHE C 15 -28.49 -14.76 25.31
CA PHE C 15 -29.30 -14.07 26.31
C PHE C 15 -30.19 -13.08 25.57
N ALA C 16 -29.59 -12.33 24.66
CA ALA C 16 -30.29 -11.33 23.86
C ALA C 16 -31.52 -11.99 23.22
N LEU C 17 -31.25 -13.03 22.42
CA LEU C 17 -32.29 -13.78 21.75
C LEU C 17 -33.35 -14.13 22.78
N ALA C 18 -32.91 -14.74 23.88
CA ALA C 18 -33.81 -15.13 24.95
C ALA C 18 -34.76 -14.00 25.33
N LYS C 19 -34.27 -13.05 26.14
CA LYS C 19 -35.07 -11.91 26.60
C LYS C 19 -35.88 -11.26 25.47
N GLY C 20 -35.50 -11.55 24.24
CA GLY C 20 -36.23 -10.99 23.12
C GLY C 20 -37.53 -11.74 22.88
N PHE C 21 -37.43 -13.07 22.78
CA PHE C 21 -38.61 -13.91 22.56
C PHE C 21 -39.56 -13.76 23.74
N THR C 22 -38.98 -13.45 24.90
CA THR C 22 -39.73 -13.25 26.13
C THR C 22 -40.77 -12.17 25.89
N ALA C 23 -40.29 -10.93 25.92
CA ALA C 23 -41.14 -9.75 25.71
C ALA C 23 -41.94 -9.92 24.43
N ALA C 24 -41.36 -10.60 23.45
CA ALA C 24 -42.01 -10.84 22.17
C ALA C 24 -43.45 -11.25 22.45
N GLY C 25 -43.64 -11.95 23.57
CA GLY C 25 -44.96 -12.39 23.95
C GLY C 25 -45.27 -13.69 23.22
N VAL C 26 -44.23 -14.37 22.73
CA VAL C 26 -44.43 -15.63 22.04
C VAL C 26 -43.46 -16.71 22.53
N LEU C 27 -43.19 -16.70 23.84
CA LEU C 27 -42.29 -17.71 24.41
C LEU C 27 -42.11 -17.63 25.93
N ALA C 28 -42.04 -18.80 26.56
CA ALA C 28 -41.84 -18.93 28.01
C ALA C 28 -40.45 -19.49 28.28
N ALA C 29 -39.71 -18.85 29.19
CA ALA C 29 -38.35 -19.24 29.53
C ALA C 29 -38.18 -20.68 29.99
N HIS C 30 -39.19 -21.51 29.75
CA HIS C 30 -39.15 -22.90 30.16
C HIS C 30 -39.28 -23.87 29.00
N LYS C 31 -39.73 -23.34 27.86
CA LYS C 31 -39.87 -24.16 26.67
C LYS C 31 -38.49 -24.19 26.02
N ILE C 32 -37.56 -23.47 26.64
CA ILE C 32 -36.18 -23.39 26.17
C ILE C 32 -35.15 -23.58 27.29
N MET C 33 -34.26 -24.54 27.09
CA MET C 33 -33.22 -24.85 28.07
C MET C 33 -31.97 -24.08 27.64
N ALA C 34 -31.06 -23.87 28.59
CA ALA C 34 -29.83 -23.14 28.30
C ALA C 34 -28.58 -23.92 28.66
N SER C 35 -28.22 -24.88 27.81
CA SER C 35 -27.02 -25.67 28.06
C SER C 35 -25.83 -24.78 27.74
N SER C 36 -25.01 -24.50 28.75
CA SER C 36 -23.85 -23.64 28.54
C SER C 36 -22.54 -24.31 28.93
N PRO C 37 -21.56 -24.31 28.01
CA PRO C 37 -20.26 -24.92 28.29
C PRO C 37 -19.51 -24.00 29.25
N ASP C 38 -19.68 -24.26 30.54
CA ASP C 38 -19.08 -23.47 31.62
C ASP C 38 -19.99 -22.28 31.93
N MET C 39 -19.47 -21.28 32.65
CA MET C 39 -20.29 -20.12 32.99
C MET C 39 -19.52 -18.81 33.10
N ASP C 40 -20.28 -17.73 33.24
CA ASP C 40 -19.74 -16.37 33.37
C ASP C 40 -20.88 -15.49 33.89
N LEU C 41 -20.55 -14.50 34.72
CA LEU C 41 -21.57 -13.60 35.28
C LEU C 41 -22.16 -12.70 34.19
N ALA C 42 -21.34 -12.36 33.20
CA ALA C 42 -21.74 -11.51 32.08
C ALA C 42 -23.18 -11.74 31.63
N THR C 43 -23.40 -12.85 30.93
CA THR C 43 -24.74 -13.17 30.43
C THR C 43 -25.12 -14.64 30.66
N VAL C 44 -24.20 -15.42 31.22
CA VAL C 44 -24.44 -16.83 31.51
C VAL C 44 -25.04 -16.95 32.92
N SER C 45 -24.93 -15.86 33.68
CA SER C 45 -25.45 -15.82 35.05
C SER C 45 -26.75 -15.03 35.10
N ALA C 46 -26.76 -13.83 34.51
CA ALA C 46 -27.96 -12.99 34.49
C ALA C 46 -29.08 -13.74 33.76
N LEU C 47 -28.70 -14.83 33.09
CA LEU C 47 -29.62 -15.70 32.36
C LEU C 47 -30.35 -16.52 33.40
N ARG C 48 -29.64 -16.82 34.48
CA ARG C 48 -30.16 -17.59 35.61
C ARG C 48 -31.43 -16.94 36.14
N LYS C 49 -31.25 -15.85 36.89
CA LYS C 49 -32.32 -15.09 37.52
C LYS C 49 -33.51 -14.86 36.57
N MET C 50 -33.29 -15.08 35.28
CA MET C 50 -34.33 -14.92 34.28
C MET C 50 -35.40 -15.99 34.47
N GLY C 51 -34.98 -17.25 34.34
CA GLY C 51 -35.92 -18.35 34.48
C GLY C 51 -35.69 -19.31 33.33
N VAL C 52 -34.47 -19.30 32.81
CA VAL C 52 -34.10 -20.18 31.70
C VAL C 52 -33.18 -21.25 32.27
N LYS C 53 -33.69 -22.49 32.35
CA LYS C 53 -32.93 -23.62 32.90
C LYS C 53 -31.57 -23.83 32.23
N LEU C 54 -30.52 -23.99 33.05
CA LEU C 54 -29.18 -24.22 32.55
C LEU C 54 -28.78 -25.68 32.66
N THR C 55 -28.46 -26.29 31.53
CA THR C 55 -28.04 -27.68 31.50
C THR C 55 -26.53 -27.74 31.35
N PRO C 56 -25.84 -28.38 32.31
CA PRO C 56 -24.38 -28.47 32.23
C PRO C 56 -23.92 -29.35 31.05
N HIS C 57 -24.89 -29.86 30.29
CA HIS C 57 -24.61 -30.71 29.13
C HIS C 57 -25.40 -30.29 27.89
N ASN C 58 -24.66 -30.01 26.80
CA ASN C 58 -25.25 -29.59 25.52
C ASN C 58 -26.16 -30.68 24.95
N LYS C 59 -26.50 -31.66 25.78
CA LYS C 59 -27.32 -32.78 25.37
C LYS C 59 -28.76 -32.60 25.83
N GLU C 60 -28.95 -32.51 27.15
CA GLU C 60 -30.27 -32.35 27.74
C GLU C 60 -31.05 -31.21 27.10
N THR C 61 -30.34 -30.30 26.44
CA THR C 61 -30.96 -29.16 25.78
C THR C 61 -31.51 -29.54 24.40
N VAL C 62 -30.98 -30.63 23.85
CA VAL C 62 -31.38 -31.13 22.54
C VAL C 62 -32.65 -31.98 22.61
N GLN C 63 -33.17 -32.20 23.82
CA GLN C 63 -34.35 -33.02 24.04
C GLN C 63 -35.69 -32.33 23.85
N HIS C 64 -36.16 -31.62 24.87
CA HIS C 64 -37.42 -30.91 24.83
C HIS C 64 -37.52 -30.12 23.52
N SER C 65 -36.37 -29.94 22.88
CA SER C 65 -36.23 -29.21 21.63
C SER C 65 -37.29 -29.44 20.55
N ASP C 66 -37.15 -28.66 19.48
CA ASP C 66 -38.02 -28.68 18.30
C ASP C 66 -37.33 -27.72 17.32
N VAL C 67 -36.19 -27.19 17.75
CA VAL C 67 -35.35 -26.25 16.99
C VAL C 67 -34.39 -25.63 17.99
N LEU C 68 -33.10 -25.58 17.62
CA LEU C 68 -32.12 -25.02 18.53
C LEU C 68 -31.10 -24.13 17.83
N PHE C 69 -30.79 -23.00 18.48
CA PHE C 69 -29.81 -22.06 17.94
C PHE C 69 -28.42 -22.41 18.45
N LEU C 70 -27.65 -23.05 17.58
CA LEU C 70 -26.29 -23.43 17.91
C LEU C 70 -25.41 -22.20 17.77
N ALA C 71 -25.58 -21.25 18.69
CA ALA C 71 -24.82 -20.00 18.65
C ALA C 71 -23.59 -19.98 19.54
N VAL C 72 -22.53 -20.66 19.08
CA VAL C 72 -21.27 -20.71 19.81
C VAL C 72 -20.20 -20.06 18.92
N LYS C 73 -19.18 -19.47 19.53
CA LYS C 73 -18.12 -18.83 18.74
C LYS C 73 -17.60 -19.86 17.74
N PRO C 74 -17.70 -19.55 16.43
CA PRO C 74 -17.28 -20.41 15.31
C PRO C 74 -16.21 -21.47 15.59
N HIS C 75 -15.17 -21.11 16.34
CA HIS C 75 -14.10 -22.05 16.66
C HIS C 75 -14.59 -23.24 17.49
N ILE C 76 -15.85 -23.17 17.93
CA ILE C 76 -16.44 -24.22 18.75
C ILE C 76 -17.62 -24.88 18.04
N ILE C 77 -18.02 -24.34 16.89
CA ILE C 77 -19.12 -24.94 16.15
C ILE C 77 -18.81 -26.40 15.86
N PRO C 78 -17.54 -26.72 15.55
CA PRO C 78 -17.10 -28.10 15.25
C PRO C 78 -17.11 -29.03 16.47
N PHE C 79 -16.44 -28.63 17.55
CA PHE C 79 -16.37 -29.41 18.78
C PHE C 79 -17.77 -29.86 19.23
N ILE C 80 -18.74 -28.97 19.07
CA ILE C 80 -20.13 -29.23 19.46
C ILE C 80 -20.91 -30.11 18.49
N LEU C 81 -20.68 -29.97 17.19
CA LEU C 81 -21.40 -30.78 16.19
C LEU C 81 -20.91 -32.23 16.16
N ASP C 82 -19.84 -32.52 16.90
CA ASP C 82 -19.30 -33.87 17.01
C ASP C 82 -20.06 -34.49 18.17
N GLU C 83 -20.63 -33.63 18.99
CA GLU C 83 -21.39 -34.00 20.18
C GLU C 83 -22.89 -34.15 19.86
N ILE C 84 -23.31 -33.59 18.72
CA ILE C 84 -24.72 -33.65 18.31
C ILE C 84 -24.92 -34.55 17.08
N GLY C 85 -23.82 -34.87 16.40
CA GLY C 85 -23.90 -35.70 15.21
C GLY C 85 -24.85 -36.89 15.37
N ALA C 86 -24.46 -37.85 16.20
CA ALA C 86 -25.28 -39.04 16.44
C ALA C 86 -26.44 -38.71 17.39
N ASP C 87 -26.62 -37.42 17.66
CA ASP C 87 -27.67 -36.93 18.56
C ASP C 87 -28.72 -36.11 17.79
N ILE C 88 -28.61 -36.12 16.47
CA ILE C 88 -29.55 -35.40 15.62
C ILE C 88 -30.83 -36.21 15.53
N GLU C 89 -31.88 -35.60 15.01
CA GLU C 89 -33.17 -36.28 14.84
C GLU C 89 -33.96 -35.72 13.66
N ASP C 90 -35.27 -35.73 13.76
CA ASP C 90 -36.11 -35.24 12.67
C ASP C 90 -36.91 -34.01 13.04
N ARG C 91 -37.42 -33.99 14.27
CA ARG C 91 -38.23 -32.88 14.74
C ARG C 91 -37.56 -31.50 14.74
N HIS C 92 -36.31 -31.43 15.21
CA HIS C 92 -35.60 -30.15 15.29
C HIS C 92 -34.77 -29.74 14.07
N ILE C 93 -34.70 -28.42 13.86
CA ILE C 93 -33.92 -27.84 12.78
C ILE C 93 -32.81 -27.04 13.48
N VAL C 94 -31.61 -27.07 12.92
CA VAL C 94 -30.47 -26.35 13.52
C VAL C 94 -30.34 -24.93 12.97
N VAL C 95 -30.98 -23.98 13.67
CA VAL C 95 -30.93 -22.58 13.30
C VAL C 95 -29.62 -22.00 13.84
N SER C 96 -28.50 -22.52 13.36
CA SER C 96 -27.20 -22.05 13.79
C SER C 96 -26.93 -20.66 13.27
N CYS C 97 -26.84 -19.71 14.18
CA CYS C 97 -26.56 -18.34 13.80
C CYS C 97 -25.24 -17.98 14.47
N ALA C 98 -24.18 -18.01 13.66
CA ALA C 98 -22.81 -17.67 14.08
C ALA C 98 -22.11 -17.09 12.85
N ALA C 99 -21.17 -16.18 13.07
CA ALA C 99 -20.45 -15.53 11.97
C ALA C 99 -19.24 -16.30 11.42
N GLY C 100 -19.17 -16.43 10.10
CA GLY C 100 -18.07 -17.13 9.46
C GLY C 100 -18.22 -18.63 9.28
N VAL C 101 -19.34 -19.18 9.74
CA VAL C 101 -19.57 -20.62 9.63
C VAL C 101 -20.55 -20.91 8.51
N THR C 102 -20.06 -21.54 7.45
CA THR C 102 -20.87 -21.89 6.28
C THR C 102 -22.05 -22.80 6.64
N ILE C 103 -23.00 -22.92 5.71
CA ILE C 103 -24.14 -23.80 5.90
C ILE C 103 -23.69 -25.19 5.45
N SER C 104 -22.72 -25.21 4.55
CA SER C 104 -22.15 -26.44 3.99
C SER C 104 -21.03 -26.97 4.90
N SER C 105 -20.79 -26.25 5.99
CA SER C 105 -19.76 -26.63 6.95
C SER C 105 -20.48 -27.51 7.97
N ILE C 106 -21.72 -27.12 8.28
CA ILE C 106 -22.57 -27.83 9.22
C ILE C 106 -23.33 -28.95 8.51
N GLU C 107 -23.66 -28.73 7.25
CA GLU C 107 -24.38 -29.73 6.48
C GLU C 107 -23.43 -30.80 5.95
N LYS C 108 -22.13 -30.52 5.99
CA LYS C 108 -21.12 -31.46 5.54
C LYS C 108 -20.23 -31.82 6.72
N LYS C 109 -20.88 -32.31 7.77
CA LYS C 109 -20.23 -32.72 9.01
C LYS C 109 -21.29 -33.37 9.92
N LEU C 110 -22.56 -33.02 9.68
CA LEU C 110 -23.68 -33.55 10.45
C LEU C 110 -24.44 -34.58 9.61
N SER C 111 -24.57 -34.33 8.32
CA SER C 111 -25.28 -35.24 7.42
C SER C 111 -24.52 -36.57 7.33
N ALA C 112 -23.30 -36.58 7.87
CA ALA C 112 -22.47 -37.78 7.88
C ALA C 112 -22.89 -38.70 9.03
N PHE C 113 -23.88 -38.28 9.79
CA PHE C 113 -24.41 -39.05 10.92
C PHE C 113 -25.89 -39.37 10.68
N ARG C 114 -26.73 -38.36 10.88
CA ARG C 114 -28.18 -38.46 10.72
C ARG C 114 -28.53 -38.35 9.23
N PRO C 115 -29.73 -38.81 8.83
CA PRO C 115 -30.18 -38.75 7.43
C PRO C 115 -29.86 -37.42 6.73
N ALA C 116 -30.82 -36.51 6.77
CA ALA C 116 -30.66 -35.20 6.17
C ALA C 116 -30.88 -34.12 7.22
N PRO C 117 -29.81 -33.69 7.90
CA PRO C 117 -29.94 -32.66 8.93
C PRO C 117 -30.36 -31.30 8.34
N ARG C 118 -31.51 -30.80 8.82
CA ARG C 118 -32.09 -29.52 8.37
C ARG C 118 -31.35 -28.34 9.03
N VAL C 119 -30.54 -27.62 8.26
CA VAL C 119 -29.77 -26.50 8.81
C VAL C 119 -29.96 -25.15 8.11
N ILE C 120 -30.26 -24.11 8.89
CA ILE C 120 -30.41 -22.76 8.36
C ILE C 120 -29.46 -21.77 9.07
N ARG C 121 -28.48 -21.26 8.33
CA ARG C 121 -27.51 -20.29 8.86
C ARG C 121 -28.29 -18.98 8.98
N CYS C 122 -27.98 -18.18 9.99
CA CYS C 122 -28.69 -16.93 10.18
C CYS C 122 -27.84 -15.89 10.89
N MET C 123 -28.06 -14.62 10.53
CA MET C 123 -27.30 -13.52 11.12
C MET C 123 -28.23 -12.51 11.78
N THR C 124 -27.86 -12.04 12.97
CA THR C 124 -28.63 -11.03 13.70
C THR C 124 -27.67 -10.31 14.65
N ASN C 125 -28.13 -9.20 15.21
CA ASN C 125 -27.30 -8.39 16.10
C ASN C 125 -27.79 -8.36 17.54
N THR C 126 -27.04 -7.64 18.37
CA THR C 126 -27.37 -7.51 19.79
C THR C 126 -28.69 -6.81 20.09
N PRO C 127 -28.97 -5.69 19.39
CA PRO C 127 -30.22 -4.94 19.60
C PRO C 127 -31.48 -5.77 19.50
N VAL C 128 -31.31 -7.09 19.48
CA VAL C 128 -32.46 -7.98 19.45
C VAL C 128 -32.89 -8.01 20.92
N VAL C 129 -32.00 -7.57 21.80
CA VAL C 129 -32.28 -7.50 23.22
C VAL C 129 -33.54 -6.68 23.35
N VAL C 130 -33.79 -5.90 22.30
CA VAL C 130 -34.96 -5.06 22.21
C VAL C 130 -35.67 -5.57 20.95
N ARG C 131 -36.77 -4.95 20.56
CA ARG C 131 -37.45 -5.41 19.37
C ARG C 131 -36.73 -4.87 18.13
N GLU C 132 -35.58 -4.23 18.31
CA GLU C 132 -34.88 -3.65 17.18
C GLU C 132 -33.57 -4.31 16.76
N GLY C 133 -33.65 -5.55 16.30
CA GLY C 133 -32.46 -6.23 15.85
C GLY C 133 -32.61 -6.50 14.36
N ALA C 134 -31.51 -6.37 13.62
CA ALA C 134 -31.55 -6.65 12.18
C ALA C 134 -31.28 -8.13 12.08
N THR C 135 -32.17 -8.88 11.44
CA THR C 135 -31.99 -10.32 11.33
C THR C 135 -32.26 -10.90 9.94
N VAL C 136 -31.29 -11.64 9.42
CA VAL C 136 -31.41 -12.26 8.11
C VAL C 136 -30.93 -13.70 8.17
N TYR C 137 -31.65 -14.58 7.45
CA TYR C 137 -31.34 -16.01 7.42
C TYR C 137 -31.22 -16.58 6.00
N ALA C 138 -30.90 -17.87 5.93
CA ALA C 138 -30.76 -18.57 4.67
C ALA C 138 -31.14 -20.05 4.86
N THR C 139 -32.03 -20.56 4.00
CA THR C 139 -32.48 -21.95 4.07
C THR C 139 -31.77 -22.81 3.01
N GLY C 140 -30.91 -23.72 3.47
CA GLY C 140 -30.16 -24.57 2.56
C GLY C 140 -30.51 -26.05 2.55
N THR C 141 -30.66 -26.57 1.33
CA THR C 141 -30.99 -27.98 1.08
C THR C 141 -32.12 -28.54 1.92
N HIS C 142 -31.76 -29.12 3.06
CA HIS C 142 -32.72 -29.75 3.97
C HIS C 142 -33.64 -28.75 4.68
N ALA C 143 -34.40 -27.99 3.90
CA ALA C 143 -35.34 -27.00 4.42
C ALA C 143 -36.52 -26.87 3.46
N GLN C 144 -37.73 -26.99 4.00
CA GLN C 144 -38.96 -26.91 3.20
C GLN C 144 -39.54 -25.50 3.05
N VAL C 145 -40.72 -25.42 2.45
CA VAL C 145 -41.41 -24.13 2.26
C VAL C 145 -42.10 -23.77 3.57
N GLU C 146 -41.80 -24.54 4.61
CA GLU C 146 -42.37 -24.34 5.93
C GLU C 146 -41.23 -24.26 6.94
N ASP C 147 -40.00 -24.47 6.44
CA ASP C 147 -38.77 -24.42 7.26
C ASP C 147 -38.17 -23.00 7.33
N GLY C 148 -38.76 -22.08 6.57
CA GLY C 148 -38.27 -20.71 6.57
C GLY C 148 -39.36 -19.79 7.06
N ARG C 149 -40.58 -20.33 7.11
CA ARG C 149 -41.73 -19.55 7.56
C ARG C 149 -41.68 -19.31 9.06
N LEU C 150 -41.46 -20.38 9.82
CA LEU C 150 -41.39 -20.26 11.27
C LEU C 150 -40.32 -19.25 11.66
N MET C 151 -39.29 -19.12 10.82
CA MET C 151 -38.20 -18.18 11.04
C MET C 151 -38.63 -16.72 10.88
N GLU C 152 -39.16 -16.38 9.70
CA GLU C 152 -39.63 -15.02 9.40
C GLU C 152 -40.92 -14.68 10.17
N GLN C 153 -41.10 -15.36 11.30
CA GLN C 153 -42.26 -15.15 12.15
C GLN C 153 -41.75 -15.24 13.58
N LEU C 154 -40.78 -16.11 13.81
CA LEU C 154 -40.18 -16.29 15.13
C LEU C 154 -39.33 -15.09 15.50
N LEU C 155 -38.35 -14.80 14.65
CA LEU C 155 -37.43 -13.69 14.86
C LEU C 155 -38.04 -12.41 14.28
N SER C 156 -38.94 -12.58 13.32
CA SER C 156 -39.60 -11.46 12.65
C SER C 156 -40.37 -10.58 13.63
N SER C 157 -40.41 -10.99 14.89
CA SER C 157 -41.14 -10.23 15.91
C SER C 157 -40.19 -9.40 16.77
N VAL C 158 -38.93 -9.84 16.83
CA VAL C 158 -37.91 -9.17 17.62
C VAL C 158 -36.96 -8.38 16.74
N GLY C 159 -37.49 -7.77 15.68
CA GLY C 159 -36.66 -6.98 14.81
C GLY C 159 -37.08 -7.02 13.36
N PHE C 160 -36.12 -6.81 12.47
CA PHE C 160 -36.36 -6.84 11.04
C PHE C 160 -36.03 -8.25 10.58
N CYS C 161 -36.68 -8.73 9.52
CA CYS C 161 -36.40 -10.08 9.07
C CYS C 161 -36.84 -10.41 7.65
N THR C 162 -35.98 -11.13 6.94
CA THR C 162 -36.21 -11.60 5.57
C THR C 162 -35.06 -12.54 5.20
N GLU C 163 -35.20 -13.23 4.07
CA GLU C 163 -34.20 -14.19 3.61
C GLU C 163 -33.37 -13.74 2.40
N VAL C 164 -32.09 -14.10 2.44
CA VAL C 164 -31.14 -13.75 1.38
C VAL C 164 -30.13 -14.90 1.26
N GLU C 165 -29.68 -15.18 0.03
CA GLU C 165 -28.71 -16.24 -0.18
C GLU C 165 -27.55 -16.12 0.80
N GLU C 166 -26.81 -17.20 1.02
CA GLU C 166 -25.71 -17.17 1.96
C GLU C 166 -24.49 -16.38 1.46
N ASP C 167 -24.51 -16.01 0.18
CA ASP C 167 -23.41 -15.21 -0.38
C ASP C 167 -23.54 -13.77 0.15
N LEU C 168 -24.77 -13.40 0.51
CA LEU C 168 -25.08 -12.09 1.04
C LEU C 168 -24.78 -11.98 2.53
N ILE C 169 -25.14 -13.03 3.27
CA ILE C 169 -24.91 -13.05 4.71
C ILE C 169 -23.55 -12.53 5.16
N ASP C 170 -22.50 -12.84 4.42
CA ASP C 170 -21.18 -12.35 4.83
C ASP C 170 -21.15 -10.82 4.70
N ALA C 171 -21.79 -10.30 3.65
CA ALA C 171 -21.87 -8.85 3.44
C ALA C 171 -22.68 -8.31 4.62
N VAL C 172 -23.96 -8.67 4.68
CA VAL C 172 -24.84 -8.25 5.78
C VAL C 172 -24.09 -8.12 7.10
N THR C 173 -23.34 -9.15 7.44
CA THR C 173 -22.57 -9.17 8.68
C THR C 173 -21.76 -7.86 8.81
N GLY C 174 -21.34 -7.30 7.69
CA GLY C 174 -20.59 -6.06 7.72
C GLY C 174 -21.47 -4.83 7.95
N LEU C 175 -22.68 -4.88 7.39
CA LEU C 175 -23.61 -3.78 7.55
C LEU C 175 -24.27 -3.85 8.92
N SER C 176 -25.46 -4.43 8.95
CA SER C 176 -26.21 -4.62 10.19
C SER C 176 -25.39 -5.48 11.15
N GLY C 177 -24.38 -6.15 10.61
CA GLY C 177 -23.57 -6.98 11.46
C GLY C 177 -22.89 -6.15 12.52
N SER C 178 -21.83 -5.47 12.14
CA SER C 178 -21.07 -4.65 13.08
C SER C 178 -21.73 -3.26 13.30
N GLY C 179 -22.67 -2.92 12.41
CA GLY C 179 -23.36 -1.65 12.51
C GLY C 179 -23.44 -1.10 13.92
N PRO C 180 -24.22 -1.75 14.80
CA PRO C 180 -24.38 -1.33 16.19
C PRO C 180 -23.11 -0.80 16.85
N ALA C 181 -21.98 -1.36 16.48
CA ALA C 181 -20.72 -0.92 17.07
C ALA C 181 -20.20 0.36 16.40
N TYR C 182 -20.68 0.64 15.19
CA TYR C 182 -20.28 1.85 14.49
C TYR C 182 -20.99 2.94 15.26
N ALA C 183 -22.32 2.80 15.33
CA ALA C 183 -23.17 3.73 16.06
C ALA C 183 -22.63 3.99 17.46
N PHE C 184 -22.42 2.94 18.25
CA PHE C 184 -21.92 3.14 19.61
C PHE C 184 -20.71 4.06 19.64
N THR C 185 -19.94 4.06 18.57
CA THR C 185 -18.75 4.90 18.48
C THR C 185 -19.20 6.32 18.21
N ALA C 186 -19.96 6.50 17.14
CA ALA C 186 -20.47 7.81 16.80
C ALA C 186 -21.27 8.42 17.95
N LEU C 187 -21.73 7.60 18.90
CA LEU C 187 -22.50 8.13 20.02
C LEU C 187 -21.63 8.61 21.16
N ASP C 188 -20.40 8.11 21.22
CA ASP C 188 -19.49 8.54 22.27
C ASP C 188 -18.80 9.79 21.73
N ALA C 189 -18.95 10.03 20.43
CA ALA C 189 -18.32 11.20 19.81
C ALA C 189 -19.32 12.32 19.95
N LEU C 190 -20.45 12.22 19.25
CA LEU C 190 -21.49 13.23 19.33
C LEU C 190 -21.59 13.68 20.80
N ALA C 191 -21.74 12.71 21.69
CA ALA C 191 -21.82 12.95 23.12
C ALA C 191 -20.44 13.22 23.66
N ASP C 192 -19.70 14.13 23.02
CA ASP C 192 -18.34 14.48 23.42
C ASP C 192 -18.11 15.83 22.80
N GLY C 193 -18.59 15.96 21.56
CA GLY C 193 -18.46 17.23 20.88
C GLY C 193 -19.44 18.06 21.68
N GLY C 194 -20.69 17.60 21.72
CA GLY C 194 -21.73 18.27 22.46
C GLY C 194 -21.21 18.68 23.83
N VAL C 195 -20.57 17.76 24.52
CA VAL C 195 -20.05 18.13 25.82
C VAL C 195 -19.07 19.27 25.61
N LYS C 196 -18.13 19.13 24.68
CA LYS C 196 -17.14 20.18 24.42
C LYS C 196 -17.82 21.55 24.33
N MET C 197 -18.97 21.59 23.67
CA MET C 197 -19.76 22.79 23.49
C MET C 197 -20.63 23.21 24.67
N GLY C 198 -20.52 22.54 25.81
CA GLY C 198 -21.34 22.94 26.95
C GLY C 198 -22.13 21.83 27.62
N LEU C 199 -23.16 21.30 26.97
CA LEU C 199 -23.96 20.21 27.51
C LEU C 199 -23.31 19.28 28.55
N PRO C 200 -24.13 18.77 29.48
CA PRO C 200 -23.66 17.85 30.53
C PRO C 200 -23.57 16.47 29.87
N ARG C 201 -22.50 15.74 30.18
CA ARG C 201 -22.30 14.43 29.58
C ARG C 201 -23.54 13.55 29.38
N ARG C 202 -24.32 13.36 30.44
CA ARG C 202 -25.49 12.53 30.35
C ARG C 202 -26.50 13.02 29.31
N LEU C 203 -26.78 14.31 29.35
CA LEU C 203 -27.76 14.88 28.42
C LEU C 203 -27.29 14.79 27.00
N ALA C 204 -25.97 14.89 26.83
CA ALA C 204 -25.32 14.81 25.52
C ALA C 204 -25.62 13.45 24.89
N VAL C 205 -25.23 12.41 25.62
CA VAL C 205 -25.43 11.03 25.22
C VAL C 205 -26.87 10.74 24.81
N ARG C 206 -27.77 11.03 25.71
CA ARG C 206 -29.20 10.81 25.50
C ARG C 206 -29.77 11.54 24.29
N LEU C 207 -29.35 12.78 24.10
CA LEU C 207 -29.81 13.60 22.98
C LEU C 207 -29.29 13.03 21.67
N GLY C 208 -27.97 12.82 21.60
CA GLY C 208 -27.36 12.23 20.40
C GLY C 208 -28.13 10.97 20.07
N ALA C 209 -28.16 10.07 21.05
CA ALA C 209 -28.88 8.82 20.96
C ALA C 209 -30.26 9.03 20.35
N GLN C 210 -31.10 9.78 21.05
CA GLN C 210 -32.45 10.04 20.59
C GLN C 210 -32.46 10.64 19.17
N ALA C 211 -31.34 11.22 18.77
CA ALA C 211 -31.26 11.83 17.43
C ALA C 211 -31.08 10.77 16.35
N LEU C 212 -30.09 9.91 16.52
CA LEU C 212 -29.86 8.86 15.56
C LEU C 212 -31.13 8.02 15.53
N LEU C 213 -31.58 7.68 16.74
CA LEU C 213 -32.77 6.86 16.90
C LEU C 213 -33.89 7.41 16.03
N GLY C 214 -34.14 8.70 16.14
CA GLY C 214 -35.21 9.31 15.36
C GLY C 214 -34.90 9.25 13.89
N ALA C 215 -33.66 9.60 13.54
CA ALA C 215 -33.19 9.59 12.15
C ALA C 215 -33.55 8.27 11.45
N ALA C 216 -33.01 7.18 12.01
CA ALA C 216 -33.22 5.82 11.50
C ALA C 216 -34.69 5.52 11.26
N LYS C 217 -35.46 5.58 12.34
CA LYS C 217 -36.88 5.32 12.25
C LYS C 217 -37.47 6.19 11.17
N MET C 218 -36.93 7.40 11.04
CA MET C 218 -37.41 8.35 10.04
C MET C 218 -37.16 7.79 8.65
N LEU C 219 -35.93 7.36 8.41
CA LEU C 219 -35.56 6.79 7.12
C LEU C 219 -36.39 5.54 6.82
N LEU C 220 -36.64 4.75 7.87
CA LEU C 220 -37.44 3.54 7.73
C LEU C 220 -38.84 3.80 7.19
N HIS C 221 -39.71 4.40 7.99
CA HIS C 221 -41.09 4.67 7.57
C HIS C 221 -41.18 5.59 6.34
N SER C 222 -40.06 6.15 5.94
CA SER C 222 -40.02 7.04 4.80
C SER C 222 -40.01 6.35 3.45
N GLU C 223 -40.22 7.15 2.42
CA GLU C 223 -40.20 6.68 1.06
C GLU C 223 -39.01 7.42 0.44
N GLN C 224 -38.64 8.49 1.12
CA GLN C 224 -37.53 9.36 0.73
C GLN C 224 -36.16 8.69 0.73
N HIS C 225 -35.21 9.36 0.08
CA HIS C 225 -33.83 8.89 -0.02
C HIS C 225 -33.04 9.52 1.11
N PRO C 226 -32.09 8.80 1.70
CA PRO C 226 -31.32 9.40 2.79
C PRO C 226 -30.87 10.81 2.46
N GLY C 227 -30.52 11.03 1.21
CA GLY C 227 -30.08 12.35 0.79
C GLY C 227 -31.24 13.31 0.78
N GLN C 228 -32.36 12.88 0.21
CA GLN C 228 -33.56 13.71 0.14
C GLN C 228 -34.02 14.20 1.51
N LEU C 229 -33.55 13.53 2.57
CA LEU C 229 -33.88 13.92 3.92
C LEU C 229 -32.76 14.81 4.47
N LYS C 230 -31.53 14.51 4.07
CA LYS C 230 -30.39 15.34 4.48
C LYS C 230 -30.77 16.74 3.98
N ASP C 231 -31.18 16.80 2.72
CA ASP C 231 -31.59 18.03 2.07
C ASP C 231 -32.64 18.74 2.93
N ASN C 232 -33.70 18.00 3.27
CA ASN C 232 -34.81 18.50 4.08
C ASN C 232 -34.40 19.13 5.42
N VAL C 233 -33.38 18.57 6.06
CA VAL C 233 -32.95 19.07 7.37
C VAL C 233 -31.93 20.22 7.33
N SER C 234 -31.71 20.80 6.16
CA SER C 234 -30.73 21.88 6.09
C SER C 234 -31.28 23.24 5.70
N SER C 235 -30.87 24.25 6.46
CA SER C 235 -31.28 25.62 6.20
C SER C 235 -30.11 26.32 5.52
N PRO C 236 -30.36 26.90 4.33
CA PRO C 236 -29.30 27.59 3.57
C PRO C 236 -28.35 28.27 4.51
N GLY C 237 -28.93 28.96 5.48
CA GLY C 237 -28.11 29.66 6.45
C GLY C 237 -26.93 28.81 6.90
N GLY C 238 -27.22 27.84 7.76
CA GLY C 238 -26.14 27.02 8.24
C GLY C 238 -26.49 26.18 9.44
N ALA C 239 -25.55 26.08 10.35
CA ALA C 239 -25.70 25.28 11.57
C ALA C 239 -25.50 23.80 11.16
N THR C 240 -26.42 23.28 10.36
CA THR C 240 -26.36 21.90 9.87
C THR C 240 -25.45 21.77 8.64
N ILE C 241 -25.90 22.32 7.50
CA ILE C 241 -25.13 22.28 6.26
C ILE C 241 -23.71 22.76 6.54
N HIS C 242 -23.54 23.51 7.60
CA HIS C 242 -22.21 23.97 7.92
C HIS C 242 -21.52 22.83 8.57
N ALA C 243 -22.27 22.06 9.36
CA ALA C 243 -21.70 20.92 10.09
C ALA C 243 -21.40 19.79 9.09
N LEU C 244 -22.35 19.51 8.19
CA LEU C 244 -22.13 18.49 7.20
C LEU C 244 -20.78 18.75 6.53
N HIS C 245 -20.64 19.91 5.89
CA HIS C 245 -19.41 20.30 5.20
C HIS C 245 -18.16 19.89 5.96
N VAL C 246 -18.23 19.87 7.28
CA VAL C 246 -17.08 19.50 8.09
C VAL C 246 -16.88 17.97 8.11
N LEU C 247 -17.97 17.23 7.94
CA LEU C 247 -17.90 15.77 7.88
C LEU C 247 -17.34 15.47 6.52
N GLU C 248 -18.00 16.04 5.52
CA GLU C 248 -17.60 15.88 4.15
C GLU C 248 -16.10 16.14 3.97
N SER C 249 -15.56 17.10 4.70
CA SER C 249 -14.14 17.40 4.58
C SER C 249 -13.31 16.47 5.42
N GLY C 250 -13.73 15.22 5.52
CA GLY C 250 -12.96 14.29 6.32
C GLY C 250 -13.23 12.90 5.82
N GLY C 251 -14.03 12.83 4.76
CA GLY C 251 -14.34 11.55 4.18
C GLY C 251 -15.24 10.75 5.09
N PHE C 252 -16.21 11.43 5.70
CA PHE C 252 -17.14 10.77 6.57
C PHE C 252 -17.80 9.64 5.77
N ARG C 253 -18.36 9.98 4.62
CA ARG C 253 -18.99 9.01 3.73
C ARG C 253 -18.00 7.86 3.53
N SER C 254 -16.74 8.21 3.30
CA SER C 254 -15.65 7.27 3.12
C SER C 254 -15.71 6.53 4.45
N LEU C 255 -14.62 6.46 5.20
CA LEU C 255 -14.64 5.80 6.51
C LEU C 255 -15.72 4.76 6.78
N LEU C 256 -16.99 5.17 6.78
CA LEU C 256 -18.09 4.24 6.99
C LEU C 256 -18.03 3.09 5.97
N ILE C 257 -17.77 3.41 4.71
CA ILE C 257 -17.68 2.39 3.69
C ILE C 257 -16.47 1.52 4.04
N ASN C 258 -15.39 2.17 4.48
CA ASN C 258 -14.20 1.43 4.83
C ASN C 258 -14.45 0.53 6.00
N ALA C 259 -15.61 0.64 6.62
CA ALA C 259 -15.90 -0.18 7.79
C ALA C 259 -16.76 -1.37 7.43
N VAL C 260 -17.87 -1.11 6.73
CA VAL C 260 -18.76 -2.16 6.27
C VAL C 260 -18.08 -2.81 5.06
N GLU C 261 -16.77 -2.97 5.14
CA GLU C 261 -16.02 -3.55 4.04
C GLU C 261 -14.90 -4.30 4.70
N ALA C 262 -14.38 -3.70 5.76
CA ALA C 262 -13.33 -4.34 6.50
C ALA C 262 -14.05 -5.36 7.38
N SER C 263 -15.33 -5.09 7.66
CA SER C 263 -16.12 -6.00 8.48
C SER C 263 -16.41 -7.21 7.62
N CYS C 264 -17.00 -6.97 6.45
CA CYS C 264 -17.32 -8.07 5.56
C CYS C 264 -16.09 -8.93 5.29
N ILE C 265 -15.09 -8.36 4.63
CA ILE C 265 -13.86 -9.10 4.35
C ILE C 265 -13.39 -9.98 5.51
N ARG C 266 -13.24 -9.40 6.70
CA ARG C 266 -12.79 -10.20 7.85
C ARG C 266 -13.74 -11.35 8.09
N THR C 267 -15.03 -11.10 7.94
CA THR C 267 -16.00 -12.15 8.10
C THR C 267 -15.62 -13.25 7.11
N ARG C 268 -15.42 -12.86 5.84
CA ARG C 268 -15.03 -13.81 4.81
C ARG C 268 -13.73 -14.52 5.19
N GLU C 269 -12.74 -13.77 5.63
CA GLU C 269 -11.47 -14.36 6.02
C GLU C 269 -11.62 -15.36 7.15
N LEU C 270 -12.70 -15.25 7.90
CA LEU C 270 -12.93 -16.16 9.03
C LEU C 270 -13.46 -17.51 8.63
N GLN C 271 -14.38 -17.53 7.67
CA GLN C 271 -14.94 -18.79 7.20
C GLN C 271 -13.87 -19.57 6.46
N SER C 272 -13.29 -18.98 5.42
CA SER C 272 -12.26 -19.65 4.65
C SER C 272 -10.99 -19.77 5.49
N MET C 273 -11.20 -20.03 6.77
CA MET C 273 -10.11 -20.19 7.73
C MET C 273 -10.58 -21.32 8.65
N ALA C 274 -11.90 -21.49 8.71
CA ALA C 274 -12.50 -22.55 9.52
C ALA C 274 -12.29 -23.85 8.75
N ASP C 275 -12.35 -23.75 7.43
CA ASP C 275 -12.15 -24.90 6.55
C ASP C 275 -10.75 -24.85 5.90
N GLN C 276 -10.11 -23.69 6.02
CA GLN C 276 -8.76 -23.46 5.48
C GLN C 276 -7.70 -24.17 6.32
N GLU C 277 -8.15 -24.83 7.40
CA GLU C 277 -7.25 -25.54 8.30
C GLU C 277 -8.05 -26.24 9.39
N ARG D 1 -37.67 -1.47 -39.60
CA ARG D 1 -38.96 -0.92 -40.14
C ARG D 1 -40.16 -1.67 -39.55
N GLY D 2 -39.99 -2.97 -39.36
CA GLY D 2 -41.03 -3.79 -38.78
C GLY D 2 -40.34 -4.53 -37.65
N MET D 3 -39.29 -3.88 -37.14
CA MET D 3 -38.47 -4.40 -36.06
C MET D 3 -39.21 -4.56 -34.74
N SER D 4 -38.73 -5.52 -33.96
CA SER D 4 -39.30 -5.83 -32.67
C SER D 4 -38.10 -5.96 -31.75
N VAL D 5 -38.21 -5.47 -30.53
CA VAL D 5 -37.09 -5.54 -29.60
C VAL D 5 -37.42 -6.27 -28.31
N GLY D 6 -36.41 -6.95 -27.77
CA GLY D 6 -36.61 -7.68 -26.55
C GLY D 6 -35.44 -7.47 -25.62
N PHE D 7 -35.74 -7.40 -24.33
CA PHE D 7 -34.73 -7.22 -23.31
C PHE D 7 -34.76 -8.41 -22.38
N ILE D 8 -33.73 -9.24 -22.42
CA ILE D 8 -33.71 -10.38 -21.52
C ILE D 8 -33.20 -9.84 -20.21
N GLY D 9 -34.13 -9.79 -19.25
CA GLY D 9 -33.83 -9.25 -17.94
C GLY D 9 -34.25 -7.79 -17.94
N ALA D 10 -35.06 -7.41 -16.96
CA ALA D 10 -35.52 -6.03 -16.84
C ALA D 10 -34.39 -5.19 -16.24
N GLY D 11 -34.71 -4.41 -15.21
CA GLY D 11 -33.69 -3.61 -14.55
C GLY D 11 -33.58 -2.16 -15.04
N GLN D 12 -32.66 -1.44 -14.40
CA GLN D 12 -32.44 -0.06 -14.76
C GLN D 12 -32.22 0.05 -16.27
N LEU D 13 -31.01 -0.31 -16.71
CA LEU D 13 -30.65 -0.23 -18.11
C LEU D 13 -31.74 -0.72 -19.07
N ALA D 14 -32.55 -1.67 -18.64
CA ALA D 14 -33.62 -2.15 -19.50
C ALA D 14 -34.57 -0.99 -19.70
N PHE D 15 -35.19 -0.56 -18.60
CA PHE D 15 -36.14 0.54 -18.58
C PHE D 15 -35.60 1.77 -19.29
N ALA D 16 -34.34 2.09 -19.00
CA ALA D 16 -33.65 3.23 -19.61
C ALA D 16 -33.83 3.14 -21.12
N LEU D 17 -33.19 2.13 -21.71
CA LEU D 17 -33.31 1.90 -23.15
C LEU D 17 -34.77 1.69 -23.51
N ALA D 18 -35.49 1.02 -22.62
CA ALA D 18 -36.90 0.74 -22.82
C ALA D 18 -37.66 2.03 -23.09
N LYS D 19 -37.37 3.08 -22.31
CA LYS D 19 -38.05 4.37 -22.50
C LYS D 19 -37.42 5.21 -23.62
N GLY D 20 -36.10 5.34 -23.60
CA GLY D 20 -35.42 6.11 -24.63
C GLY D 20 -35.96 5.81 -26.01
N PHE D 21 -35.97 4.52 -26.33
CA PHE D 21 -36.46 4.06 -27.63
C PHE D 21 -37.89 4.50 -27.79
N THR D 22 -38.69 4.30 -26.76
CA THR D 22 -40.10 4.67 -26.78
C THR D 22 -40.21 6.12 -27.18
N ALA D 23 -39.65 6.97 -26.32
CA ALA D 23 -39.65 8.42 -26.50
C ALA D 23 -39.04 8.80 -27.82
N ALA D 24 -37.92 8.17 -28.16
CA ALA D 24 -37.26 8.45 -29.43
C ALA D 24 -38.29 8.24 -30.53
N GLY D 25 -39.32 7.45 -30.21
CA GLY D 25 -40.37 7.15 -31.15
C GLY D 25 -39.95 6.06 -32.14
N VAL D 26 -38.84 5.39 -31.84
CA VAL D 26 -38.30 4.34 -32.70
C VAL D 26 -39.29 3.21 -32.91
N LEU D 27 -39.71 2.60 -31.81
CA LEU D 27 -40.66 1.50 -31.84
C LEU D 27 -41.83 1.92 -30.97
N ALA D 28 -42.84 1.08 -30.91
CA ALA D 28 -44.00 1.39 -30.09
C ALA D 28 -43.78 0.79 -28.71
N ALA D 29 -44.67 1.12 -27.78
CA ALA D 29 -44.57 0.60 -26.41
C ALA D 29 -44.95 -0.88 -26.45
N HIS D 30 -46.05 -1.17 -27.13
CA HIS D 30 -46.57 -2.53 -27.28
C HIS D 30 -45.72 -3.33 -28.28
N LYS D 31 -44.43 -3.01 -28.34
CA LYS D 31 -43.53 -3.69 -29.26
C LYS D 31 -42.21 -4.00 -28.63
N ILE D 32 -42.21 -4.12 -27.31
CA ILE D 32 -40.99 -4.45 -26.60
C ILE D 32 -41.27 -5.56 -25.61
N MET D 33 -40.32 -6.49 -25.51
CA MET D 33 -40.49 -7.62 -24.62
C MET D 33 -39.38 -7.60 -23.57
N ALA D 34 -39.76 -7.78 -22.31
CA ALA D 34 -38.80 -7.80 -21.23
C ALA D 34 -39.06 -9.00 -20.33
N SER D 35 -37.99 -9.74 -20.04
CA SER D 35 -38.06 -10.94 -19.21
C SER D 35 -37.89 -10.59 -17.74
N SER D 36 -38.97 -10.70 -16.96
CA SER D 36 -38.91 -10.38 -15.53
C SER D 36 -38.63 -11.58 -14.62
N PRO D 37 -37.34 -11.92 -14.41
CA PRO D 37 -37.12 -13.06 -13.52
C PRO D 37 -37.72 -12.74 -12.15
N ASP D 38 -37.94 -11.45 -11.90
CA ASP D 38 -38.54 -10.95 -10.66
C ASP D 38 -39.53 -9.83 -10.94
N MET D 39 -40.23 -9.39 -9.90
CA MET D 39 -41.21 -8.32 -10.04
C MET D 39 -41.06 -7.23 -9.00
N ASP D 40 -40.07 -6.36 -9.21
CA ASP D 40 -39.81 -5.25 -8.30
C ASP D 40 -40.38 -3.95 -8.84
N LEU D 41 -41.27 -3.34 -8.06
CA LEU D 41 -41.92 -2.07 -8.41
C LEU D 41 -41.03 -1.19 -9.27
N ALA D 42 -39.76 -1.10 -8.86
CA ALA D 42 -38.77 -0.29 -9.55
C ALA D 42 -38.90 -0.44 -11.05
N THR D 43 -38.04 -1.28 -11.61
CA THR D 43 -38.04 -1.50 -13.05
C THR D 43 -39.28 -2.17 -13.58
N VAL D 44 -39.28 -3.49 -13.51
CA VAL D 44 -40.38 -4.31 -14.00
C VAL D 44 -41.77 -3.68 -13.97
N SER D 45 -42.18 -3.13 -12.84
CA SER D 45 -43.51 -2.52 -12.74
C SER D 45 -43.62 -1.21 -13.51
N ALA D 46 -42.53 -0.46 -13.53
CA ALA D 46 -42.51 0.80 -14.27
C ALA D 46 -42.84 0.47 -15.71
N LEU D 47 -42.12 -0.53 -16.25
CA LEU D 47 -42.32 -0.99 -17.62
C LEU D 47 -43.80 -1.26 -17.90
N ARG D 48 -44.40 -2.13 -17.09
CA ARG D 48 -45.82 -2.48 -17.26
C ARG D 48 -46.66 -1.29 -17.67
N LYS D 49 -46.43 -0.16 -17.03
CA LYS D 49 -47.18 1.05 -17.30
C LYS D 49 -46.73 1.69 -18.61
N MET D 50 -45.42 1.73 -18.81
CA MET D 50 -44.84 2.32 -20.01
C MET D 50 -45.48 1.70 -21.25
N GLY D 51 -45.88 0.43 -21.13
CA GLY D 51 -46.50 -0.26 -22.25
C GLY D 51 -45.74 -1.49 -22.70
N VAL D 52 -44.48 -1.59 -22.31
CA VAL D 52 -43.65 -2.73 -22.67
C VAL D 52 -44.32 -4.01 -22.22
N LYS D 53 -44.09 -5.09 -22.97
CA LYS D 53 -44.67 -6.38 -22.64
C LYS D 53 -43.70 -7.19 -21.78
N LEU D 54 -44.26 -7.79 -20.74
CA LEU D 54 -43.48 -8.59 -19.78
C LEU D 54 -43.87 -10.05 -19.65
N THR D 55 -42.85 -10.89 -19.48
CA THR D 55 -43.05 -12.33 -19.35
C THR D 55 -41.89 -12.91 -18.56
N PRO D 56 -42.19 -13.71 -17.53
CA PRO D 56 -41.10 -14.30 -16.75
C PRO D 56 -40.30 -15.30 -17.58
N HIS D 57 -40.89 -15.71 -18.70
CA HIS D 57 -40.29 -16.69 -19.58
C HIS D 57 -39.37 -16.07 -20.64
N ASN D 58 -38.07 -16.25 -20.42
CA ASN D 58 -37.06 -15.72 -21.32
C ASN D 58 -37.25 -16.14 -22.79
N LYS D 59 -37.61 -17.39 -23.02
CA LYS D 59 -37.79 -17.86 -24.39
C LYS D 59 -38.76 -17.00 -25.16
N GLU D 60 -39.91 -16.68 -24.56
CA GLU D 60 -40.91 -15.86 -25.22
C GLU D 60 -40.32 -14.56 -25.75
N THR D 61 -39.37 -14.00 -25.01
CA THR D 61 -38.71 -12.77 -25.42
C THR D 61 -38.00 -12.99 -26.74
N VAL D 62 -37.12 -13.99 -26.75
CA VAL D 62 -36.36 -14.31 -27.94
C VAL D 62 -37.24 -14.48 -29.16
N GLN D 63 -38.33 -15.22 -29.01
CA GLN D 63 -39.24 -15.43 -30.14
C GLN D 63 -39.81 -14.08 -30.57
N HIS D 64 -40.17 -13.29 -29.58
CA HIS D 64 -40.75 -11.96 -29.76
C HIS D 64 -39.66 -10.89 -29.84
N SER D 65 -38.63 -11.12 -30.66
CA SER D 65 -37.59 -10.12 -30.76
C SER D 65 -36.59 -10.31 -31.89
N ASP D 66 -36.63 -9.41 -32.87
CA ASP D 66 -35.72 -9.45 -34.00
C ASP D 66 -34.32 -9.12 -33.46
N VAL D 67 -34.26 -8.11 -32.60
CA VAL D 67 -33.00 -7.71 -31.98
C VAL D 67 -33.14 -7.99 -30.48
N LEU D 68 -32.25 -8.81 -29.95
CA LEU D 68 -32.31 -9.18 -28.55
C LEU D 68 -31.26 -8.53 -27.67
N PHE D 69 -31.72 -7.85 -26.62
CA PHE D 69 -30.83 -7.19 -25.68
C PHE D 69 -30.62 -8.03 -24.44
N LEU D 70 -29.37 -8.39 -24.20
CA LEU D 70 -29.02 -9.17 -23.02
C LEU D 70 -28.67 -8.15 -21.95
N ALA D 71 -29.66 -7.69 -21.21
CA ALA D 71 -29.43 -6.71 -20.16
C ALA D 71 -29.41 -7.35 -18.78
N VAL D 72 -28.46 -8.25 -18.56
CA VAL D 72 -28.36 -8.92 -17.27
C VAL D 72 -26.94 -8.85 -16.74
N LYS D 73 -26.83 -8.98 -15.41
CA LYS D 73 -25.53 -8.92 -14.72
C LYS D 73 -24.51 -9.86 -15.36
N PRO D 74 -23.26 -9.40 -15.48
CA PRO D 74 -22.15 -10.16 -16.08
C PRO D 74 -22.02 -11.65 -15.74
N HIS D 75 -22.51 -12.06 -14.58
CA HIS D 75 -22.41 -13.46 -14.18
C HIS D 75 -23.63 -14.28 -14.58
N ILE D 76 -24.77 -13.62 -14.74
CA ILE D 76 -25.98 -14.32 -15.12
C ILE D 76 -25.96 -14.67 -16.61
N ILE D 77 -25.30 -13.83 -17.41
CA ILE D 77 -25.22 -14.07 -18.85
C ILE D 77 -24.91 -15.53 -19.17
N PRO D 78 -23.81 -16.07 -18.64
CA PRO D 78 -23.42 -17.46 -18.89
C PRO D 78 -24.64 -18.40 -18.87
N PHE D 79 -25.41 -18.33 -17.80
CA PHE D 79 -26.60 -19.15 -17.67
C PHE D 79 -27.50 -18.86 -18.85
N ILE D 80 -28.15 -17.70 -18.81
CA ILE D 80 -29.04 -17.27 -19.88
C ILE D 80 -28.57 -17.69 -21.27
N LEU D 81 -27.33 -17.35 -21.61
CA LEU D 81 -26.76 -17.65 -22.91
C LEU D 81 -27.07 -19.08 -23.37
N ASP D 82 -27.28 -20.00 -22.42
CA ASP D 82 -27.60 -21.39 -22.76
C ASP D 82 -29.09 -21.56 -22.96
N GLU D 83 -29.84 -21.48 -21.87
CA GLU D 83 -31.28 -21.62 -21.91
C GLU D 83 -31.88 -21.08 -23.20
N ILE D 84 -31.31 -19.99 -23.69
CA ILE D 84 -31.77 -19.31 -24.90
C ILE D 84 -31.03 -19.73 -26.18
N GLY D 85 -29.75 -20.07 -26.07
CA GLY D 85 -28.98 -20.48 -27.24
C GLY D 85 -29.71 -21.36 -28.24
N ALA D 86 -30.61 -22.21 -27.71
CA ALA D 86 -31.38 -23.12 -28.54
C ALA D 86 -32.49 -22.40 -29.27
N ASP D 87 -33.03 -21.36 -28.64
CA ASP D 87 -34.13 -20.61 -29.20
C ASP D 87 -33.72 -19.48 -30.11
N ILE D 88 -32.42 -19.17 -30.14
CA ILE D 88 -31.96 -18.10 -31.01
C ILE D 88 -32.07 -18.59 -32.45
N GLU D 89 -32.46 -17.72 -33.37
CA GLU D 89 -32.61 -18.12 -34.76
C GLU D 89 -31.60 -17.46 -35.69
N ASP D 90 -32.02 -17.15 -36.92
CA ASP D 90 -31.11 -16.52 -37.88
C ASP D 90 -31.21 -15.02 -37.85
N ARG D 91 -32.44 -14.51 -37.93
CA ARG D 91 -32.68 -13.07 -37.93
C ARG D 91 -32.03 -12.41 -36.71
N HIS D 92 -32.29 -12.99 -35.55
CA HIS D 92 -31.77 -12.49 -34.30
C HIS D 92 -30.41 -11.84 -34.31
N ILE D 93 -30.33 -10.67 -33.69
CA ILE D 93 -29.07 -9.95 -33.52
C ILE D 93 -29.03 -9.87 -32.00
N VAL D 94 -28.02 -10.47 -31.40
CA VAL D 94 -27.91 -10.43 -29.95
C VAL D 94 -26.97 -9.34 -29.47
N VAL D 95 -27.57 -8.27 -28.96
CA VAL D 95 -26.82 -7.16 -28.44
C VAL D 95 -26.71 -7.42 -26.94
N SER D 96 -25.50 -7.49 -26.45
CA SER D 96 -25.30 -7.74 -25.03
C SER D 96 -24.54 -6.61 -24.38
N CYS D 97 -25.12 -6.05 -23.33
CA CYS D 97 -24.48 -4.99 -22.61
C CYS D 97 -24.22 -5.56 -21.21
N ALA D 98 -22.95 -5.69 -20.84
CA ALA D 98 -22.61 -6.22 -19.54
C ALA D 98 -21.10 -6.16 -19.37
N ALA D 99 -20.65 -5.40 -18.38
CA ALA D 99 -19.23 -5.24 -18.14
C ALA D 99 -18.43 -6.54 -18.31
N GLY D 100 -17.31 -6.43 -19.04
CA GLY D 100 -16.43 -7.56 -19.26
C GLY D 100 -16.83 -8.58 -20.31
N VAL D 101 -17.96 -9.27 -20.08
CA VAL D 101 -18.47 -10.29 -20.98
C VAL D 101 -18.05 -10.05 -22.43
N THR D 102 -17.04 -10.82 -22.86
CA THR D 102 -16.47 -10.74 -24.21
C THR D 102 -17.40 -11.17 -25.34
N ILE D 103 -17.17 -10.61 -26.52
CA ILE D 103 -17.96 -10.96 -27.68
C ILE D 103 -17.59 -12.42 -27.88
N SER D 104 -16.29 -12.70 -27.75
CA SER D 104 -15.75 -14.03 -27.94
C SER D 104 -16.51 -15.06 -27.11
N SER D 105 -16.34 -15.00 -25.80
CA SER D 105 -17.01 -15.93 -24.89
C SER D 105 -18.50 -16.08 -25.20
N ILE D 106 -19.18 -14.98 -25.50
CA ILE D 106 -20.60 -15.06 -25.81
C ILE D 106 -20.81 -15.95 -27.03
N GLU D 107 -19.88 -15.89 -27.97
CA GLU D 107 -19.97 -16.69 -29.20
C GLU D 107 -19.68 -18.18 -28.96
N LYS D 108 -18.58 -18.49 -28.28
CA LYS D 108 -18.23 -19.89 -27.97
C LYS D 108 -19.20 -20.42 -26.92
N LYS D 109 -20.48 -20.30 -27.20
CA LYS D 109 -21.51 -20.74 -26.28
C LYS D 109 -22.75 -20.88 -27.13
N LEU D 110 -22.88 -19.97 -28.08
CA LEU D 110 -23.99 -20.01 -29.03
C LEU D 110 -23.47 -20.86 -30.18
N SER D 111 -22.16 -21.10 -30.17
CA SER D 111 -21.53 -21.94 -31.19
C SER D 111 -22.13 -23.32 -30.97
N ALA D 112 -22.47 -23.61 -29.72
CA ALA D 112 -23.07 -24.89 -29.36
C ALA D 112 -24.51 -24.96 -29.87
N PHE D 113 -24.87 -24.05 -30.78
CA PHE D 113 -26.21 -24.01 -31.37
C PHE D 113 -26.05 -23.46 -32.78
N ARG D 114 -26.80 -22.42 -33.14
CA ARG D 114 -26.66 -21.84 -34.48
C ARG D 114 -25.19 -21.79 -34.90
N PRO D 115 -24.92 -22.02 -36.20
CA PRO D 115 -23.57 -22.02 -36.80
C PRO D 115 -22.75 -20.73 -36.74
N ALA D 116 -23.41 -19.59 -36.95
CA ALA D 116 -22.71 -18.31 -36.91
C ALA D 116 -23.62 -17.21 -36.34
N PRO D 117 -23.67 -17.08 -35.00
CA PRO D 117 -24.50 -16.09 -34.31
C PRO D 117 -24.07 -14.64 -34.52
N ARG D 118 -25.06 -13.80 -34.74
CA ARG D 118 -24.83 -12.38 -34.94
C ARG D 118 -24.81 -11.73 -33.54
N VAL D 119 -23.66 -11.22 -33.12
CA VAL D 119 -23.58 -10.62 -31.79
C VAL D 119 -22.72 -9.35 -31.72
N ILE D 120 -23.27 -8.29 -31.13
CA ILE D 120 -22.53 -7.03 -30.94
C ILE D 120 -22.44 -6.70 -29.46
N ARG D 121 -21.23 -6.30 -29.02
CA ARG D 121 -20.97 -5.93 -27.62
C ARG D 121 -21.35 -4.47 -27.44
N CYS D 122 -22.32 -4.24 -26.59
CA CYS D 122 -22.82 -2.91 -26.35
C CYS D 122 -22.33 -2.31 -25.04
N MET D 123 -22.43 -0.98 -24.96
CA MET D 123 -22.04 -0.23 -23.77
C MET D 123 -22.73 1.13 -23.76
N THR D 124 -23.64 1.32 -22.82
CA THR D 124 -24.38 2.58 -22.74
C THR D 124 -24.32 3.07 -21.30
N ASN D 125 -25.34 3.86 -20.94
CA ASN D 125 -25.52 4.42 -19.60
C ASN D 125 -26.97 4.84 -19.45
N THR D 126 -27.33 5.18 -18.23
CA THR D 126 -28.69 5.60 -17.90
C THR D 126 -29.24 6.77 -18.71
N PRO D 127 -28.43 7.84 -18.91
CA PRO D 127 -28.83 9.03 -19.68
C PRO D 127 -29.74 8.67 -20.85
N VAL D 128 -29.59 7.45 -21.35
CA VAL D 128 -30.42 6.96 -22.43
C VAL D 128 -31.87 7.43 -22.24
N VAL D 129 -32.35 7.38 -21.00
CA VAL D 129 -33.72 7.75 -20.71
C VAL D 129 -34.18 9.09 -21.21
N VAL D 130 -33.24 10.01 -21.36
CA VAL D 130 -33.55 11.35 -21.85
C VAL D 130 -33.26 11.41 -23.33
N ARG D 131 -32.28 10.60 -23.74
CA ARG D 131 -31.82 10.49 -25.11
C ARG D 131 -30.48 11.14 -25.23
N GLU D 132 -29.70 11.05 -24.16
CA GLU D 132 -28.36 11.62 -24.15
C GLU D 132 -27.37 10.63 -23.55
N GLY D 133 -27.57 9.36 -23.85
CA GLY D 133 -26.66 8.34 -23.36
C GLY D 133 -25.42 8.38 -24.22
N ALA D 134 -24.33 7.85 -23.71
CA ALA D 134 -23.09 7.80 -24.48
C ALA D 134 -22.86 6.32 -24.69
N THR D 135 -23.28 5.81 -25.83
CA THR D 135 -23.13 4.40 -26.07
C THR D 135 -22.22 4.01 -27.26
N VAL D 136 -21.27 3.11 -26.99
CA VAL D 136 -20.32 2.63 -27.97
C VAL D 136 -20.50 1.12 -28.20
N TYR D 137 -20.26 0.66 -29.43
CA TYR D 137 -20.41 -0.77 -29.76
C TYR D 137 -19.23 -1.41 -30.50
N ALA D 138 -19.11 -2.73 -30.34
CA ALA D 138 -18.07 -3.54 -30.97
C ALA D 138 -18.79 -4.67 -31.70
N THR D 139 -18.63 -4.69 -33.02
CA THR D 139 -19.29 -5.67 -33.87
C THR D 139 -18.74 -7.11 -33.78
N GLY D 140 -19.64 -8.08 -33.59
CA GLY D 140 -19.23 -9.48 -33.49
C GLY D 140 -18.54 -10.09 -34.70
N THR D 141 -18.27 -11.39 -34.65
CA THR D 141 -17.59 -12.05 -35.77
C THR D 141 -18.52 -12.35 -36.94
N HIS D 142 -19.73 -12.79 -36.65
CA HIS D 142 -20.69 -13.10 -37.70
C HIS D 142 -21.64 -11.93 -37.82
N ALA D 143 -21.08 -10.72 -37.74
CA ALA D 143 -21.88 -9.51 -37.84
C ALA D 143 -21.64 -8.78 -39.17
N GLN D 144 -22.65 -8.85 -40.04
CA GLN D 144 -22.58 -8.23 -41.35
C GLN D 144 -22.49 -6.71 -41.26
N VAL D 145 -22.57 -6.05 -42.41
CA VAL D 145 -22.51 -4.60 -42.46
C VAL D 145 -23.85 -4.02 -42.01
N GLU D 146 -24.90 -4.24 -42.79
CA GLU D 146 -26.22 -3.73 -42.42
C GLU D 146 -26.62 -4.31 -41.06
N ASP D 147 -25.77 -5.19 -40.58
CA ASP D 147 -25.98 -5.83 -39.28
C ASP D 147 -25.75 -4.77 -38.21
N GLY D 148 -24.57 -4.16 -38.25
CA GLY D 148 -24.23 -3.13 -37.29
C GLY D 148 -24.90 -1.79 -37.57
N ARG D 149 -25.10 -1.47 -38.85
CA ARG D 149 -25.75 -0.22 -39.20
C ARG D 149 -27.11 -0.10 -38.54
N LEU D 150 -27.77 -1.23 -38.30
CA LEU D 150 -29.08 -1.20 -37.64
C LEU D 150 -28.84 -0.93 -36.15
N MET D 151 -27.68 -1.39 -35.67
CA MET D 151 -27.29 -1.20 -34.28
C MET D 151 -27.04 0.26 -33.97
N GLU D 152 -26.23 0.91 -34.82
CA GLU D 152 -25.91 2.31 -34.63
C GLU D 152 -27.10 3.22 -34.86
N GLN D 153 -28.08 2.76 -35.64
CA GLN D 153 -29.26 3.58 -35.87
C GLN D 153 -30.10 3.60 -34.61
N LEU D 154 -30.23 2.43 -34.00
CA LEU D 154 -31.03 2.27 -32.79
C LEU D 154 -30.47 3.04 -31.62
N LEU D 155 -29.23 2.74 -31.27
CA LEU D 155 -28.59 3.38 -30.15
C LEU D 155 -28.28 4.86 -30.36
N SER D 156 -28.50 5.34 -31.59
CA SER D 156 -28.29 6.74 -31.90
C SER D 156 -29.53 7.55 -31.58
N SER D 157 -30.70 6.95 -31.81
CA SER D 157 -31.95 7.64 -31.54
C SER D 157 -32.08 7.96 -30.06
N VAL D 158 -31.13 7.48 -29.27
CA VAL D 158 -31.19 7.73 -27.86
C VAL D 158 -29.83 8.01 -27.26
N GLY D 159 -29.08 8.87 -27.92
CA GLY D 159 -27.78 9.23 -27.41
C GLY D 159 -26.67 9.08 -28.42
N PHE D 160 -25.45 9.29 -27.96
CA PHE D 160 -24.29 9.16 -28.81
C PHE D 160 -24.09 7.68 -29.10
N CYS D 161 -23.42 7.38 -30.21
CA CYS D 161 -23.18 5.99 -30.59
C CYS D 161 -22.07 5.90 -31.62
N THR D 162 -21.08 5.05 -31.34
CA THR D 162 -20.00 4.89 -32.29
C THR D 162 -19.38 3.51 -32.15
N GLU D 163 -18.84 2.98 -33.26
CA GLU D 163 -18.21 1.68 -33.21
C GLU D 163 -16.86 1.84 -32.54
N VAL D 164 -16.39 0.77 -31.90
CA VAL D 164 -15.12 0.79 -31.21
C VAL D 164 -14.55 -0.61 -31.08
N GLU D 165 -13.26 -0.76 -31.34
CA GLU D 165 -12.62 -2.04 -31.23
C GLU D 165 -12.73 -2.57 -29.80
N GLU D 166 -13.59 -3.57 -29.60
CA GLU D 166 -13.84 -4.18 -28.30
C GLU D 166 -12.79 -4.04 -27.19
N ASP D 167 -11.50 -4.23 -27.48
CA ASP D 167 -10.53 -4.11 -26.40
C ASP D 167 -10.60 -2.79 -25.62
N LEU D 168 -11.34 -1.82 -26.17
CA LEU D 168 -11.52 -0.52 -25.53
C LEU D 168 -12.73 -0.59 -24.62
N ILE D 169 -13.80 -1.21 -25.11
CA ILE D 169 -15.03 -1.30 -24.34
C ILE D 169 -14.84 -1.34 -22.81
N ASP D 170 -13.75 -1.92 -22.34
CA ASP D 170 -13.55 -1.95 -20.90
C ASP D 170 -13.31 -0.55 -20.31
N ALA D 171 -12.46 0.25 -20.97
CA ALA D 171 -12.18 1.61 -20.52
C ALA D 171 -13.45 2.46 -20.62
N VAL D 172 -14.07 2.49 -21.79
CA VAL D 172 -15.29 3.28 -21.97
C VAL D 172 -16.30 2.94 -20.90
N THR D 173 -15.97 2.01 -20.02
CA THR D 173 -16.90 1.67 -18.95
C THR D 173 -16.65 2.66 -17.83
N GLY D 174 -15.44 2.60 -17.26
CA GLY D 174 -15.07 3.50 -16.19
C GLY D 174 -15.44 4.93 -16.50
N LEU D 175 -15.22 5.36 -17.74
CA LEU D 175 -15.52 6.72 -18.12
C LEU D 175 -17.00 6.88 -18.48
N SER D 176 -17.31 6.67 -19.75
CA SER D 176 -18.66 6.84 -20.26
C SER D 176 -19.73 6.01 -19.56
N GLY D 177 -19.32 4.94 -18.87
CA GLY D 177 -20.30 4.08 -18.22
C GLY D 177 -20.67 4.40 -16.79
N SER D 178 -19.64 4.58 -15.97
CA SER D 178 -19.80 4.91 -14.57
C SER D 178 -19.98 6.43 -14.38
N GLY D 179 -19.54 7.19 -15.38
CA GLY D 179 -19.60 8.64 -15.37
C GLY D 179 -20.87 9.31 -14.88
N PRO D 180 -22.02 9.00 -15.48
CA PRO D 180 -23.21 9.69 -14.97
C PRO D 180 -23.34 9.48 -13.47
N ALA D 181 -22.75 8.41 -12.96
CA ALA D 181 -22.79 8.13 -11.54
C ALA D 181 -21.91 9.12 -10.79
N TYR D 182 -20.75 9.39 -11.38
CA TYR D 182 -19.79 10.33 -10.84
C TYR D 182 -20.50 11.70 -10.77
N ALA D 183 -21.08 12.10 -11.89
CA ALA D 183 -21.78 13.35 -12.06
C ALA D 183 -22.87 13.58 -11.02
N PHE D 184 -23.71 12.56 -10.80
CA PHE D 184 -24.78 12.66 -9.82
C PHE D 184 -24.18 12.96 -8.46
N THR D 185 -22.96 12.47 -8.25
CA THR D 185 -22.29 12.68 -6.99
C THR D 185 -21.74 14.11 -6.94
N ALA D 186 -21.44 14.68 -8.11
CA ALA D 186 -20.91 16.04 -8.24
C ALA D 186 -22.03 17.04 -8.05
N LEU D 187 -23.15 16.81 -8.74
CA LEU D 187 -24.30 17.70 -8.64
C LEU D 187 -24.92 17.70 -7.24
N ASP D 188 -24.52 16.79 -6.38
CA ASP D 188 -25.10 16.83 -5.06
C ASP D 188 -24.14 17.70 -4.27
N ALA D 189 -22.85 17.44 -4.40
CA ALA D 189 -21.87 18.23 -3.68
C ALA D 189 -22.19 19.68 -4.02
N LEU D 190 -22.08 20.04 -5.30
CA LEU D 190 -22.37 21.40 -5.75
C LEU D 190 -23.58 21.99 -5.04
N ALA D 191 -24.74 21.34 -5.16
CA ALA D 191 -25.95 21.82 -4.48
C ALA D 191 -25.71 21.98 -2.98
N ASP D 192 -24.94 21.09 -2.38
CA ASP D 192 -24.67 21.22 -0.95
C ASP D 192 -23.96 22.54 -0.73
N GLY D 193 -22.98 22.84 -1.58
CA GLY D 193 -22.24 24.08 -1.44
C GLY D 193 -23.16 25.25 -1.70
N GLY D 194 -23.87 25.19 -2.81
CA GLY D 194 -24.78 26.26 -3.11
C GLY D 194 -25.54 26.63 -1.85
N VAL D 195 -26.07 25.62 -1.16
CA VAL D 195 -26.87 25.85 0.04
C VAL D 195 -26.07 26.45 1.17
N LYS D 196 -24.92 25.87 1.46
CA LYS D 196 -24.12 26.43 2.53
C LYS D 196 -23.80 27.93 2.25
N MET D 197 -24.25 28.45 1.11
CA MET D 197 -24.00 29.85 0.76
C MET D 197 -25.33 30.57 0.69
N GLY D 198 -26.35 29.98 1.29
CA GLY D 198 -27.65 30.62 1.30
C GLY D 198 -28.60 30.24 0.19
N LEU D 199 -28.10 29.63 -0.87
CA LEU D 199 -28.98 29.23 -1.96
C LEU D 199 -29.94 28.15 -1.51
N PRO D 200 -31.21 28.24 -1.92
CA PRO D 200 -32.19 27.23 -1.53
C PRO D 200 -31.93 25.96 -2.36
N ARG D 201 -32.16 24.80 -1.77
CA ARG D 201 -31.90 23.53 -2.45
C ARG D 201 -32.38 23.43 -3.89
N ARG D 202 -33.58 23.51 -4.16
CA ARG D 202 -34.20 23.26 -5.46
C ARG D 202 -33.59 24.12 -6.53
N LEU D 203 -33.26 25.38 -6.11
CA LEU D 203 -32.53 26.28 -6.98
C LEU D 203 -31.12 25.79 -7.19
N ALA D 204 -30.39 25.62 -6.10
CA ALA D 204 -29.00 25.17 -6.16
C ALA D 204 -28.83 23.96 -7.06
N VAL D 205 -29.68 22.95 -6.84
CA VAL D 205 -29.63 21.72 -7.63
C VAL D 205 -29.81 21.98 -9.13
N ARG D 206 -30.93 22.58 -9.52
CA ARG D 206 -31.15 22.87 -10.94
C ARG D 206 -30.15 23.83 -11.59
N LEU D 207 -29.36 24.54 -10.80
CA LEU D 207 -28.37 25.46 -11.36
C LEU D 207 -27.10 24.69 -11.69
N GLY D 208 -26.64 23.92 -10.71
CA GLY D 208 -25.44 23.11 -10.89
C GLY D 208 -25.62 22.18 -12.07
N ALA D 209 -26.85 21.72 -12.26
CA ALA D 209 -27.15 20.84 -13.37
C ALA D 209 -26.94 21.68 -14.63
N GLN D 210 -27.79 22.67 -14.83
CA GLN D 210 -27.73 23.57 -15.98
C GLN D 210 -26.32 24.09 -16.15
N ALA D 211 -25.57 24.09 -15.06
CA ALA D 211 -24.21 24.56 -15.13
C ALA D 211 -23.42 23.59 -15.99
N LEU D 212 -23.22 22.37 -15.49
CA LEU D 212 -22.47 21.33 -16.21
C LEU D 212 -23.09 21.04 -17.56
N LEU D 213 -24.39 20.79 -17.57
CA LEU D 213 -25.06 20.53 -18.83
C LEU D 213 -24.59 21.52 -19.89
N GLY D 214 -24.37 22.77 -19.49
CA GLY D 214 -23.92 23.78 -20.44
C GLY D 214 -22.47 23.57 -20.82
N ALA D 215 -21.60 23.67 -19.83
CA ALA D 215 -20.17 23.51 -20.07
C ALA D 215 -19.89 22.34 -21.01
N ALA D 216 -20.63 21.25 -20.83
CA ALA D 216 -20.50 20.02 -21.64
C ALA D 216 -20.84 20.31 -23.08
N LYS D 217 -22.09 20.71 -23.31
CA LYS D 217 -22.55 21.04 -24.65
C LYS D 217 -21.55 22.01 -25.26
N MET D 218 -20.97 22.88 -24.44
CA MET D 218 -19.99 23.81 -24.94
C MET D 218 -18.80 23.05 -25.54
N LEU D 219 -18.20 22.18 -24.73
CA LEU D 219 -17.05 21.39 -25.17
C LEU D 219 -17.35 20.51 -26.37
N LEU D 220 -18.55 19.94 -26.41
CA LEU D 220 -18.91 19.07 -27.51
C LEU D 220 -19.02 19.81 -28.84
N HIS D 221 -19.51 21.04 -28.81
CA HIS D 221 -19.66 21.82 -30.04
C HIS D 221 -18.44 22.65 -30.41
N SER D 222 -17.28 22.29 -29.90
CA SER D 222 -16.07 23.05 -30.21
C SER D 222 -14.83 22.21 -29.96
N GLU D 223 -13.92 22.21 -30.91
CA GLU D 223 -12.70 21.44 -30.74
C GLU D 223 -11.71 22.28 -29.94
N GLN D 224 -12.26 23.04 -28.98
CA GLN D 224 -11.49 23.94 -28.14
C GLN D 224 -10.48 23.32 -27.19
N HIS D 225 -10.96 22.44 -26.30
CA HIS D 225 -10.13 21.78 -25.30
C HIS D 225 -10.56 22.25 -23.90
N PRO D 226 -10.75 21.31 -22.96
CA PRO D 226 -11.17 21.71 -21.61
C PRO D 226 -10.41 22.91 -21.05
N GLY D 227 -9.08 22.79 -21.02
CA GLY D 227 -8.26 23.86 -20.47
C GLY D 227 -8.46 25.22 -21.11
N GLN D 228 -8.72 25.24 -22.40
CA GLN D 228 -8.92 26.49 -23.12
C GLN D 228 -10.13 27.18 -22.54
N LEU D 229 -11.30 26.57 -22.73
CA LEU D 229 -12.53 27.10 -22.20
C LEU D 229 -12.37 27.46 -20.72
N LYS D 230 -11.60 26.65 -19.98
CA LYS D 230 -11.36 26.92 -18.57
C LYS D 230 -10.85 28.37 -18.53
N ASP D 231 -9.63 28.56 -19.04
CA ASP D 231 -8.99 29.86 -19.14
C ASP D 231 -10.00 30.93 -19.58
N ASN D 232 -10.82 30.59 -20.58
CA ASN D 232 -11.84 31.47 -21.09
C ASN D 232 -12.86 31.97 -20.07
N VAL D 233 -12.95 31.32 -18.92
CA VAL D 233 -13.93 31.74 -17.93
C VAL D 233 -13.23 32.15 -16.64
N SER D 234 -12.06 32.76 -16.79
CA SER D 234 -11.30 33.19 -15.64
C SER D 234 -10.72 34.60 -15.69
N SER D 235 -11.42 35.57 -15.11
CA SER D 235 -10.94 36.94 -15.08
C SER D 235 -9.79 36.96 -14.07
N PRO D 236 -8.65 37.55 -14.45
CA PRO D 236 -7.52 37.57 -13.52
C PRO D 236 -7.91 37.93 -12.10
N GLY D 237 -9.03 38.64 -11.98
CA GLY D 237 -9.51 39.03 -10.67
C GLY D 237 -9.63 37.87 -9.70
N GLY D 238 -10.75 37.16 -9.77
CA GLY D 238 -10.91 36.05 -8.86
C GLY D 238 -12.21 35.30 -9.05
N ALA D 239 -12.79 34.89 -7.92
CA ALA D 239 -14.01 34.10 -7.90
C ALA D 239 -13.55 32.76 -8.51
N THR D 240 -13.94 32.51 -9.76
CA THR D 240 -13.54 31.31 -10.47
C THR D 240 -12.10 30.83 -10.21
N ILE D 241 -11.11 31.51 -10.75
CA ILE D 241 -9.73 31.10 -10.55
C ILE D 241 -9.44 30.75 -9.10
N HIS D 242 -10.16 31.38 -8.18
CA HIS D 242 -9.93 31.10 -6.77
C HIS D 242 -10.51 29.74 -6.42
N ALA D 243 -11.70 29.46 -6.96
CA ALA D 243 -12.34 28.18 -6.74
C ALA D 243 -11.38 27.14 -7.31
N LEU D 244 -11.02 27.32 -8.59
CA LEU D 244 -10.09 26.42 -9.25
C LEU D 244 -8.91 26.14 -8.34
N HIS D 245 -8.08 27.13 -8.05
CA HIS D 245 -6.95 26.85 -7.18
C HIS D 245 -7.36 25.97 -5.99
N VAL D 246 -8.64 26.07 -5.59
CA VAL D 246 -9.12 25.32 -4.45
C VAL D 246 -9.51 23.87 -4.82
N LEU D 247 -10.24 23.68 -5.92
CA LEU D 247 -10.57 22.34 -6.39
C LEU D 247 -9.19 21.78 -6.56
N GLU D 248 -8.40 22.56 -7.28
CA GLU D 248 -7.03 22.19 -7.54
C GLU D 248 -6.25 21.69 -6.33
N SER D 249 -6.54 22.19 -5.14
CA SER D 249 -5.74 21.77 -4.00
C SER D 249 -6.07 20.45 -3.30
N GLY D 250 -7.06 19.74 -3.82
CA GLY D 250 -7.40 18.44 -3.27
C GLY D 250 -7.36 17.46 -4.42
N GLY D 251 -6.38 17.65 -5.30
CA GLY D 251 -6.25 16.80 -6.48
C GLY D 251 -7.57 16.50 -7.17
N PHE D 252 -8.49 17.46 -7.17
CA PHE D 252 -9.78 17.24 -7.83
C PHE D 252 -9.60 16.46 -9.12
N ARG D 253 -8.49 16.72 -9.81
CA ARG D 253 -8.20 16.01 -11.07
C ARG D 253 -7.90 14.52 -10.80
N SER D 254 -6.89 14.25 -9.98
CA SER D 254 -6.56 12.87 -9.65
C SER D 254 -7.82 12.11 -9.26
N LEU D 255 -8.50 12.57 -8.22
CA LEU D 255 -9.71 11.88 -7.81
C LEU D 255 -10.60 11.44 -8.98
N LEU D 256 -10.57 12.17 -10.08
CA LEU D 256 -11.42 11.79 -11.19
C LEU D 256 -10.73 10.71 -12.04
N ILE D 257 -9.40 10.73 -12.09
CA ILE D 257 -8.68 9.71 -12.83
C ILE D 257 -8.94 8.44 -11.99
N ASN D 258 -8.49 8.50 -10.73
CA ASN D 258 -8.66 7.42 -9.76
C ASN D 258 -9.99 6.67 -9.89
N ALA D 259 -11.08 7.40 -10.07
CA ALA D 259 -12.37 6.74 -10.21
C ALA D 259 -12.31 5.91 -11.50
N VAL D 260 -12.48 6.56 -12.64
CA VAL D 260 -12.40 5.92 -13.95
C VAL D 260 -11.44 4.69 -13.89
N GLU D 261 -10.19 4.93 -13.52
CA GLU D 261 -9.22 3.85 -13.40
C GLU D 261 -9.85 2.67 -12.69
N ALA D 262 -10.19 2.86 -11.42
CA ALA D 262 -10.80 1.82 -10.60
C ALA D 262 -12.02 1.17 -11.23
N SER D 263 -12.88 1.95 -11.86
CA SER D 263 -14.06 1.35 -12.46
C SER D 263 -13.70 0.38 -13.56
N CYS D 264 -12.76 0.78 -14.41
CA CYS D 264 -12.27 -0.02 -15.52
C CYS D 264 -11.70 -1.31 -14.93
N ILE D 265 -10.63 -1.14 -14.16
CA ILE D 265 -9.96 -2.24 -13.49
C ILE D 265 -10.96 -3.24 -12.91
N ARG D 266 -11.97 -2.75 -12.19
CA ARG D 266 -12.98 -3.62 -11.60
C ARG D 266 -13.72 -4.37 -12.70
N THR D 267 -14.08 -3.66 -13.77
CA THR D 267 -14.77 -4.28 -14.89
C THR D 267 -13.88 -5.35 -15.51
N ARG D 268 -12.58 -5.24 -15.30
CA ARG D 268 -11.69 -6.25 -15.84
C ARG D 268 -11.68 -7.40 -14.86
N GLU D 269 -11.13 -7.17 -13.66
CA GLU D 269 -11.07 -8.19 -12.62
C GLU D 269 -12.44 -8.83 -12.40
N LEU D 270 -13.42 -8.36 -13.14
CA LEU D 270 -14.76 -8.88 -13.04
C LEU D 270 -14.83 -10.02 -14.07
N GLN D 271 -14.48 -9.68 -15.31
CA GLN D 271 -14.47 -10.61 -16.43
C GLN D 271 -13.30 -11.58 -16.24
N SER D 272 -12.19 -11.04 -15.77
CA SER D 272 -10.99 -11.83 -15.53
C SER D 272 -11.23 -13.08 -14.72
N MET D 273 -12.48 -13.36 -14.38
CA MET D 273 -12.83 -14.55 -13.62
C MET D 273 -14.22 -15.07 -13.97
N ALA D 274 -14.84 -14.44 -14.96
CA ALA D 274 -16.17 -14.85 -15.41
C ALA D 274 -16.00 -15.86 -16.53
N ASP D 275 -14.79 -15.95 -17.05
CA ASP D 275 -14.47 -16.90 -18.11
C ASP D 275 -13.58 -18.02 -17.59
N GLN D 276 -12.94 -17.79 -16.45
CA GLN D 276 -12.06 -18.78 -15.85
C GLN D 276 -12.83 -19.70 -14.90
N GLU D 277 -13.17 -19.13 -13.75
CA GLU D 277 -13.89 -19.84 -12.70
C GLU D 277 -15.38 -19.93 -12.98
N ARG E 1 53.84 -0.82 7.87
CA ARG E 1 55.24 -0.31 7.96
C ARG E 1 55.92 -0.25 6.59
N GLY E 2 56.05 -1.41 5.95
CA GLY E 2 56.64 -1.49 4.63
C GLY E 2 55.47 -1.76 3.71
N MET E 3 54.26 -1.60 4.28
CA MET E 3 53.01 -1.82 3.60
C MET E 3 52.67 -0.76 2.58
N SER E 4 52.03 -1.20 1.50
CA SER E 4 51.62 -0.31 0.43
C SER E 4 50.18 -0.68 0.11
N VAL E 5 49.46 0.21 -0.56
CA VAL E 5 48.08 -0.08 -0.86
C VAL E 5 47.70 0.28 -2.28
N GLY E 6 46.62 -0.35 -2.75
CA GLY E 6 46.14 -0.08 -4.08
C GLY E 6 44.65 -0.27 -4.07
N PHE E 7 43.96 0.45 -4.94
CA PHE E 7 42.51 0.37 -5.04
C PHE E 7 42.10 -0.15 -6.41
N ILE E 8 41.37 -1.27 -6.42
CA ILE E 8 40.89 -1.80 -7.69
C ILE E 8 39.78 -0.89 -8.14
N GLY E 9 40.13 -0.01 -9.08
CA GLY E 9 39.17 0.94 -9.62
C GLY E 9 39.31 2.28 -8.90
N ALA E 10 39.02 3.37 -9.62
CA ALA E 10 39.10 4.69 -9.01
C ALA E 10 37.74 4.92 -8.36
N GLY E 11 37.17 6.10 -8.55
CA GLY E 11 35.87 6.37 -7.97
C GLY E 11 35.90 7.16 -6.67
N GLN E 12 34.74 7.67 -6.28
CA GLN E 12 34.64 8.46 -5.05
C GLN E 12 35.33 7.73 -3.90
N LEU E 13 34.75 6.62 -3.46
CA LEU E 13 35.31 5.88 -2.36
C LEU E 13 36.80 5.61 -2.52
N ALA E 14 37.30 5.73 -3.74
CA ALA E 14 38.72 5.52 -4.01
C ALA E 14 39.46 6.74 -3.54
N PHE E 15 39.22 7.85 -4.23
CA PHE E 15 39.83 9.14 -3.90
C PHE E 15 39.64 9.48 -2.43
N ALA E 16 38.43 9.23 -1.93
CA ALA E 16 38.09 9.49 -0.55
C ALA E 16 39.19 8.97 0.36
N LEU E 17 39.31 7.65 0.44
CA LEU E 17 40.32 7.03 1.26
C LEU E 17 41.72 7.41 0.82
N ALA E 18 41.87 7.65 -0.48
CA ALA E 18 43.18 8.02 -1.02
C ALA E 18 43.69 9.28 -0.31
N LYS E 19 42.86 10.31 -0.26
CA LYS E 19 43.27 11.54 0.41
C LYS E 19 43.38 11.35 1.91
N GLY E 20 42.35 10.75 2.49
CA GLY E 20 42.38 10.53 3.92
C GLY E 20 43.71 9.92 4.28
N PHE E 21 43.89 8.66 3.88
CA PHE E 21 45.10 7.90 4.17
C PHE E 21 46.37 8.73 4.08
N THR E 22 46.49 9.48 2.99
CA THR E 22 47.67 10.31 2.75
C THR E 22 47.70 11.54 3.65
N ALA E 23 46.60 12.28 3.63
CA ALA E 23 46.46 13.49 4.43
C ALA E 23 46.62 13.14 5.90
N ALA E 24 46.13 11.98 6.29
CA ALA E 24 46.26 11.56 7.68
C ALA E 24 47.72 11.22 7.94
N GLY E 25 48.53 11.34 6.89
CA GLY E 25 49.95 11.04 7.00
C GLY E 25 50.27 9.58 7.28
N VAL E 26 49.48 8.68 6.70
CA VAL E 26 49.68 7.24 6.88
C VAL E 26 50.72 6.67 5.93
N LEU E 27 50.70 7.13 4.68
CA LEU E 27 51.65 6.66 3.69
C LEU E 27 51.68 7.62 2.51
N ALA E 28 52.84 7.70 1.87
CA ALA E 28 53.02 8.58 0.71
C ALA E 28 51.97 8.31 -0.35
N ALA E 29 51.60 9.35 -1.08
CA ALA E 29 50.59 9.22 -2.13
C ALA E 29 51.11 8.32 -3.24
N HIS E 30 52.41 8.39 -3.49
CA HIS E 30 53.04 7.60 -4.53
C HIS E 30 53.14 6.11 -4.17
N LYS E 31 52.62 5.73 -3.02
CA LYS E 31 52.66 4.33 -2.60
C LYS E 31 51.24 3.81 -2.64
N ILE E 32 50.45 4.32 -3.58
CA ILE E 32 49.07 3.93 -3.74
C ILE E 32 48.75 3.82 -5.22
N MET E 33 48.15 2.71 -5.62
CA MET E 33 47.77 2.53 -7.02
C MET E 33 46.29 2.29 -7.18
N ALA E 34 45.69 3.01 -8.10
CA ALA E 34 44.28 2.85 -8.35
C ALA E 34 44.18 2.37 -9.78
N SER E 35 43.34 1.37 -10.00
CA SER E 35 43.15 0.84 -11.34
C SER E 35 42.26 1.78 -12.14
N SER E 36 42.72 2.17 -13.32
CA SER E 36 42.01 3.11 -14.21
C SER E 36 41.07 2.44 -15.21
N PRO E 37 39.85 2.08 -14.78
CA PRO E 37 38.94 1.45 -15.74
C PRO E 37 38.44 2.46 -16.77
N ASP E 38 38.77 3.74 -16.55
CA ASP E 38 38.35 4.80 -17.45
C ASP E 38 39.21 6.06 -17.31
N MET E 39 38.55 7.21 -17.19
CA MET E 39 39.23 8.49 -17.06
C MET E 39 38.34 9.62 -16.57
N ASP E 40 38.12 9.66 -15.26
CA ASP E 40 37.28 10.67 -14.64
C ASP E 40 38.05 11.81 -13.99
N LEU E 41 37.67 13.04 -14.32
CA LEU E 41 38.29 14.20 -13.69
C LEU E 41 37.57 14.15 -12.36
N ALA E 42 36.40 13.51 -12.41
CA ALA E 42 35.52 13.31 -11.26
C ALA E 42 36.22 12.38 -10.27
N THR E 43 37.43 11.95 -10.62
CA THR E 43 38.20 11.06 -9.76
C THR E 43 39.64 10.98 -10.27
N VAL E 44 39.87 10.00 -11.13
CA VAL E 44 41.16 9.74 -11.73
C VAL E 44 42.08 10.96 -11.74
N SER E 45 41.64 12.03 -12.37
CA SER E 45 42.46 13.24 -12.44
C SER E 45 42.97 13.65 -11.06
N ALA E 46 42.04 13.97 -10.17
CA ALA E 46 42.41 14.38 -8.81
C ALA E 46 43.46 13.43 -8.23
N LEU E 47 43.25 12.13 -8.45
CA LEU E 47 44.17 11.13 -7.95
C LEU E 47 45.60 11.35 -8.45
N ARG E 48 45.75 12.15 -9.52
CA ARG E 48 47.07 12.44 -10.06
C ARG E 48 47.78 13.53 -9.27
N LYS E 49 47.18 14.72 -9.27
CA LYS E 49 47.75 15.86 -8.58
C LYS E 49 48.01 15.52 -7.12
N MET E 50 47.53 14.35 -6.72
CA MET E 50 47.67 13.84 -5.36
C MET E 50 48.53 12.57 -5.41
N GLY E 51 49.68 12.64 -6.07
CA GLY E 51 50.52 11.45 -6.18
C GLY E 51 49.67 10.29 -6.66
N VAL E 52 49.76 9.15 -5.98
CA VAL E 52 48.97 7.98 -6.35
C VAL E 52 49.11 7.57 -7.82
N LYS E 53 49.74 6.43 -8.05
CA LYS E 53 49.95 5.92 -9.40
C LYS E 53 48.61 5.49 -10.04
N LEU E 54 48.52 5.59 -11.36
CA LEU E 54 47.30 5.22 -12.08
C LEU E 54 47.57 4.28 -13.24
N THR E 55 47.15 3.03 -13.08
CA THR E 55 47.33 1.98 -14.08
C THR E 55 45.99 1.53 -14.60
N PRO E 56 45.78 1.62 -15.92
CA PRO E 56 44.48 1.17 -16.40
C PRO E 56 44.30 -0.34 -16.14
N HIS E 57 45.35 -0.97 -15.63
CA HIS E 57 45.35 -2.42 -15.35
C HIS E 57 45.23 -2.87 -13.91
N ASN E 58 44.14 -3.59 -13.65
CA ASN E 58 43.80 -4.14 -12.33
C ASN E 58 44.83 -5.14 -11.84
N LYS E 59 45.74 -5.53 -12.73
CA LYS E 59 46.77 -6.49 -12.40
C LYS E 59 47.96 -5.79 -11.77
N GLU E 60 48.46 -4.77 -12.46
CA GLU E 60 49.62 -4.01 -11.97
C GLU E 60 49.32 -3.56 -10.54
N THR E 61 48.03 -3.29 -10.30
CA THR E 61 47.56 -2.85 -8.99
C THR E 61 47.79 -3.94 -7.98
N VAL E 62 47.10 -5.06 -8.16
CA VAL E 62 47.20 -6.19 -7.26
C VAL E 62 48.64 -6.55 -6.93
N GLN E 63 49.48 -6.66 -7.94
CA GLN E 63 50.89 -6.99 -7.74
C GLN E 63 51.52 -5.99 -6.78
N HIS E 64 51.30 -4.73 -7.12
CA HIS E 64 51.81 -3.59 -6.38
C HIS E 64 51.29 -3.44 -4.95
N SER E 65 50.09 -3.95 -4.71
CA SER E 65 49.45 -3.82 -3.40
C SER E 65 49.63 -4.93 -2.38
N ASP E 66 49.76 -4.54 -1.12
CA ASP E 66 49.85 -5.45 0.01
C ASP E 66 48.42 -5.55 0.56
N VAL E 67 47.74 -4.40 0.60
CA VAL E 67 46.34 -4.30 1.05
C VAL E 67 45.54 -3.89 -0.17
N LEU E 68 44.70 -4.78 -0.67
CA LEU E 68 43.93 -4.48 -1.87
C LEU E 68 42.45 -4.16 -1.61
N PHE E 69 42.06 -2.93 -1.94
CA PHE E 69 40.69 -2.47 -1.76
C PHE E 69 39.82 -2.73 -2.97
N LEU E 70 38.66 -3.31 -2.76
CA LEU E 70 37.75 -3.57 -3.85
C LEU E 70 36.62 -2.55 -3.83
N ALA E 71 36.74 -1.53 -4.67
CA ALA E 71 35.74 -0.47 -4.74
C ALA E 71 35.26 -0.24 -6.17
N VAL E 72 34.32 -1.06 -6.63
CA VAL E 72 33.82 -0.91 -8.00
C VAL E 72 32.34 -1.20 -8.14
N LYS E 73 31.60 -1.13 -7.04
CA LYS E 73 30.16 -1.40 -7.03
C LYS E 73 29.90 -2.90 -6.94
N PRO E 74 28.83 -3.31 -6.25
CA PRO E 74 28.48 -4.72 -6.09
C PRO E 74 28.26 -5.43 -7.42
N HIS E 75 27.66 -4.71 -8.36
CA HIS E 75 27.37 -5.24 -9.68
C HIS E 75 28.63 -5.30 -10.55
N ILE E 76 29.75 -5.61 -9.93
CA ILE E 76 31.03 -5.69 -10.63
C ILE E 76 31.99 -6.65 -9.92
N ILE E 77 31.99 -6.62 -8.58
CA ILE E 77 32.84 -7.49 -7.76
C ILE E 77 32.99 -8.86 -8.38
N PRO E 78 31.93 -9.41 -8.99
CA PRO E 78 32.04 -10.73 -9.61
C PRO E 78 33.17 -10.76 -10.62
N PHE E 79 33.07 -9.91 -11.65
CA PHE E 79 34.09 -9.83 -12.68
C PHE E 79 35.46 -9.77 -12.02
N ILE E 80 35.77 -8.60 -11.47
CA ILE E 80 37.04 -8.32 -10.78
C ILE E 80 37.73 -9.56 -10.25
N LEU E 81 37.07 -10.29 -9.37
CA LEU E 81 37.61 -11.50 -8.77
C LEU E 81 38.25 -12.39 -9.85
N ASP E 82 37.47 -12.74 -10.86
CA ASP E 82 37.96 -13.59 -11.94
C ASP E 82 38.85 -12.78 -12.87
N GLU E 83 39.82 -12.08 -12.27
CA GLU E 83 40.76 -11.24 -13.00
C GLU E 83 41.94 -11.03 -12.09
N ILE E 84 41.76 -11.35 -10.82
CA ILE E 84 42.80 -11.16 -9.83
C ILE E 84 43.09 -12.42 -9.04
N GLY E 85 42.06 -13.22 -8.80
CA GLY E 85 42.22 -14.45 -8.04
C GLY E 85 43.51 -15.18 -8.33
N ALA E 86 43.93 -15.11 -9.59
CA ALA E 86 45.16 -15.77 -10.03
C ALA E 86 46.37 -15.01 -9.54
N ASP E 87 46.22 -13.69 -9.39
CA ASP E 87 47.32 -12.84 -8.96
C ASP E 87 47.38 -12.65 -7.45
N ILE E 88 46.26 -12.92 -6.79
CA ILE E 88 46.21 -12.81 -5.34
C ILE E 88 47.26 -13.77 -4.81
N GLU E 89 48.08 -13.32 -3.86
CA GLU E 89 49.11 -14.21 -3.37
C GLU E 89 49.59 -14.14 -1.93
N ASP E 90 49.03 -15.02 -1.11
CA ASP E 90 49.39 -15.15 0.30
C ASP E 90 49.45 -13.88 1.13
N ARG E 91 50.43 -13.01 0.88
CA ARG E 91 50.56 -11.77 1.65
C ARG E 91 49.29 -10.91 1.58
N HIS E 92 48.77 -10.72 0.37
CA HIS E 92 47.57 -9.93 0.14
C HIS E 92 46.50 -9.99 1.21
N ILE E 93 45.75 -8.90 1.32
CA ILE E 93 44.64 -8.75 2.25
C ILE E 93 43.58 -8.04 1.44
N VAL E 94 42.72 -8.81 0.79
CA VAL E 94 41.68 -8.22 -0.03
C VAL E 94 40.62 -7.59 0.86
N VAL E 95 40.52 -6.26 0.74
CA VAL E 95 39.55 -5.52 1.51
C VAL E 95 38.47 -5.03 0.55
N SER E 96 37.32 -5.67 0.62
CA SER E 96 36.22 -5.29 -0.24
C SER E 96 35.23 -4.42 0.52
N CYS E 97 35.09 -3.18 0.06
CA CYS E 97 34.14 -2.29 0.69
C CYS E 97 33.16 -1.97 -0.41
N ALA E 98 32.15 -2.83 -0.52
CA ALA E 98 31.08 -2.69 -1.50
C ALA E 98 29.78 -3.13 -0.83
N ALA E 99 28.65 -2.72 -1.39
CA ALA E 99 27.34 -3.02 -0.83
C ALA E 99 26.78 -4.43 -1.05
N GLY E 100 26.32 -5.05 0.05
CA GLY E 100 25.73 -6.38 -0.03
C GLY E 100 26.60 -7.55 -0.47
N VAL E 101 27.72 -7.26 -1.10
CA VAL E 101 28.64 -8.30 -1.55
C VAL E 101 29.18 -9.07 -0.35
N THR E 102 28.58 -10.23 -0.08
CA THR E 102 28.95 -11.09 1.04
C THR E 102 30.44 -11.39 1.14
N ILE E 103 30.87 -11.81 2.33
CA ILE E 103 32.25 -12.17 2.54
C ILE E 103 32.44 -13.49 1.80
N SER E 104 31.37 -14.30 1.78
CA SER E 104 31.39 -15.62 1.13
C SER E 104 31.30 -15.55 -0.38
N SER E 105 30.52 -14.61 -0.89
CA SER E 105 30.37 -14.46 -2.34
C SER E 105 31.73 -14.18 -2.98
N ILE E 106 32.71 -13.83 -2.16
CA ILE E 106 34.06 -13.51 -2.64
C ILE E 106 35.10 -14.55 -2.24
N GLU E 107 34.91 -15.18 -1.10
CA GLU E 107 35.87 -16.19 -0.67
C GLU E 107 35.70 -17.46 -1.50
N LYS E 108 34.53 -17.64 -2.09
CA LYS E 108 34.33 -18.81 -2.93
C LYS E 108 35.18 -18.58 -4.16
N LYS E 109 34.78 -17.61 -4.97
CA LYS E 109 35.50 -17.30 -6.20
C LYS E 109 37.02 -17.22 -6.06
N LEU E 110 37.51 -16.63 -4.97
CA LEU E 110 38.95 -16.52 -4.76
C LEU E 110 39.54 -17.82 -4.27
N SER E 111 38.68 -18.75 -3.87
CA SER E 111 39.16 -20.04 -3.40
C SER E 111 39.42 -20.93 -4.62
N ALA E 112 38.77 -20.59 -5.73
CA ALA E 112 38.94 -21.33 -6.98
C ALA E 112 40.39 -21.11 -7.47
N PHE E 113 41.14 -20.35 -6.68
CA PHE E 113 42.54 -20.04 -6.96
C PHE E 113 43.27 -20.36 -5.66
N ARG E 114 44.08 -19.43 -5.15
CA ARG E 114 44.80 -19.67 -3.88
C ARG E 114 43.89 -20.43 -2.90
N PRO E 115 44.47 -21.27 -2.02
CA PRO E 115 43.74 -22.06 -1.03
C PRO E 115 42.83 -21.28 -0.07
N ALA E 116 43.45 -20.55 0.86
CA ALA E 116 42.70 -19.77 1.84
C ALA E 116 43.01 -18.26 1.75
N PRO E 117 42.22 -17.51 0.95
CA PRO E 117 42.40 -16.07 0.77
C PRO E 117 42.04 -15.26 2.01
N ARG E 118 42.57 -14.04 2.10
CA ARG E 118 42.32 -13.15 3.24
C ARG E 118 41.40 -11.98 2.87
N VAL E 119 40.11 -12.20 3.03
CA VAL E 119 39.10 -11.20 2.70
C VAL E 119 38.48 -10.55 3.93
N ILE E 120 38.55 -9.22 3.98
CA ILE E 120 37.96 -8.46 5.08
C ILE E 120 36.89 -7.57 4.44
N ARG E 121 35.62 -7.80 4.78
CA ARG E 121 34.53 -7.00 4.23
C ARG E 121 34.41 -5.70 4.99
N CYS E 122 33.95 -4.66 4.31
CA CYS E 122 33.87 -3.38 4.98
C CYS E 122 32.84 -2.41 4.44
N MET E 123 32.50 -1.43 5.27
CA MET E 123 31.55 -0.38 4.93
C MET E 123 32.00 0.94 5.53
N THR E 124 32.14 1.96 4.69
CA THR E 124 32.55 3.27 5.17
C THR E 124 31.89 4.35 4.32
N ASN E 125 32.21 5.61 4.62
CA ASN E 125 31.63 6.72 3.89
C ASN E 125 32.58 7.82 3.42
N THR E 126 31.99 8.69 2.62
CA THR E 126 32.65 9.85 2.04
C THR E 126 33.45 10.74 2.98
N PRO E 127 32.86 11.16 4.13
CA PRO E 127 33.58 12.02 5.06
C PRO E 127 34.97 11.49 5.39
N VAL E 128 35.25 10.29 4.93
CA VAL E 128 36.55 9.72 5.15
C VAL E 128 37.60 10.67 4.56
N VAL E 129 37.18 11.55 3.65
CA VAL E 129 38.09 12.50 3.02
C VAL E 129 38.69 13.51 4.01
N VAL E 130 37.97 13.73 5.10
CA VAL E 130 38.40 14.65 6.15
C VAL E 130 38.36 13.84 7.43
N ARG E 131 39.16 13.04 6.96
CA ARG E 131 39.24 12.12 8.09
C ARG E 131 37.80 11.87 8.49
N GLU E 132 37.07 11.87 9.91
CA GLU E 132 35.69 11.69 10.36
C GLU E 132 34.74 10.87 9.48
N GLY E 133 35.17 9.66 9.12
CA GLY E 133 34.35 8.77 8.35
C GLY E 133 34.00 7.67 9.35
N ALA E 134 32.81 7.09 9.21
CA ALA E 134 32.39 5.99 10.08
C ALA E 134 32.63 4.71 9.29
N THR E 135 33.54 3.86 9.76
CA THR E 135 33.84 2.64 9.02
C THR E 135 33.72 1.35 9.86
N VAL E 136 33.02 0.37 9.31
CA VAL E 136 32.81 -0.92 9.97
C VAL E 136 33.37 -2.07 9.10
N TYR E 137 33.86 -3.12 9.76
CA TYR E 137 34.43 -4.24 9.00
C TYR E 137 34.23 -5.64 9.58
N ALA E 138 33.90 -6.59 8.69
CA ALA E 138 33.72 -7.98 9.05
C ALA E 138 34.98 -8.73 8.60
N THR E 139 35.59 -9.46 9.53
CA THR E 139 36.81 -10.21 9.27
C THR E 139 36.56 -11.57 8.54
N GLY E 140 37.23 -11.76 7.40
CA GLY E 140 37.08 -12.98 6.62
C GLY E 140 37.27 -14.31 7.33
N THR E 141 37.04 -15.41 6.59
CA THR E 141 37.16 -16.77 7.12
C THR E 141 38.59 -17.19 7.44
N HIS E 142 39.48 -16.94 6.49
CA HIS E 142 40.87 -17.30 6.63
C HIS E 142 41.70 -16.18 7.25
N ALA E 143 41.39 -14.95 6.89
CA ALA E 143 42.10 -13.79 7.43
C ALA E 143 42.49 -14.01 8.88
N GLN E 144 43.79 -14.05 9.16
CA GLN E 144 44.28 -14.27 10.52
C GLN E 144 43.72 -13.26 11.53
N VAL E 145 43.91 -13.56 12.81
CA VAL E 145 43.41 -12.71 13.89
C VAL E 145 44.38 -11.56 14.19
N GLU E 146 44.98 -11.03 13.14
CA GLU E 146 45.90 -9.92 13.29
C GLU E 146 45.84 -9.07 12.02
N ASP E 147 45.06 -9.54 11.06
CA ASP E 147 44.87 -8.79 9.83
C ASP E 147 43.76 -7.80 10.18
N GLY E 148 43.22 -7.97 11.38
CA GLY E 148 42.19 -7.07 11.86
C GLY E 148 42.93 -5.87 12.42
N ARG E 149 43.97 -6.14 13.19
CA ARG E 149 44.78 -5.07 13.75
C ARG E 149 45.30 -4.11 12.69
N LEU E 150 45.43 -4.58 11.45
CA LEU E 150 45.90 -3.71 10.38
C LEU E 150 44.73 -2.98 9.77
N MET E 151 43.70 -3.75 9.40
CA MET E 151 42.49 -3.20 8.80
C MET E 151 41.98 -2.02 9.63
N GLU E 152 41.84 -2.24 10.93
CA GLU E 152 41.38 -1.19 11.83
C GLU E 152 42.41 -0.08 11.88
N GLN E 153 43.52 -0.34 12.56
CA GLN E 153 44.61 0.63 12.67
C GLN E 153 44.72 1.50 11.43
N LEU E 154 44.40 0.94 10.28
CA LEU E 154 44.49 1.68 9.04
C LEU E 154 43.34 2.67 8.82
N LEU E 155 42.10 2.17 8.89
CA LEU E 155 40.95 3.04 8.67
C LEU E 155 40.49 3.83 9.89
N SER E 156 41.22 3.69 11.00
CA SER E 156 40.91 4.45 12.22
C SER E 156 41.72 5.73 12.09
N SER E 157 42.58 5.76 11.09
CA SER E 157 43.44 6.91 10.80
C SER E 157 42.59 7.89 10.02
N VAL E 158 41.40 7.46 9.67
CA VAL E 158 40.55 8.32 8.88
C VAL E 158 39.11 8.19 9.29
N GLY E 159 38.87 8.20 10.59
CA GLY E 159 37.50 8.10 11.07
C GLY E 159 37.34 7.11 12.18
N PHE E 160 36.09 6.84 12.51
CA PHE E 160 35.80 5.87 13.55
C PHE E 160 35.92 4.52 12.90
N CYS E 161 36.27 3.50 13.67
CA CYS E 161 36.42 2.17 13.10
C CYS E 161 36.28 1.09 14.15
N THR E 162 35.60 0.02 13.77
CA THR E 162 35.42 -1.13 14.66
C THR E 162 34.85 -2.29 13.87
N GLU E 163 35.24 -3.50 14.25
CA GLU E 163 34.75 -4.67 13.55
C GLU E 163 33.32 -5.00 13.97
N VAL E 164 32.56 -5.56 13.05
CA VAL E 164 31.18 -5.91 13.30
C VAL E 164 30.81 -7.27 12.75
N GLU E 165 30.00 -8.01 13.50
CA GLU E 165 29.55 -9.32 13.06
C GLU E 165 28.87 -9.10 11.72
N GLU E 166 29.61 -9.36 10.64
CA GLU E 166 29.14 -9.14 9.27
C GLU E 166 27.65 -8.89 9.00
N ASP E 167 26.79 -9.82 9.39
CA ASP E 167 25.34 -9.65 9.14
C ASP E 167 24.78 -8.24 9.39
N LEU E 168 25.43 -7.49 10.30
CA LEU E 168 25.04 -6.13 10.64
C LEU E 168 25.42 -5.15 9.54
N ILE E 169 26.58 -5.36 8.93
CA ILE E 169 27.08 -4.49 7.88
C ILE E 169 26.00 -3.97 6.91
N ASP E 170 24.96 -4.74 6.67
CA ASP E 170 23.93 -4.27 5.76
C ASP E 170 23.13 -3.12 6.37
N ALA E 171 23.09 -3.05 7.69
CA ALA E 171 22.37 -1.96 8.36
C ALA E 171 23.32 -0.78 8.47
N VAL E 172 24.55 -1.04 8.93
CA VAL E 172 25.53 0.02 9.07
C VAL E 172 25.69 0.78 7.75
N THR E 173 24.91 0.39 6.75
CA THR E 173 24.96 1.02 5.45
C THR E 173 23.87 2.06 5.41
N GLY E 174 22.65 1.62 5.70
CA GLY E 174 21.51 2.51 5.71
C GLY E 174 21.62 3.62 6.73
N LEU E 175 22.59 3.49 7.65
CA LEU E 175 22.80 4.50 8.68
C LEU E 175 24.04 5.33 8.39
N SER E 176 25.22 4.85 8.78
CA SER E 176 26.43 5.62 8.55
C SER E 176 26.86 5.59 7.09
N GLY E 177 26.23 4.71 6.32
CA GLY E 177 26.58 4.61 4.91
C GLY E 177 25.98 5.73 4.10
N SER E 178 24.66 5.70 3.96
CA SER E 178 23.91 6.70 3.22
C SER E 178 23.72 7.94 4.12
N GLY E 179 24.18 7.82 5.36
CA GLY E 179 24.05 8.89 6.33
C GLY E 179 24.41 10.26 5.82
N PRO E 180 25.69 10.51 5.58
CA PRO E 180 26.18 11.79 5.09
C PRO E 180 25.28 12.37 3.99
N ALA E 181 24.65 11.51 3.21
CA ALA E 181 23.80 11.99 2.15
C ALA E 181 22.53 12.56 2.75
N TYR E 182 22.14 12.01 3.89
CA TYR E 182 20.97 12.46 4.61
C TYR E 182 21.30 13.87 5.09
N ALA E 183 22.43 13.94 5.80
CA ALA E 183 22.96 15.15 6.37
C ALA E 183 22.93 16.27 5.36
N PHE E 184 23.76 16.15 4.31
CA PHE E 184 23.80 17.16 3.26
C PHE E 184 22.40 17.64 2.90
N THR E 185 21.42 16.75 2.94
CA THR E 185 20.10 17.22 2.63
C THR E 185 19.50 18.08 3.76
N ALA E 186 19.92 17.81 5.00
CA ALA E 186 19.46 18.57 6.15
C ALA E 186 19.92 20.02 5.96
N LEU E 187 21.25 20.19 6.01
CA LEU E 187 21.93 21.46 5.83
C LEU E 187 21.35 22.32 4.73
N ASP E 188 21.25 21.79 3.52
CA ASP E 188 20.69 22.61 2.47
C ASP E 188 19.34 23.18 2.94
N ALA E 189 18.57 22.35 3.63
CA ALA E 189 17.25 22.78 4.12
C ALA E 189 17.43 23.86 5.16
N LEU E 190 18.30 23.62 6.13
CA LEU E 190 18.55 24.59 7.17
C LEU E 190 19.00 25.93 6.58
N ALA E 191 19.80 25.87 5.52
CA ALA E 191 20.26 27.08 4.81
C ALA E 191 19.02 27.80 4.28
N ASP E 192 18.23 27.13 3.45
CA ASP E 192 17.01 27.72 2.94
C ASP E 192 16.24 28.40 4.07
N GLY E 193 16.23 27.77 5.24
CA GLY E 193 15.55 28.30 6.40
C GLY E 193 16.19 29.60 6.86
N GLY E 194 17.36 29.50 7.46
CA GLY E 194 18.07 30.68 7.88
C GLY E 194 17.92 31.79 6.83
N VAL E 195 17.86 31.41 5.56
CA VAL E 195 17.73 32.39 4.51
C VAL E 195 16.33 32.98 4.57
N LYS E 196 15.30 32.14 4.55
CA LYS E 196 13.94 32.66 4.61
C LYS E 196 13.77 33.61 5.82
N MET E 197 14.58 33.42 6.85
CA MET E 197 14.49 34.26 8.02
C MET E 197 15.48 35.41 7.91
N GLY E 198 15.93 35.65 6.69
CA GLY E 198 16.83 36.75 6.40
C GLY E 198 18.34 36.64 6.59
N LEU E 199 18.91 35.46 6.65
CA LEU E 199 20.35 35.42 6.81
C LEU E 199 21.01 35.39 5.43
N PRO E 200 22.26 35.88 5.33
CA PRO E 200 22.90 35.84 4.03
C PRO E 200 23.20 34.35 3.85
N ARG E 201 23.30 33.87 2.61
CA ARG E 201 23.51 32.44 2.37
C ARG E 201 24.69 31.69 3.00
N ARG E 202 25.90 31.98 2.53
CA ARG E 202 27.07 31.29 3.05
C ARG E 202 27.04 31.22 4.56
N LEU E 203 26.63 32.31 5.19
CA LEU E 203 26.59 32.36 6.65
C LEU E 203 25.69 31.26 7.20
N ALA E 204 24.46 31.22 6.69
CA ALA E 204 23.49 30.22 7.12
C ALA E 204 24.13 28.84 7.00
N VAL E 205 24.47 28.49 5.75
CA VAL E 205 25.10 27.22 5.44
C VAL E 205 26.13 26.81 6.48
N ARG E 206 27.05 27.63 6.77
CA ARG E 206 28.15 27.31 7.68
C ARG E 206 27.76 27.26 9.17
N LEU E 207 26.59 27.95 9.44
CA LEU E 207 26.07 27.93 10.80
C LEU E 207 25.38 26.60 11.08
N GLY E 208 24.50 26.18 10.16
CA GLY E 208 23.82 24.89 10.31
C GLY E 208 24.88 23.82 10.45
N ALA E 209 25.84 23.86 9.53
CA ALA E 209 26.95 22.92 9.52
C ALA E 209 27.56 22.86 10.93
N GLN E 210 28.19 23.97 11.31
CA GLN E 210 28.84 24.12 12.61
C GLN E 210 27.92 23.66 13.73
N ALA E 211 26.61 23.74 13.49
CA ALA E 211 25.63 23.29 14.48
C ALA E 211 25.69 21.76 14.55
N LEU E 212 25.19 21.07 13.51
CA LEU E 212 25.20 19.61 13.49
C LEU E 212 26.62 19.10 13.79
N LEU E 213 27.64 19.78 13.27
CA LEU E 213 29.01 19.37 13.53
C LEU E 213 29.21 19.28 15.04
N GLY E 214 28.82 20.32 15.75
CA GLY E 214 28.99 20.34 17.19
C GLY E 214 28.02 19.45 17.93
N ALA E 215 26.74 19.59 17.63
CA ALA E 215 25.74 18.78 18.30
C ALA E 215 26.24 17.34 18.43
N ALA E 216 26.71 16.79 17.30
CA ALA E 216 27.21 15.42 17.20
C ALA E 216 28.45 15.18 18.00
N LYS E 217 29.49 15.96 17.71
CA LYS E 217 30.74 15.80 18.43
C LYS E 217 30.41 15.82 19.91
N MET E 218 29.34 16.52 20.25
CA MET E 218 28.91 16.62 21.64
C MET E 218 28.33 15.30 22.10
N LEU E 219 27.43 14.74 21.29
CA LEU E 219 26.79 13.48 21.62
C LEU E 219 27.83 12.39 21.77
N LEU E 220 28.87 12.47 20.96
CA LEU E 220 29.93 11.48 21.00
C LEU E 220 30.87 11.58 22.18
N HIS E 221 30.65 12.54 23.08
CA HIS E 221 31.56 12.68 24.20
C HIS E 221 30.90 12.63 25.57
N SER E 222 29.61 12.34 25.62
CA SER E 222 28.93 12.36 26.91
C SER E 222 28.03 11.21 27.21
N GLU E 223 27.59 10.53 26.15
CA GLU E 223 26.64 9.46 26.29
C GLU E 223 25.35 10.25 26.55
N GLN E 224 25.11 10.61 27.81
CA GLN E 224 23.92 11.40 28.15
C GLN E 224 22.64 10.81 27.59
N HIS E 225 22.54 10.83 26.27
CA HIS E 225 21.42 10.31 25.50
C HIS E 225 20.83 11.44 24.69
N PRO E 226 20.72 11.25 23.37
CA PRO E 226 20.18 12.26 22.48
C PRO E 226 19.16 13.19 23.14
N GLY E 227 18.17 12.60 23.80
CA GLY E 227 17.11 13.37 24.45
C GLY E 227 17.50 14.13 25.70
N GLN E 228 18.48 13.61 26.42
CA GLN E 228 18.97 14.26 27.63
C GLN E 228 19.66 15.55 27.24
N LEU E 229 20.17 15.58 26.02
CA LEU E 229 20.85 16.76 25.51
C LEU E 229 19.82 17.68 24.90
N LYS E 230 18.84 17.12 24.20
CA LYS E 230 17.78 17.91 23.59
C LYS E 230 17.04 18.72 24.65
N ASP E 231 16.99 18.15 25.86
CA ASP E 231 16.33 18.80 26.97
C ASP E 231 17.20 19.98 27.36
N ASN E 232 18.44 19.71 27.75
CA ASN E 232 19.39 20.73 28.13
C ASN E 232 19.56 21.87 27.12
N VAL E 233 18.82 21.87 26.02
CA VAL E 233 19.00 22.92 25.03
C VAL E 233 17.72 23.70 24.78
N SER E 234 16.66 23.29 25.45
CA SER E 234 15.38 23.95 25.29
C SER E 234 15.05 24.76 26.55
N SER E 235 14.24 25.80 26.41
CA SER E 235 13.88 26.61 27.56
C SER E 235 12.38 26.63 27.73
N PRO E 236 11.89 26.40 28.97
CA PRO E 236 10.47 26.37 29.34
C PRO E 236 9.68 27.34 28.50
N GLY E 237 10.30 28.46 28.20
CA GLY E 237 9.64 29.46 27.39
C GLY E 237 9.26 28.96 26.02
N GLY E 238 10.16 29.20 25.07
CA GLY E 238 9.92 28.78 23.70
C GLY E 238 11.21 28.70 22.91
N ALA E 239 11.17 29.23 21.69
CA ALA E 239 12.29 29.25 20.74
C ALA E 239 12.56 27.84 20.20
N THR E 240 13.43 27.10 20.90
CA THR E 240 13.75 25.73 20.52
C THR E 240 12.57 24.78 20.72
N ILE E 241 12.04 24.74 21.93
CA ILE E 241 10.92 23.85 22.22
C ILE E 241 9.79 24.11 21.23
N HIS E 242 9.72 25.34 20.73
CA HIS E 242 8.66 25.64 19.78
C HIS E 242 9.01 25.09 18.43
N ALA E 243 10.31 25.10 18.12
CA ALA E 243 10.81 24.58 16.86
C ALA E 243 10.56 23.08 16.84
N LEU E 244 11.12 22.38 17.84
CA LEU E 244 10.94 20.93 17.96
C LEU E 244 9.48 20.61 17.67
N HIS E 245 8.59 21.05 18.55
CA HIS E 245 7.18 20.78 18.38
C HIS E 245 6.73 20.83 16.93
N VAL E 246 7.40 21.63 16.10
CA VAL E 246 6.99 21.74 14.69
C VAL E 246 7.56 20.60 13.82
N LEU E 247 8.74 20.10 14.17
CA LEU E 247 9.32 18.98 13.46
C LEU E 247 8.32 17.86 13.80
N GLU E 248 8.25 17.54 15.08
CA GLU E 248 7.35 16.52 15.60
C GLU E 248 5.95 16.55 14.99
N SER E 249 5.50 17.69 14.50
CA SER E 249 4.15 17.73 13.92
C SER E 249 4.22 17.24 12.48
N GLY E 250 5.43 17.16 11.95
CA GLY E 250 5.61 16.69 10.59
C GLY E 250 6.18 15.28 10.58
N GLY E 251 6.14 14.62 11.74
CA GLY E 251 6.67 13.27 11.83
C GLY E 251 8.14 13.27 11.47
N PHE E 252 8.83 14.34 11.83
CA PHE E 252 10.25 14.43 11.51
C PHE E 252 10.96 13.12 11.85
N ARG E 253 11.25 12.85 13.12
CA ARG E 253 11.99 11.64 13.49
C ARG E 253 11.58 10.38 12.71
N SER E 254 10.28 10.17 12.55
CA SER E 254 9.81 9.03 11.80
C SER E 254 10.49 8.96 10.45
N LEU E 255 10.36 10.01 9.63
CA LEU E 255 10.99 10.05 8.31
C LEU E 255 12.45 9.58 8.29
N LEU E 256 13.25 9.99 9.26
CA LEU E 256 14.63 9.54 9.26
C LEU E 256 14.64 8.00 9.32
N ILE E 257 13.77 7.41 10.13
CA ILE E 257 13.71 5.95 10.23
C ILE E 257 13.38 5.39 8.82
N ASN E 258 12.27 5.87 8.26
CA ASN E 258 11.87 5.46 6.93
C ASN E 258 13.11 5.42 6.05
N ALA E 259 13.92 6.47 6.12
CA ALA E 259 15.15 6.56 5.34
C ALA E 259 16.09 5.39 5.57
N VAL E 260 16.53 5.23 6.82
CA VAL E 260 17.44 4.15 7.22
C VAL E 260 16.93 2.77 6.78
N GLU E 261 15.62 2.60 6.70
CA GLU E 261 15.09 1.34 6.22
C GLU E 261 15.52 1.36 4.78
N ALA E 262 14.70 2.03 3.97
CA ALA E 262 14.92 2.19 2.54
C ALA E 262 16.36 1.91 2.09
N SER E 263 17.33 2.64 2.64
CA SER E 263 18.70 2.40 2.23
C SER E 263 18.96 0.94 2.45
N CYS E 264 18.93 0.52 3.71
CA CYS E 264 19.14 -0.87 4.09
C CYS E 264 18.38 -1.87 3.22
N ILE E 265 17.05 -1.85 3.29
CA ILE E 265 16.25 -2.75 2.47
C ILE E 265 16.87 -2.89 1.10
N ARG E 266 17.08 -1.77 0.43
CA ARG E 266 17.69 -1.76 -0.91
C ARG E 266 19.07 -2.38 -0.92
N THR E 267 19.96 -1.89 -0.06
CA THR E 267 21.30 -2.46 -0.04
C THR E 267 21.17 -3.97 -0.06
N ARG E 268 20.08 -4.48 0.52
CA ARG E 268 19.81 -5.91 0.60
C ARG E 268 19.18 -6.53 -0.63
N GLU E 269 18.31 -5.79 -1.32
CA GLU E 269 17.70 -6.31 -2.53
C GLU E 269 18.72 -6.33 -3.65
N LEU E 270 19.87 -5.70 -3.45
CA LEU E 270 20.87 -5.68 -4.50
C LEU E 270 21.72 -6.93 -4.49
N GLN E 271 21.94 -7.49 -3.31
CA GLN E 271 22.73 -8.71 -3.21
C GLN E 271 21.81 -9.87 -3.57
N SER E 272 20.51 -9.63 -3.47
CA SER E 272 19.55 -10.67 -3.79
C SER E 272 19.38 -10.76 -5.30
N MET E 273 20.26 -10.08 -6.02
CA MET E 273 20.22 -10.08 -7.47
C MET E 273 21.61 -10.31 -8.04
N ALA E 274 22.62 -10.01 -7.23
CA ALA E 274 24.02 -10.22 -7.63
C ALA E 274 24.32 -11.65 -7.21
N ASP E 275 23.31 -12.29 -6.62
CA ASP E 275 23.42 -13.67 -6.16
C ASP E 275 22.50 -14.59 -6.98
N GLN E 276 22.69 -14.59 -8.29
CA GLN E 276 21.90 -15.41 -9.22
C GLN E 276 22.13 -15.02 -10.67
N GLU E 277 21.57 -13.87 -11.05
CA GLU E 277 21.67 -13.33 -12.40
C GLU E 277 22.59 -12.11 -12.44
PA NAI F . -4.04 -4.89 38.55
O1A NAI F . -3.82 -6.65 38.94
O2A NAI F . -5.77 -5.03 39.12
O5B NAI F . -3.21 -5.03 37.38
C5B NAI F . -4.16 -5.20 36.42
C4B NAI F . -4.77 -6.54 36.16
O4B NAI F . -6.23 -6.28 36.30
C3B NAI F . -5.04 -7.16 34.81
O3B NAI F . -3.95 -8.02 34.51
C2B NAI F . -6.22 -7.99 35.02
O2B NAI F . -5.83 -9.34 34.83
C1B NAI F . -6.61 -7.84 36.28
N9A NAI F . -7.85 -7.74 36.39
C8A NAI F . -7.69 -7.47 37.76
N7A NAI F . -9.00 -7.37 38.32
C5A NAI F . -9.85 -7.66 37.28
C6A NAI F . -11.26 -7.69 37.41
N1A NAI F . -12.02 -7.92 36.30
C2A NAI F . -11.34 -8.10 35.15
N3A NAI F . -10.00 -8.10 34.92
C4A NAI F . -9.22 -7.84 36.15
O3 NAI F . -3.67 -4.19 40.00
PN NAI F . -4.31 -4.29 41.58
O1N NAI F . -3.62 -5.14 42.96
O2N NAI F . -5.90 -4.34 42.33
O5D NAI F . -3.76 -2.83 42.02
C5D NAI F . -2.84 -1.75 41.53
C4D NAI F . -1.52 -2.37 41.61
O4D NAI F . -1.31 -3.41 41.25
C3D NAI F . -0.40 -1.79 41.89
O3D NAI F . -0.40 -1.26 43.20
C2D NAI F . 0.49 -2.95 41.89
O2D NAI F . 1.02 -3.10 43.20
C1D NAI F . -0.42 -4.12 41.63
N1N NAI F . -0.17 -5.78 41.77
C2N NAI F . 1.00 -6.13 42.47
C3N NAI F . 1.52 -7.32 42.44
C7N NAI F . 2.57 -7.62 43.08
O7N NAI F . 3.44 -6.67 44.04
N7N NAI F . 3.31 -8.78 43.42
C4N NAI F . 0.90 -8.38 41.66
C5N NAI F . -0.25 -8.09 40.96
C6N NAI F . -0.83 -6.80 40.97
N GLU G . -0.33 -8.87 44.41
CA GLU G . -0.85 -7.60 44.88
C GLU G . -1.99 -7.11 43.99
O GLU G . -3.12 -7.05 44.50
CB GLU G . 0.27 -6.55 44.95
CG GLU G . -0.03 -5.17 45.77
CD GLU G . -0.88 -4.13 46.46
OE1 GLU G . -1.84 -3.63 45.85
OE2 GLU G . -0.57 -3.80 47.63
OXT GLU G . -1.73 -6.82 42.80
PA NAI H . 23.19 20.99 -23.28
O1A NAI H . 24.08 19.86 -24.40
O2A NAI H . 24.78 21.37 -22.49
O5B NAI H . 22.03 20.12 -23.26
C5B NAI H . 22.06 18.90 -22.23
C4B NAI H . 22.98 17.70 -21.97
O4B NAI H . 23.81 18.39 -20.92
C3B NAI H . 23.02 16.44 -21.14
O3B NAI H . 22.76 15.35 -22.00
C2B NAI H . 24.40 16.34 -20.68
O2B NAI H . 24.96 15.18 -21.28
C1B NAI H . 25.09 17.54 -21.27
N9A NAI H . 26.19 17.91 -20.35
C8A NAI H . 26.33 17.57 -18.94
N7A NAI H . 27.96 17.49 -18.76
C5A NAI H . 28.54 17.84 -20.07
C6A NAI H . 29.89 17.94 -20.50
N1A NAI H . 30.18 18.23 -21.79
C2A NAI H . 29.10 18.43 -22.59
N3A NAI H . 27.77 18.36 -22.29
C4A NAI H . 27.54 18.08 -21.06
O3 NAI H . 23.41 22.48 -24.19
PN NAI H . 24.06 23.95 -24.75
O1N NAI H . 24.56 23.87 -26.27
O2N NAI H . 25.47 24.25 -24.18
O5D NAI H . 23.10 24.80 -24.22
C5D NAI H . 21.74 24.31 -23.72
C4D NAI H . 21.25 23.95 -25.06
O4D NAI H . 21.91 23.37 -25.75
C3D NAI H . 20.09 24.10 -25.64
O3D NAI H . 19.69 25.46 -25.68
C2D NAI H . 20.43 23.70 -27.00
O2D NAI H . 20.24 24.83 -27.84
C1D NAI H . 21.91 23.42 -26.95
N1N NAI H . 22.37 22.29 -28.05
C2N NAI H . 22.02 22.43 -29.46
C3N NAI H . 22.24 21.34 -30.33
C7N NAI H . 21.91 21.42 -31.82
O7N NAI H . 21.49 22.39 -32.25
N7N NAI H . 22.31 20.28 -32.75
C4N NAI H . 22.83 20.10 -29.72
C5N NAI H . 23.17 20.02 -28.26
C6N NAI H . 22.95 21.08 -27.47
N GLU I . 25.37 21.35 -30.98
CA GLU I . 25.36 22.67 -30.36
C GLU I . 25.49 22.57 -28.84
O GLU I . 26.53 23.07 -28.36
CB GLU I . 24.09 23.42 -30.73
CG GLU I . 24.03 25.03 -30.43
CD GLU I . 24.49 26.34 -29.82
OE1 GLU I . 24.63 26.40 -28.58
OE2 GLU I . 24.69 27.31 -30.59
OXT GLU I . 24.68 22.04 -28.13
PA NAI J . -37.91 -1.26 8.45
O1A NAI J . -38.55 -2.93 8.06
O2A NAI J . -38.91 -0.61 7.09
O5B NAI J . -36.63 -1.80 8.83
C5B NAI J . -35.58 -2.07 7.64
C4B NAI J . -35.57 -2.89 6.35
O4B NAI J . -36.04 -1.77 5.47
C3B NAI J . -34.61 -3.31 5.27
O3B NAI J . -34.28 -4.68 5.50
C2B NAI J . -35.38 -3.24 4.04
O2B NAI J . -35.51 -4.55 3.52
C1B NAI J . -36.75 -2.78 4.48
N9A NAI J . -37.32 -2.00 3.35
C8A NAI J . -36.62 -1.36 2.23
N7A NAI J . -37.71 -1.47 1.02
C5A NAI J . -38.92 -2.09 1.59
C6A NAI J . -40.17 -2.42 1.00
N1A NAI J . -41.12 -3.07 1.74
C2A NAI J . -40.77 -3.33 3.02
N3A NAI J . -39.61 -3.06 3.69
C4A NAI J . -38.73 -2.45 2.95
O3 NAI J . -39.22 -0.73 9.52
PN NAI J . -40.66 -0.04 10.07
O1N NAI J . -41.70 -1.12 10.65
O2N NAI J . -41.60 0.43 8.93
O5D NAI J . -40.11 1.04 10.76
C5D NAI J . -38.67 1.16 11.05
C4D NAI J . -38.70 0.03 12.13
O4D NAI J . -39.24 -0.92 11.85
C3D NAI J . -38.18 -0.11 13.30
O3D NAI J . -38.56 0.94 14.19
C2D NAI J . -38.87 -1.33 13.73
O2D NAI J . -39.66 -1.00 14.87
C1D NAI J . -39.82 -1.66 12.61
N1N NAI J . -40.12 -3.26 12.48
C2N NAI J . -40.57 -4.03 13.64
C3N NAI J . -40.62 -5.44 13.56
C7N NAI J . -41.09 -6.30 14.72
O7N NAI J . -41.43 -5.80 15.68
N7N NAI J . -41.26 -7.81 14.53
C4N NAI J . -40.17 -6.05 12.25
C5N NAI J . -39.71 -5.19 11.10
C6N NAI J . -39.70 -3.87 11.22
N GLU K . -43.24 -6.14 11.89
CA GLU K . -43.59 -4.74 12.09
C GLU K . -42.94 -3.86 11.03
O GLU K . -43.74 -3.26 10.28
CB GLU K . -43.17 -4.29 13.50
CG GLU K . -43.77 -2.87 14.04
CD GLU K . -44.46 -1.52 13.95
OE1 GLU K . -44.03 -0.70 13.12
OE2 GLU K . -45.43 -1.30 14.70
OXT GLU K . -41.76 -3.72 10.91
PA NAI L . -22.38 15.81 -29.36
O1A NAI L . -22.55 14.51 -30.63
O2A NAI L . -21.34 16.74 -30.53
O5B NAI L . -22.38 14.83 -28.30
C5B NAI L . -20.98 14.12 -27.97
C4B NAI L . -19.95 13.30 -28.75
O4B NAI L . -19.08 14.47 -29.11
C3B NAI L . -18.71 12.49 -28.50
O3B NAI L . -19.06 11.12 -28.62
C2B NAI L . -17.81 12.81 -29.62
O2B NAI L . -17.65 11.63 -30.39
C1B NAI L . -18.61 13.79 -30.45
N9A NAI L . -17.61 14.68 -31.11
C8A NAI L . -16.22 14.94 -30.73
N7A NAI L . -15.52 15.22 -32.18
C5A NAI L . -16.58 15.14 -33.20
C6A NAI L . -16.53 15.30 -34.60
N1A NAI L . -17.65 15.13 -35.34
C2A NAI L . -18.76 14.80 -34.64
N3A NAI L . -18.92 14.62 -33.30
C4A NAI L . -17.83 14.80 -32.63
O3 NAI L . -23.71 16.84 -29.87
PN NAI L . -24.57 18.09 -30.64
O1N NAI L . -25.67 17.52 -31.67
O2N NAI L . -23.76 18.83 -31.73
O5D NAI L . -24.81 18.89 -29.53
C5D NAI L . -24.54 18.45 -28.13
C4D NAI L . -25.77 17.47 -28.15
O4D NAI L . -25.89 16.79 -29.05
C3D NAI L . -26.70 17.18 -27.29
O3D NAI L . -27.44 18.32 -26.90
C2D NAI L . -27.57 16.35 -28.12
O2D NAI L . -28.82 17.02 -28.23
C1D NAI L . -26.93 16.37 -29.49
N1N NAI L . -27.21 15.01 -30.35
C2N NAI L . -28.58 14.54 -30.55
C3N NAI L . -28.80 13.25 -31.10
C7N NAI L . -30.19 12.70 -31.35
O7N NAI L . -31.10 13.33 -31.10
N7N NAI L . -30.37 11.37 -32.10
C4N NAI L . -27.56 12.47 -31.45
C5N NAI L . -26.18 13.03 -31.22
C6N NAI L . -26.03 14.23 -30.69
N GLU M . -27.60 16.56 -31.57
CA GLU M . -28.30 15.74 -32.54
C GLU M . -27.52 14.47 -32.87
O GLU M . -28.18 13.44 -33.10
CB GLU M . -28.60 16.52 -33.81
CG GLU M . -27.37 16.84 -34.65
CD GLU M . -27.66 17.83 -35.76
OE1 GLU M . -28.81 18.27 -35.88
OE2 GLU M . -26.72 18.17 -36.51
OXT GLU M . -26.44 14.47 -33.41
PA NAI N . 34.61 8.17 17.17
O1A NAI N . 35.54 7.33 16.92
O2A NAI N . 33.68 8.24 18.52
O5B NAI N . 33.45 8.99 16.25
C5B NAI N . 32.22 7.90 16.74
C4B NAI N . 32.40 6.51 17.35
O4B NAI N . 31.94 7.06 18.66
C3B NAI N . 31.01 5.98 17.11
O3B NAI N . 31.11 4.93 16.16
C2B NAI N . 30.62 5.39 18.39
O2B NAI N . 30.47 3.99 18.20
C1B NAI N . 31.80 5.62 19.28
N9A NAI N . 32.28 5.10 20.17
C8A NAI N . 31.83 3.78 19.75
N7A NAI N . 33.14 2.84 20.12
C5A NAI N . 34.13 3.73 20.74
C6A NAI N . 35.43 3.46 21.24
N1A NAI N . 36.19 4.46 21.73
C2A NAI N . 35.72 5.74 21.74
N3A NAI N . 34.39 6.06 21.24
C4A NAI N . 33.69 5.07 20.78
O3 NAI N . 34.87 9.70 18.09
PN NAI N . 35.32 10.52 18.71
O1N NAI N . 36.92 10.50 19.15
O2N NAI N . 35.07 10.78 20.36
O5D NAI N . 35.14 11.60 17.89
C5D NAI N . 35.20 12.28 16.63
C4D NAI N . 36.43 12.79 16.24
O4D NAI N . 37.05 11.88 15.40
C3D NAI N . 37.06 13.82 16.33
O3D NAI N . 37.02 14.08 17.55
C2D NAI N . 38.38 13.57 15.67
O2D NAI N . 39.27 13.94 16.58
C1D NAI N . 38.38 12.28 15.30
N1N NAI N . 39.97 11.55 14.84
C2N NAI N . 41.38 11.28 15.07
C3N NAI N . 41.92 10.02 14.73
C7N NAI N . 43.38 9.67 14.95
O7N NAI N . 44.40 10.57 15.58
N7N NAI N . 43.86 8.24 14.71
C4N NAI N . 40.94 9.03 14.13
C5N NAI N . 39.49 9.37 13.92
C6N NAI N . 39.04 10.58 14.26
N GLU O . 39.47 11.58 17.40
CA GLU O . 38.52 11.80 18.48
C GLU O . 37.38 12.72 18.05
O GLU O . 36.31 12.33 18.55
CB GLU O . 39.23 12.39 19.71
CG GLU O . 38.38 12.42 20.96
CD GLU O . 39.10 13.01 22.15
OE1 GLU O . 40.28 13.38 22.00
OE2 GLU O . 38.50 13.09 23.24
OXT GLU O . 37.53 13.86 17.72
#